data_7YUY
#
_entry.id   7YUY
#
_cell.length_a   1.00
_cell.length_b   1.00
_cell.length_c   1.00
_cell.angle_alpha   90.00
_cell.angle_beta   90.00
_cell.angle_gamma   90.00
#
_symmetry.space_group_name_H-M   'P 1'
#
loop_
_entity.id
_entity.type
_entity.pdbx_description
1 polymer '1,3-beta-glucan synthase component FKS1'
2 branched 2-acetamido-2-deoxy-beta-D-glucopyranose-(1-4)-2-acetamido-2-deoxy-beta-D-glucopyranose
3 branched beta-D-glucopyranose-(1-3)-beta-D-glucopyranose-(1-3)-beta-D-glucopyranose-(1-3)-beta-D-glucopyranose
4 non-polymer nonane
5 non-polymer DECANE
6 non-polymer TETRADECANE
7 non-polymer HEPTANE
8 non-polymer DODECANE
9 non-polymer '(11R,14S)-17-amino-14-hydroxy-8,14-dioxo-9,13,15-trioxa-14lambda~5~-phosphaheptadecan-11-yl decanoate'
#
_entity_poly.entity_id   1
_entity_poly.type   'polypeptide(L)'
_entity_poly.pdbx_seq_one_letter_code
;MNTDQQPYQGQTDYTQGPGNGQSQEQDYDQYGQPLYPSQADGYYDPNVAAGTEADMYGQQPPNESYDQDYTNGEYYGQPP
NMAAQDGENFSDFSSYGPPGTPGYDSYGGQYTASQMSYGEPNSSGTSTPIYGNYDPNAIAMALPNEPYPAWTADSQSPVS
IEQIEDIFIDLTNRLGFQRDSMRNMFDHFMVLLDSRSSRMSPDQALLSLHADYIGGDTANYKKWYFAAQLDMDDEIGFRN
MSLGKLSRKARKAKKKNKKAMEEANPEDTEETLNKIEGDNSLEAADFRWKAKMNQLSPLERVRHIALYLLCWGEANQVRF
TAECLCFIYKCALDYLDSPLCQQRQEPMPEGDFLNRVITPIYHFIRNQVYEIVDGRFVKRERDHNKIVGYDDLNQLFWYP
EGIAKIVLEDGTKLIELPLEERYLRLGDVVWDDVFFKTYKETRTWLHLVTNFNRIWVMHISIFWMYFAYNSPTFYTHNYQ
QLVDNQPLAAYKWASCALGGTVASLIQIVATLCEWSFVPRKWAGAQHLSRRFWFLCIIFGINLGPIIFVFAYDKDTVYST
AAHVVAAVMFFVAVATIIFFSIMPLGGLFTSYMKKSTRRYVASQTFTAAFAPLHGLDRWMSYLVWVTVFAAKYSESYYFL
VLPLRDPIRILSTTAMRCTGEYWWGAVLCKVQPKIVLGLVIATDFILFFLDTYLWYIIVNTIFSVGKSFYLGISILTPWR
NIFTRLPKRIYSKILATTDMEIKYKPKVLISQVWNAIIISMYREHLLAIDHVQKLLYHQVPSEIEGKRTLRAPTFFVSQD
DNNFETEFFPRDSEAERRISFFAQSLSTPIPEPLPVDNMPTFTVLTPHYAERILLSLREIIREDDQFSRVTLLEYLKQLH
PVEWECFVKDTKILAEETAAYEGNENEAEKEDALKSQIDDLPFYCIGFKSAAPEYTLRTRIWASLRSQTLYRTISGFMNY
SRAIKLLYRVENPEIVQMFGGNAEGLERELEKMARRKFKFLVSMQRLAKFKPHELENAEFLLRAYPDLQIAYLDEEPPLT
EGEEPRIYSALIDGHCEILDNGRRRPKFRVQLSGNPILGDGKSDNQNHALIFYRGEYIQLIDANQDNYLEECLKIRSVLA
EFEELNVEQVNPYAPGLRYEEQTTNHPVAIVGAREYIFSENSGVLGDVAAGKEQTFGTLFARTLSQIGGKLHYGHPDFIN
ATFMTTRGGVSKAQKGLHLNEDIYAGMNAMLRGGRIKHCEYYQCGKGRDLGFGTILNFTTKIGAGMGEQMLSREYYYLGT
QLPVDRFLTFYYAHPGFHLNNLFIQLSLQMFMLTLVNLSSLAHESIMCIYDRNKPKTDVLVPIGCYNFQPAVDWVRRYTL
SIFIVFWIAFVPIVVQELIERGLWKATQRFFCHLLSLSPMFEVFAGQIYSSALLSDLAIGGARYISTGRGFATSRIPFSI
LYSRFAGSAIYMGARSMLMLLFGTVAHWQAPLLWFWASLSSLIFAPFVFNPHQFAWEDFFLDYRDYIRWLSRGNNQYHRN
SWIGYVRMSRARITGFKRKLVGDESEKAAGDASRAHRTNLIMAEIIPCAIYAAGCFIAFTFINAQTGVKTTDDDRVNSVL
RIIICTLAPIAVNLGVLFFCMGMSCCSGPLFGMCCKKTGSVMAGIAHGVAVIVHIAFFIVMWVLESFNFVRMLIGVVTCI
QCQRLIFHCMTALMLTREFKNDHANTAFWTGKWYGKGMGYMAWTQPSRELTAKVIELSEFAADFVLGHVILICQLPLIII
PKIDKFHSIMLFWLKPSRQIRPPIYSLKQTRLRKRMVKKYCSLYFLVLAIFAGCIIGPAVASAKIHKHIGDSLDGVVHNL
FQPINTTNNDTGSQMSTYQSHYYTHTPSLKTWSTIK
;
_entity_poly.pdbx_strand_id   F
#
loop_
_chem_comp.id
_chem_comp.type
_chem_comp.name
_chem_comp.formula
BGC D-saccharide, beta linking beta-D-glucopyranose 'C6 H12 O6'
C14 non-polymer TETRADECANE 'C14 H30'
D10 non-polymer DECANE 'C10 H22'
D12 non-polymer DODECANE 'C12 H26'
DD9 non-polymer nonane 'C9 H20'
HP6 non-polymer HEPTANE 'C7 H16'
NAG D-saccharide, beta linking 2-acetamido-2-deoxy-beta-D-glucopyranose 'C8 H15 N O6'
XKP non-polymer '(11R,14S)-17-amino-14-hydroxy-8,14-dioxo-9,13,15-trioxa-14lambda~5~-phosphaheptadecan-11-yl decanoate' 'C23 H46 N O8 P'
#
# COMPACT_ATOMS: atom_id res chain seq x y z
N GLU A 146 5.66 49.90 7.80
CA GLU A 146 6.50 49.54 8.93
C GLU A 146 6.83 48.04 8.94
N PRO A 147 8.08 47.72 9.26
CA PRO A 147 8.56 46.34 9.14
C PRO A 147 8.11 45.44 10.27
N TYR A 148 8.71 44.26 10.33
CA TYR A 148 8.38 43.18 11.25
C TYR A 148 8.12 43.73 12.65
N PRO A 149 6.90 43.65 13.17
CA PRO A 149 6.54 44.49 14.32
C PRO A 149 6.74 43.85 15.68
N ALA A 150 7.15 42.58 15.75
CA ALA A 150 7.36 41.94 17.04
C ALA A 150 8.82 41.89 17.46
N TRP A 151 9.73 42.23 16.57
CA TRP A 151 11.16 42.33 16.89
C TRP A 151 11.68 43.75 16.77
N THR A 152 11.35 44.43 15.68
CA THR A 152 11.84 45.79 15.47
C THR A 152 11.12 46.81 16.34
N ALA A 153 9.91 46.52 16.79
CA ALA A 153 9.11 47.45 17.58
C ALA A 153 9.15 47.14 19.06
N ASP A 154 10.26 46.62 19.56
CA ASP A 154 10.44 46.35 20.98
C ASP A 154 11.74 46.96 21.46
N SER A 155 11.81 47.23 22.77
CA SER A 155 12.97 47.89 23.36
C SER A 155 13.80 46.90 24.17
N GLN A 156 13.69 45.62 23.86
CA GLN A 156 14.46 44.59 24.56
C GLN A 156 15.23 43.66 23.64
N SER A 157 15.08 43.78 22.33
CA SER A 157 15.77 42.91 21.39
C SER A 157 17.28 43.11 21.52
N PRO A 158 18.06 42.03 21.60
CA PRO A 158 19.52 42.18 21.76
C PRO A 158 20.17 42.94 20.62
N VAL A 159 19.99 42.45 19.39
CA VAL A 159 20.59 43.06 18.21
C VAL A 159 19.48 43.69 17.38
N SER A 160 19.84 44.74 16.65
CA SER A 160 18.89 45.43 15.79
C SER A 160 19.02 44.92 14.36
N ILE A 161 18.03 45.28 13.53
CA ILE A 161 18.03 44.85 12.13
C ILE A 161 19.25 45.34 11.36
N GLU A 162 19.78 46.52 11.71
CA GLU A 162 20.95 47.05 11.03
C GLU A 162 22.19 46.20 11.30
N GLN A 163 22.33 45.69 12.52
CA GLN A 163 23.43 44.82 12.87
C GLN A 163 23.23 43.39 12.39
N ILE A 164 22.04 43.05 11.90
CA ILE A 164 21.76 41.72 11.39
C ILE A 164 22.03 41.70 9.89
N GLU A 165 21.66 42.78 9.21
CA GLU A 165 21.91 42.87 7.77
C GLU A 165 23.40 42.92 7.44
N ASP A 166 24.21 43.56 8.28
CA ASP A 166 25.63 43.64 8.03
C ASP A 166 26.30 42.27 8.03
N ILE A 167 25.89 41.39 8.93
CA ILE A 167 26.44 40.05 8.94
C ILE A 167 26.15 39.32 7.64
N PHE A 168 24.91 39.41 7.16
CA PHE A 168 24.56 38.77 5.89
C PHE A 168 25.34 39.34 4.72
N ILE A 169 25.60 40.65 4.71
CA ILE A 169 26.45 41.23 3.67
C ILE A 169 27.89 40.76 3.77
N ASP A 170 28.43 40.62 4.98
CA ASP A 170 29.82 40.21 5.17
C ASP A 170 30.10 38.84 4.59
N LEU A 171 29.27 37.85 4.94
CA LEU A 171 29.48 36.49 4.45
C LEU A 171 29.35 36.44 2.94
N THR A 172 28.39 37.17 2.39
CA THR A 172 28.25 37.20 0.93
C THR A 172 29.50 37.74 0.27
N ASN A 173 30.03 38.86 0.79
CA ASN A 173 31.22 39.45 0.20
C ASN A 173 32.41 38.49 0.27
N ARG A 174 32.61 37.85 1.43
CA ARG A 174 33.83 37.08 1.63
C ARG A 174 33.68 35.59 1.32
N LEU A 175 32.53 35.16 0.79
CA LEU A 175 32.42 33.78 0.30
C LEU A 175 31.84 33.63 -1.08
N GLY A 176 31.20 34.64 -1.66
CA GLY A 176 30.73 34.54 -3.03
C GLY A 176 29.33 34.01 -3.22
N PHE A 177 28.47 34.14 -2.21
CA PHE A 177 27.08 33.77 -2.38
C PHE A 177 26.38 34.73 -3.34
N GLN A 178 25.27 34.26 -3.92
CA GLN A 178 24.56 35.06 -4.89
C GLN A 178 23.85 36.23 -4.21
N ARG A 179 23.81 37.35 -4.92
CA ARG A 179 23.24 38.57 -4.35
C ARG A 179 21.74 38.44 -4.15
N ASP A 180 21.04 37.76 -5.06
CA ASP A 180 19.61 37.56 -4.92
C ASP A 180 19.25 36.47 -3.91
N SER A 181 20.18 35.58 -3.60
CA SER A 181 19.96 34.60 -2.54
C SER A 181 20.24 35.16 -1.16
N MET A 182 21.21 36.06 -1.03
CA MET A 182 21.40 36.77 0.23
C MET A 182 20.20 37.61 0.61
N ARG A 183 19.56 38.25 -0.36
CA ARG A 183 18.38 39.07 -0.10
C ARG A 183 17.15 38.24 0.20
N ASN A 184 17.21 36.95 -0.12
CA ASN A 184 16.11 36.03 0.12
C ASN A 184 16.21 35.43 1.50
N MET A 185 17.37 34.83 1.82
CA MET A 185 17.56 34.24 3.13
C MET A 185 17.51 35.26 4.25
N PHE A 186 17.87 36.51 4.00
CA PHE A 186 17.73 37.54 5.02
C PHE A 186 16.28 37.78 5.40
N ASP A 187 15.36 37.71 4.44
CA ASP A 187 13.95 37.80 4.71
C ASP A 187 13.37 36.55 5.34
N HIS A 188 13.81 35.37 4.88
CA HIS A 188 13.36 34.12 5.50
C HIS A 188 13.81 33.98 6.94
N PHE A 189 15.00 34.47 7.28
CA PHE A 189 15.49 34.41 8.65
C PHE A 189 14.78 35.40 9.56
N MET A 190 14.31 36.52 9.04
CA MET A 190 13.64 37.51 9.88
C MET A 190 12.16 37.22 10.05
N VAL A 191 11.49 36.68 9.02
CA VAL A 191 10.14 36.19 9.23
C VAL A 191 10.10 35.08 10.27
N LEU A 192 11.05 34.16 10.22
CA LEU A 192 11.17 33.06 11.17
C LEU A 192 11.54 33.52 12.57
N LEU A 193 12.06 34.74 12.71
CA LEU A 193 12.38 35.31 14.01
C LEU A 193 11.27 36.21 14.54
N ASP A 194 10.42 36.72 13.65
CA ASP A 194 9.22 37.45 14.03
C ASP A 194 8.18 36.56 14.70
N SER A 195 7.84 35.42 14.09
CA SER A 195 6.76 34.58 14.61
C SER A 195 7.11 33.92 15.93
N ARG A 196 8.30 33.35 16.04
CA ARG A 196 8.72 32.70 17.27
C ARG A 196 8.93 33.68 18.41
N SER A 197 9.04 34.97 18.12
CA SER A 197 9.19 36.01 19.13
C SER A 197 7.87 36.73 19.40
N SER A 198 6.77 36.18 18.90
CA SER A 198 5.46 36.75 19.14
C SER A 198 4.73 36.10 20.30
N ARG A 199 5.29 35.04 20.88
CA ARG A 199 4.70 34.38 22.04
C ARG A 199 5.70 34.21 23.18
N MET A 200 6.84 34.89 23.12
CA MET A 200 7.85 34.82 24.17
C MET A 200 8.70 36.09 24.07
N SER A 201 9.84 36.09 24.76
CA SER A 201 10.67 37.27 24.66
C SER A 201 11.74 37.09 23.59
N PRO A 202 12.17 38.15 22.93
CA PRO A 202 13.17 38.01 21.86
C PRO A 202 14.47 37.35 22.31
N ASP A 203 14.90 37.66 23.54
CA ASP A 203 16.13 37.07 24.06
C ASP A 203 16.03 35.55 24.16
N GLN A 204 14.84 35.01 24.42
CA GLN A 204 14.62 33.58 24.40
C GLN A 204 14.34 33.04 23.02
N ALA A 205 13.71 33.84 22.15
CA ALA A 205 13.46 33.40 20.78
C ALA A 205 14.75 33.12 20.04
N LEU A 206 15.73 34.02 20.17
CA LEU A 206 17.00 33.81 19.47
C LEU A 206 17.72 32.57 19.99
N LEU A 207 17.71 32.37 21.31
CA LEU A 207 18.35 31.18 21.88
C LEU A 207 17.65 29.90 21.41
N SER A 208 16.32 29.91 21.37
CA SER A 208 15.60 28.74 20.90
C SER A 208 15.88 28.45 19.43
N LEU A 209 15.97 29.47 18.58
CA LEU A 209 16.40 29.23 17.21
C LEU A 209 17.81 28.66 17.13
N HIS A 210 18.76 29.19 17.89
CA HIS A 210 20.11 28.66 17.85
C HIS A 210 20.19 27.24 18.39
N ALA A 211 19.26 26.84 19.25
CA ALA A 211 19.29 25.51 19.82
C ALA A 211 18.52 24.47 19.02
N ASP A 212 17.87 24.88 17.93
CA ASP A 212 17.12 23.96 17.09
C ASP A 212 17.75 23.71 15.74
N TYR A 213 18.63 24.59 15.27
CA TYR A 213 19.33 24.41 14.01
C TYR A 213 20.71 23.79 14.22
N ILE A 214 21.51 24.37 15.11
CA ILE A 214 22.87 23.90 15.38
C ILE A 214 23.19 23.99 16.88
N GLY A 215 23.26 22.86 17.56
CA GLY A 215 23.79 22.92 18.91
C GLY A 215 22.98 22.26 20.01
N GLY A 216 21.66 22.28 19.91
CA GLY A 216 20.82 21.65 20.91
C GLY A 216 20.76 20.15 20.73
N ASP A 217 20.10 19.49 21.68
CA ASP A 217 19.94 18.05 21.60
C ASP A 217 19.03 17.63 20.45
N THR A 218 18.32 18.58 19.84
CA THR A 218 17.43 18.31 18.73
C THR A 218 18.08 18.53 17.37
N ALA A 219 19.12 19.36 17.30
CA ALA A 219 19.71 19.70 16.02
C ALA A 219 20.38 18.51 15.38
N ASN A 220 20.29 18.43 14.06
CA ASN A 220 20.93 17.35 13.32
C ASN A 220 22.44 17.54 13.23
N TYR A 221 22.93 18.77 13.32
CA TYR A 221 24.37 19.01 13.24
C TYR A 221 25.11 18.44 14.43
N LYS A 222 24.56 18.57 15.64
CA LYS A 222 25.18 17.95 16.80
C LYS A 222 25.21 16.43 16.71
N LYS A 223 24.13 15.82 16.21
CA LYS A 223 24.10 14.38 16.04
C LYS A 223 25.11 13.91 15.02
N TRP A 224 25.32 14.66 13.94
CA TRP A 224 26.35 14.28 12.99
C TRP A 224 27.75 14.50 13.56
N TYR A 225 27.92 15.56 14.35
CA TYR A 225 29.24 15.86 14.91
C TYR A 225 29.67 14.81 15.91
N PHE A 226 28.77 14.37 16.79
CA PHE A 226 29.09 13.32 17.75
C PHE A 226 29.07 11.92 17.15
N ALA A 227 29.03 11.80 15.83
CA ALA A 227 29.02 10.45 15.25
C ALA A 227 29.96 10.30 14.07
N ALA A 228 30.44 11.39 13.48
CA ALA A 228 31.35 11.25 12.34
C ALA A 228 32.51 12.22 12.42
N GLN A 229 32.73 12.82 13.59
CA GLN A 229 33.86 13.72 13.79
C GLN A 229 34.64 13.42 15.06
N LEU A 230 34.02 12.78 16.04
CA LEU A 230 34.74 12.33 17.22
C LEU A 230 34.29 10.92 17.60
N ASP A 231 33.96 10.14 16.59
CA ASP A 231 33.51 8.74 16.72
C ASP A 231 32.30 8.72 17.67
N MET A 232 32.22 7.76 18.61
CA MET A 232 31.16 7.73 19.61
C MET A 232 29.79 7.44 18.99
N ASP A 233 29.74 6.44 18.11
CA ASP A 233 28.46 5.96 17.60
C ASP A 233 27.85 4.86 18.45
N ASP A 234 28.67 3.95 18.97
CA ASP A 234 28.18 2.84 19.76
C ASP A 234 27.73 3.25 21.16
N GLU A 235 28.37 4.26 21.74
CA GLU A 235 27.94 4.76 23.04
C GLU A 235 26.58 5.43 22.98
N ILE A 236 26.09 5.73 21.77
CA ILE A 236 24.72 6.23 21.63
C ILE A 236 23.73 5.07 21.57
N GLY A 237 24.07 3.98 20.91
CA GLY A 237 23.21 2.81 20.91
C GLY A 237 23.11 2.21 22.30
N PHE A 238 24.22 2.22 23.04
CA PHE A 238 24.21 1.70 24.39
C PHE A 238 23.31 2.49 25.32
N ARG A 239 23.36 3.82 25.26
CA ARG A 239 22.45 4.64 26.05
C ARG A 239 20.99 4.40 25.69
N ASN A 240 20.66 4.33 24.40
CA ASN A 240 19.30 4.08 23.94
C ASN A 240 18.79 2.72 24.40
N MET A 241 19.64 1.70 24.37
CA MET A 241 19.27 0.41 24.92
C MET A 241 19.05 0.49 26.42
N SER A 242 19.85 1.29 27.12
CA SER A 242 19.69 1.41 28.57
C SER A 242 18.39 2.08 28.97
N LEU A 243 17.71 2.74 28.04
CA LEU A 243 16.39 3.31 28.32
C LEU A 243 15.29 2.31 28.01
N ASP A 279 37.99 11.80 30.95
CA ASP A 279 38.88 11.13 30.02
C ASP A 279 38.10 10.26 29.05
N ASN A 280 37.97 10.72 27.81
CA ASN A 280 37.19 10.06 26.76
C ASN A 280 35.78 9.84 27.30
N SER A 281 35.27 8.61 27.37
CA SER A 281 33.91 8.33 27.77
C SER A 281 32.93 9.17 26.96
N LEU A 282 31.77 9.51 27.54
CA LEU A 282 30.75 10.20 26.78
C LEU A 282 30.38 11.54 27.42
N GLU A 283 30.22 11.53 28.75
CA GLU A 283 29.93 12.78 29.45
C GLU A 283 31.08 13.76 29.40
N ALA A 284 32.33 13.29 29.39
CA ALA A 284 33.47 14.17 29.33
C ALA A 284 33.54 14.97 28.04
N ALA A 285 32.79 14.57 27.01
CA ALA A 285 32.67 15.35 25.78
C ALA A 285 31.32 16.05 25.65
N ASP A 286 30.23 15.41 26.08
CA ASP A 286 28.94 16.08 26.05
C ASP A 286 28.90 17.32 26.93
N PHE A 287 29.46 17.23 28.14
CA PHE A 287 29.57 18.37 29.02
C PHE A 287 30.44 19.47 28.44
N ARG A 288 31.56 19.12 27.80
CA ARG A 288 32.39 20.12 27.15
C ARG A 288 31.64 20.86 26.06
N TRP A 289 30.94 20.11 25.19
CA TRP A 289 30.15 20.74 24.15
C TRP A 289 29.07 21.65 24.74
N LYS A 290 28.35 21.17 25.75
CA LYS A 290 27.26 21.95 26.32
C LYS A 290 27.74 23.18 27.07
N ALA A 291 28.95 23.15 27.62
CA ALA A 291 29.51 24.30 28.30
C ALA A 291 30.28 25.23 27.38
N LYS A 292 30.56 24.80 26.14
CA LYS A 292 31.22 25.68 25.18
C LYS A 292 30.26 26.59 24.44
N MET A 293 29.03 26.15 24.15
CA MET A 293 28.03 26.98 23.50
C MET A 293 27.31 27.92 24.47
N ASN A 294 27.52 27.77 25.77
CA ASN A 294 26.81 28.55 26.76
C ASN A 294 27.39 29.95 26.93
N GLN A 295 28.56 30.23 26.35
CA GLN A 295 29.20 31.52 26.52
C GLN A 295 29.35 32.23 25.18
N LEU A 296 28.30 32.21 24.37
CA LEU A 296 28.30 32.85 23.06
C LEU A 296 27.46 34.12 23.13
N SER A 297 27.90 35.15 22.39
CA SER A 297 27.20 36.42 22.41
C SER A 297 26.05 36.42 21.40
N PRO A 298 25.02 37.23 21.65
CA PRO A 298 23.90 37.31 20.72
C PRO A 298 24.29 37.71 19.31
N LEU A 299 25.29 38.56 19.16
CA LEU A 299 25.78 38.94 17.84
C LEU A 299 26.64 37.84 17.23
N GLU A 300 27.06 36.86 18.02
CA GLU A 300 27.85 35.75 17.52
C GLU A 300 27.01 34.55 17.15
N ARG A 301 25.80 34.44 17.71
CA ARG A 301 24.90 33.35 17.32
C ARG A 301 24.28 33.57 15.95
N VAL A 302 24.00 34.83 15.62
CA VAL A 302 23.38 35.19 14.34
C VAL A 302 24.34 34.80 13.23
N ARG A 303 25.64 34.98 13.46
CA ARG A 303 26.64 34.59 12.49
C ARG A 303 26.69 33.08 12.27
N HIS A 304 26.37 32.29 13.30
CA HIS A 304 26.29 30.84 13.15
C HIS A 304 25.07 30.43 12.35
N ILE A 305 23.91 31.00 12.65
CA ILE A 305 22.69 30.57 11.98
C ILE A 305 22.67 31.00 10.52
N ALA A 306 23.12 32.22 10.24
CA ALA A 306 23.08 32.75 8.88
C ALA A 306 23.93 31.92 7.93
N LEU A 307 25.07 31.41 8.42
CA LEU A 307 25.94 30.62 7.56
C LEU A 307 25.27 29.31 7.16
N TYR A 308 24.48 28.71 8.06
CA TYR A 308 23.73 27.53 7.65
C TYR A 308 22.64 27.87 6.66
N LEU A 309 21.90 28.94 6.92
CA LEU A 309 20.78 29.29 6.04
C LEU A 309 21.27 29.62 4.63
N LEU A 310 22.37 30.35 4.51
CA LEU A 310 22.88 30.73 3.19
C LEU A 310 23.33 29.54 2.38
N CYS A 311 23.93 28.53 3.02
CA CYS A 311 24.28 27.30 2.32
C CYS A 311 23.05 26.50 1.92
N TRP A 312 22.10 26.34 2.83
CA TRP A 312 20.90 25.56 2.53
C TRP A 312 20.07 26.19 1.42
N GLY A 313 20.01 27.51 1.35
CA GLY A 313 19.20 28.17 0.35
C GLY A 313 19.83 28.25 -1.02
N GLU A 314 21.04 27.74 -1.19
CA GLU A 314 21.73 27.79 -2.47
C GLU A 314 22.16 26.42 -2.97
N ALA A 315 22.38 25.45 -2.09
CA ALA A 315 22.78 24.11 -2.52
C ALA A 315 21.54 23.37 -3.05
N ASN A 316 21.29 23.53 -4.34
CA ASN A 316 20.15 22.86 -4.94
C ASN A 316 20.38 21.36 -5.04
N GLN A 317 19.33 20.59 -4.76
CA GLN A 317 19.31 19.15 -5.00
C GLN A 317 20.43 18.43 -4.25
N VAL A 318 21.13 19.15 -3.38
CA VAL A 318 22.06 18.54 -2.43
C VAL A 318 21.37 18.67 -1.09
N ARG A 319 20.17 19.23 -1.11
CA ARG A 319 19.31 19.24 0.06
C ARG A 319 18.74 17.85 0.35
N PHE A 320 18.69 16.98 -0.64
CA PHE A 320 18.21 15.62 -0.42
C PHE A 320 19.22 14.81 0.39
N THR A 321 20.47 15.24 0.44
CA THR A 321 21.54 14.55 1.16
C THR A 321 21.98 15.47 2.28
N ALA A 322 21.43 15.25 3.48
CA ALA A 322 21.61 16.17 4.58
C ALA A 322 23.05 16.26 5.06
N GLU A 323 23.78 15.16 5.05
CA GLU A 323 25.11 15.11 5.65
C GLU A 323 26.16 15.85 4.83
N CYS A 324 26.00 15.87 3.51
CA CYS A 324 26.91 16.64 2.67
C CYS A 324 26.90 18.10 3.10
N LEU A 325 25.71 18.63 3.37
CA LEU A 325 25.57 19.99 3.85
C LEU A 325 26.25 20.22 5.19
N CYS A 326 26.14 19.28 6.13
CA CYS A 326 26.84 19.46 7.39
C CYS A 326 28.35 19.46 7.20
N PHE A 327 28.88 18.57 6.36
CA PHE A 327 30.31 18.57 6.09
C PHE A 327 30.76 19.88 5.49
N ILE A 328 30.03 20.38 4.48
CA ILE A 328 30.39 21.62 3.82
C ILE A 328 30.30 22.79 4.78
N TYR A 329 29.28 22.83 5.62
CA TYR A 329 29.15 23.87 6.63
C TYR A 329 30.32 23.86 7.61
N LYS A 330 30.74 22.68 8.07
CA LYS A 330 31.88 22.64 8.97
C LYS A 330 33.15 23.14 8.29
N CYS A 331 33.39 22.73 7.05
CA CYS A 331 34.58 23.20 6.34
C CYS A 331 34.56 24.71 6.19
N ALA A 332 33.41 25.27 5.81
CA ALA A 332 33.32 26.72 5.63
C ALA A 332 33.54 27.46 6.94
N LEU A 333 32.94 26.97 8.03
CA LEU A 333 33.13 27.63 9.32
C LEU A 333 34.59 27.57 9.75
N ASP A 334 35.25 26.43 9.55
CA ASP A 334 36.66 26.33 9.90
C ASP A 334 37.50 27.30 9.11
N TYR A 335 37.23 27.44 7.80
CA TYR A 335 37.96 28.42 7.01
C TYR A 335 37.71 29.84 7.50
N LEU A 336 36.47 30.19 7.79
CA LEU A 336 36.16 31.54 8.25
C LEU A 336 36.72 31.85 9.63
N ASP A 337 36.99 30.84 10.45
CA ASP A 337 37.46 31.10 11.80
C ASP A 337 38.98 31.05 11.93
N SER A 338 39.72 30.99 10.83
CA SER A 338 41.17 31.04 10.92
C SER A 338 41.66 32.47 10.69
N PRO A 339 42.79 32.84 11.31
CA PRO A 339 43.29 34.22 11.18
C PRO A 339 44.06 34.50 9.91
N LEU A 340 44.43 33.48 9.12
CA LEU A 340 45.21 33.68 7.91
C LEU A 340 44.42 34.39 6.82
N CYS A 341 43.16 33.98 6.59
CA CYS A 341 42.35 34.57 5.54
C CYS A 341 42.05 36.04 5.80
N GLN A 342 42.16 36.50 7.05
CA GLN A 342 41.82 37.86 7.42
C GLN A 342 42.67 38.90 6.69
N GLN A 343 43.97 38.62 6.51
CA GLN A 343 44.87 39.56 5.85
C GLN A 343 44.55 39.76 4.37
N ARG A 344 44.12 38.71 3.68
CA ARG A 344 43.74 38.82 2.28
C ARG A 344 42.58 39.80 2.11
N GLN A 345 42.69 40.68 1.12
CA GLN A 345 41.77 41.80 0.99
C GLN A 345 40.98 41.78 -0.32
N GLU A 346 41.14 40.73 -1.12
CA GLU A 346 40.38 40.62 -2.37
C GLU A 346 39.29 39.58 -2.20
N PRO A 347 38.03 39.92 -2.46
CA PRO A 347 36.95 38.96 -2.21
C PRO A 347 36.75 38.00 -3.37
N MET A 348 36.18 36.84 -3.05
CA MET A 348 35.94 35.83 -4.06
C MET A 348 34.87 36.30 -5.02
N PRO A 349 34.96 35.89 -6.29
CA PRO A 349 33.98 36.34 -7.28
C PRO A 349 32.59 35.82 -6.96
N GLU A 350 31.59 36.57 -7.42
CA GLU A 350 30.20 36.20 -7.16
C GLU A 350 29.85 34.89 -7.88
N GLY A 351 28.95 34.14 -7.28
CA GLY A 351 28.58 32.83 -7.81
C GLY A 351 29.71 31.83 -7.75
N ASP A 352 30.52 31.88 -6.71
CA ASP A 352 31.66 30.98 -6.57
C ASP A 352 31.24 29.69 -5.86
N PHE A 353 30.47 29.81 -4.79
CA PHE A 353 30.05 28.66 -4.00
C PHE A 353 29.26 27.69 -4.86
N LEU A 354 28.59 28.18 -5.89
CA LEU A 354 27.83 27.32 -6.77
C LEU A 354 28.66 26.70 -7.88
N ASN A 355 29.59 27.45 -8.46
CA ASN A 355 30.38 26.97 -9.59
C ASN A 355 31.60 26.16 -9.16
N ARG A 356 31.85 26.04 -7.88
CA ARG A 356 33.12 25.45 -7.47
C ARG A 356 32.95 24.24 -6.55
N VAL A 357 31.93 24.23 -5.71
CA VAL A 357 31.85 23.18 -4.68
C VAL A 357 30.49 22.49 -4.70
N ILE A 358 29.56 22.99 -5.51
CA ILE A 358 28.22 22.39 -5.54
C ILE A 358 27.96 21.76 -6.90
N THR A 359 28.56 22.32 -7.94
CA THR A 359 28.31 21.84 -9.30
C THR A 359 28.94 20.48 -9.59
N PRO A 360 30.15 20.17 -9.11
CA PRO A 360 30.67 18.81 -9.33
C PRO A 360 29.79 17.72 -8.76
N ILE A 361 29.20 17.93 -7.58
CA ILE A 361 28.35 16.90 -7.00
C ILE A 361 27.11 16.69 -7.85
N TYR A 362 26.50 17.76 -8.35
CA TYR A 362 25.37 17.61 -9.24
C TYR A 362 25.75 16.92 -10.55
N HIS A 363 26.92 17.24 -11.10
CA HIS A 363 27.36 16.56 -12.31
C HIS A 363 27.55 15.07 -12.07
N PHE A 364 28.07 14.68 -10.91
CA PHE A 364 28.13 13.27 -10.58
C PHE A 364 26.74 12.65 -10.45
N ILE A 365 25.82 13.33 -9.75
CA ILE A 365 24.49 12.77 -9.54
C ILE A 365 23.80 12.55 -10.88
N ARG A 366 23.89 13.50 -11.79
CA ARG A 366 23.21 13.38 -13.07
C ARG A 366 23.82 12.32 -13.97
N ASN A 367 25.13 12.12 -13.91
CA ASN A 367 25.79 11.23 -14.86
C ASN A 367 25.62 9.75 -14.54
N GLN A 368 25.13 9.41 -13.33
CA GLN A 368 24.79 8.03 -13.05
C GLN A 368 23.58 7.58 -13.85
N VAL A 369 22.82 8.53 -14.39
CA VAL A 369 21.77 8.29 -15.37
C VAL A 369 22.05 9.20 -16.56
N TYR A 370 21.13 9.20 -17.52
CA TYR A 370 21.09 10.22 -18.56
C TYR A 370 22.42 10.29 -19.33
N GLU A 371 22.72 9.20 -20.04
CA GLU A 371 23.88 9.22 -20.92
C GLU A 371 23.67 10.21 -22.04
N ILE A 372 24.76 10.82 -22.50
CA ILE A 372 24.68 11.83 -23.55
C ILE A 372 24.76 11.15 -24.91
N VAL A 373 23.83 11.51 -25.79
CA VAL A 373 23.84 11.06 -27.17
C VAL A 373 24.12 12.29 -28.00
N ASP A 374 24.15 12.14 -29.32
CA ASP A 374 24.62 13.21 -30.20
C ASP A 374 23.63 14.37 -30.17
N GLY A 375 23.74 15.18 -29.12
CA GLY A 375 23.00 16.41 -29.02
C GLY A 375 22.26 16.64 -27.72
N ARG A 376 21.67 15.59 -27.15
CA ARG A 376 20.81 15.76 -25.98
C ARG A 376 21.10 14.66 -24.97
N PHE A 377 20.27 14.59 -23.94
CA PHE A 377 20.33 13.56 -22.90
C PHE A 377 19.16 12.60 -23.04
N VAL A 378 19.45 11.31 -22.96
CA VAL A 378 18.43 10.27 -22.95
C VAL A 378 18.71 9.32 -21.80
N LYS A 379 17.65 8.68 -21.33
CA LYS A 379 17.75 7.79 -20.16
C LYS A 379 18.67 6.61 -20.47
N ARG A 380 19.79 6.51 -19.77
CA ARG A 380 20.71 5.40 -19.95
C ARG A 380 20.12 4.13 -19.36
N GLU A 381 20.13 3.05 -20.12
CA GLU A 381 19.55 1.77 -19.70
C GLU A 381 20.65 0.90 -19.10
N ARG A 382 20.59 0.67 -17.80
CA ARG A 382 21.55 -0.19 -17.10
C ARG A 382 20.84 -0.87 -15.94
N ASP A 383 21.43 -1.95 -15.45
CA ASP A 383 20.82 -2.73 -14.39
C ASP A 383 20.69 -1.91 -13.12
N HIS A 384 19.57 -2.08 -12.44
CA HIS A 384 19.22 -1.23 -11.29
C HIS A 384 19.91 -1.78 -10.05
N ASN A 385 21.23 -1.99 -10.19
CA ASN A 385 22.04 -2.39 -9.05
C ASN A 385 23.42 -1.76 -9.13
N LYS A 386 23.65 -0.93 -10.14
CA LYS A 386 24.92 -0.22 -10.29
C LYS A 386 24.70 1.28 -10.43
N ILE A 387 23.66 1.80 -9.78
CA ILE A 387 23.21 3.17 -9.96
C ILE A 387 23.12 3.82 -8.57
N VAL A 388 24.15 4.57 -8.19
CA VAL A 388 24.19 5.13 -6.85
C VAL A 388 23.29 6.35 -6.78
N GLY A 389 22.51 6.43 -5.71
CA GLY A 389 21.55 7.51 -5.52
C GLY A 389 21.87 8.34 -4.29
N TYR A 390 20.89 9.13 -3.86
CA TYR A 390 21.11 10.01 -2.72
C TYR A 390 21.35 9.25 -1.42
N ASP A 391 20.64 8.13 -1.23
CA ASP A 391 20.79 7.38 0.01
C ASP A 391 22.18 6.79 0.14
N ASP A 392 22.77 6.34 -0.96
CA ASP A 392 24.14 5.85 -0.95
C ASP A 392 25.16 6.97 -0.96
N LEU A 393 24.80 8.13 -1.50
CA LEU A 393 25.67 9.29 -1.60
C LEU A 393 25.87 10.02 -0.28
N ASN A 394 24.83 10.11 0.57
CA ASN A 394 25.01 10.76 1.86
C ASN A 394 25.44 9.80 2.95
N GLN A 395 25.44 8.50 2.70
CA GLN A 395 25.76 7.52 3.72
C GLN A 395 27.26 7.38 3.94
N LEU A 396 28.07 7.96 3.07
CA LEU A 396 29.52 7.93 3.22
C LEU A 396 30.00 8.81 4.35
N PHE A 397 29.22 9.81 4.75
CA PHE A 397 29.63 10.79 5.75
C PHE A 397 29.17 10.43 7.15
N TRP A 398 28.82 9.17 7.37
CA TRP A 398 28.41 8.73 8.70
C TRP A 398 29.54 8.14 9.52
N TYR A 399 30.67 7.79 8.89
CA TYR A 399 31.75 7.15 9.62
C TYR A 399 33.08 7.84 9.34
N PRO A 400 33.93 7.95 10.37
CA PRO A 400 35.25 8.57 10.15
C PRO A 400 36.12 7.80 9.19
N GLU A 401 35.88 6.51 8.98
CA GLU A 401 36.58 5.76 7.96
C GLU A 401 35.89 5.82 6.62
N GLY A 402 34.79 6.57 6.52
CA GLY A 402 34.18 6.86 5.24
C GLY A 402 34.57 8.24 4.78
N ILE A 403 34.73 9.16 5.74
CA ILE A 403 35.25 10.48 5.43
C ILE A 403 36.71 10.43 4.98
N ALA A 404 37.47 9.43 5.41
CA ALA A 404 38.89 9.32 5.08
C ALA A 404 39.14 8.56 3.79
N LYS A 405 38.17 8.57 2.87
CA LYS A 405 38.33 7.97 1.56
C LYS A 405 38.25 9.00 0.45
N ILE A 406 38.44 10.28 0.78
CA ILE A 406 38.29 11.38 -0.18
C ILE A 406 39.68 11.68 -0.72
N VAL A 407 39.85 11.50 -2.03
CA VAL A 407 41.14 11.67 -2.67
C VAL A 407 41.10 12.92 -3.55
N LEU A 408 42.16 13.72 -3.50
CA LEU A 408 42.21 14.94 -4.28
C LEU A 408 42.56 14.65 -5.73
N GLU A 409 42.79 15.72 -6.49
CA GLU A 409 43.13 15.59 -7.90
C GLU A 409 44.49 14.93 -8.09
N ASP A 410 45.50 15.42 -7.37
CA ASP A 410 46.85 14.88 -7.52
C ASP A 410 46.94 13.44 -7.02
N GLY A 411 46.21 13.12 -5.96
CA GLY A 411 46.16 11.75 -5.48
C GLY A 411 46.16 11.59 -3.97
N THR A 412 46.55 12.64 -3.26
CA THR A 412 46.65 12.56 -1.81
C THR A 412 45.28 12.62 -1.15
N LYS A 413 45.21 12.06 0.06
CA LYS A 413 43.98 12.12 0.84
C LYS A 413 43.70 13.55 1.28
N LEU A 414 42.41 13.84 1.48
CA LEU A 414 42.00 15.17 1.91
C LEU A 414 42.27 15.41 3.40
N ILE A 415 42.46 14.36 4.18
CA ILE A 415 42.74 14.50 5.61
C ILE A 415 44.14 15.04 5.89
N GLU A 416 45.06 14.90 4.92
CA GLU A 416 46.43 15.33 5.14
C GLU A 416 46.51 16.82 5.43
N LEU A 417 45.73 17.62 4.70
CA LEU A 417 45.77 19.06 4.84
C LEU A 417 45.23 19.46 6.22
N PRO A 418 45.66 20.62 6.73
CA PRO A 418 45.15 21.08 8.02
C PRO A 418 43.68 21.44 7.93
N LEU A 419 43.09 21.69 9.09
CA LEU A 419 41.66 22.01 9.15
C LEU A 419 41.36 23.30 8.41
N GLU A 420 42.19 24.32 8.58
CA GLU A 420 41.87 25.65 8.05
C GLU A 420 42.01 25.69 6.53
N GLU A 421 43.04 25.03 6.00
CA GLU A 421 43.26 25.02 4.54
C GLU A 421 42.61 23.80 3.90
N ARG A 422 41.33 23.60 4.18
CA ARG A 422 40.60 22.45 3.65
C ARG A 422 39.40 22.85 2.82
N TYR A 423 38.88 24.07 2.98
CA TYR A 423 37.76 24.56 2.19
C TYR A 423 38.17 24.95 0.79
N LEU A 424 39.39 25.48 0.62
CA LEU A 424 39.81 25.97 -0.69
C LEU A 424 39.97 24.83 -1.68
N ARG A 425 40.54 23.71 -1.25
CA ARG A 425 40.83 22.58 -2.12
C ARG A 425 39.65 21.63 -2.24
N LEU A 426 38.44 22.11 -1.94
CA LEU A 426 37.24 21.27 -1.99
C LEU A 426 36.67 21.16 -3.39
N GLY A 427 37.21 21.90 -4.35
CA GLY A 427 36.84 21.77 -5.74
C GLY A 427 37.78 20.94 -6.58
N ASP A 428 38.88 20.46 -6.01
CA ASP A 428 39.82 19.60 -6.72
C ASP A 428 39.47 18.14 -6.61
N VAL A 429 38.69 17.75 -5.60
CA VAL A 429 38.35 16.35 -5.38
C VAL A 429 37.52 15.84 -6.54
N VAL A 430 37.79 14.59 -6.94
CA VAL A 430 37.05 13.93 -8.00
C VAL A 430 36.06 12.97 -7.34
N TRP A 431 34.77 13.21 -7.58
CA TRP A 431 33.73 12.40 -6.95
C TRP A 431 33.38 11.19 -7.79
N ASP A 432 34.37 10.41 -8.18
CA ASP A 432 34.10 9.18 -8.91
C ASP A 432 34.89 7.98 -8.41
N ASP A 433 35.96 8.17 -7.65
CA ASP A 433 36.73 7.10 -7.05
C ASP A 433 36.40 6.97 -5.57
N VAL A 434 35.29 7.56 -5.15
CA VAL A 434 35.03 7.78 -3.74
C VAL A 434 33.65 7.28 -3.32
N PHE A 435 32.75 7.06 -4.28
CA PHE A 435 31.37 6.72 -3.99
C PHE A 435 31.08 5.28 -4.43
N PHE A 436 30.38 4.53 -3.58
CA PHE A 436 29.98 3.15 -3.87
C PHE A 436 28.51 2.92 -3.54
N LYS A 437 28.06 1.67 -3.59
CA LYS A 437 26.62 1.36 -3.65
C LYS A 437 25.98 1.07 -2.30
N THR A 438 26.62 0.28 -1.45
CA THR A 438 26.36 0.04 -0.02
C THR A 438 25.03 -0.63 0.32
N TYR A 439 24.13 -0.87 -0.64
CA TYR A 439 23.03 -1.78 -0.29
C TYR A 439 22.88 -2.99 -1.21
N LYS A 440 22.78 -2.77 -2.52
CA LYS A 440 22.73 -3.83 -3.53
C LYS A 440 21.67 -4.90 -3.25
N GLU A 441 20.40 -4.54 -3.38
CA GLU A 441 19.29 -5.46 -3.16
C GLU A 441 19.23 -6.61 -4.16
N THR A 442 19.02 -7.83 -3.63
CA THR A 442 18.89 -9.08 -4.37
C THR A 442 17.43 -9.50 -4.61
N ARG A 443 17.22 -10.78 -4.92
CA ARG A 443 15.91 -11.37 -5.17
C ARG A 443 14.91 -11.11 -4.04
N THR A 444 13.63 -11.36 -4.33
CA THR A 444 12.57 -10.89 -3.45
C THR A 444 12.32 -11.86 -2.29
N TRP A 445 12.26 -13.16 -2.55
CA TRP A 445 11.96 -14.08 -1.46
C TRP A 445 13.12 -14.21 -0.49
N LEU A 446 14.28 -13.67 -0.83
CA LEU A 446 15.45 -13.72 0.03
C LEU A 446 15.48 -12.60 1.04
N HIS A 447 14.60 -11.60 0.88
CA HIS A 447 14.46 -10.51 1.82
C HIS A 447 13.49 -10.80 2.94
N LEU A 448 12.40 -11.51 2.65
CA LEU A 448 11.40 -11.81 3.65
C LEU A 448 11.89 -12.78 4.71
N VAL A 449 12.85 -13.64 4.38
CA VAL A 449 13.38 -14.57 5.37
C VAL A 449 14.24 -13.88 6.41
N THR A 450 14.86 -12.76 6.08
CA THR A 450 15.74 -12.07 7.00
C THR A 450 15.17 -10.79 7.57
N ASN A 451 14.11 -10.23 6.98
CA ASN A 451 13.49 -9.06 7.58
C ASN A 451 12.54 -9.47 8.68
N PHE A 452 11.51 -10.24 8.34
CA PHE A 452 10.50 -10.68 9.30
C PHE A 452 10.83 -12.09 9.78
N ASN A 453 11.96 -12.22 10.49
CA ASN A 453 12.38 -13.52 10.95
C ASN A 453 11.84 -13.86 12.33
N ARG A 454 11.04 -12.99 12.91
CA ARG A 454 10.41 -13.27 14.19
C ARG A 454 8.99 -13.78 14.03
N ILE A 455 8.52 -13.93 12.79
CA ILE A 455 7.19 -14.46 12.53
C ILE A 455 7.33 -15.90 12.08
N TRP A 456 8.41 -16.21 11.38
CA TRP A 456 8.67 -17.60 11.00
C TRP A 456 9.24 -18.42 12.14
N VAL A 457 9.58 -17.80 13.26
CA VAL A 457 10.12 -18.55 14.39
C VAL A 457 9.06 -18.90 15.43
N MET A 458 8.05 -18.07 15.61
CA MET A 458 7.01 -18.34 16.58
C MET A 458 5.80 -19.05 15.99
N HIS A 459 5.83 -19.39 14.71
CA HIS A 459 4.75 -20.16 14.11
C HIS A 459 5.21 -21.57 13.82
N ILE A 460 6.29 -21.70 13.04
CA ILE A 460 6.79 -23.01 12.66
C ILE A 460 7.31 -23.80 13.85
N SER A 461 8.02 -23.16 14.77
CA SER A 461 8.60 -23.88 15.89
C SER A 461 7.55 -24.41 16.86
N ILE A 462 6.35 -23.84 16.86
CA ILE A 462 5.29 -24.34 17.72
C ILE A 462 4.36 -25.30 16.98
N PHE A 463 4.13 -25.08 15.69
CA PHE A 463 3.42 -26.06 14.88
C PHE A 463 4.12 -27.40 14.87
N TRP A 464 5.45 -27.42 15.00
CA TRP A 464 6.19 -28.66 15.16
C TRP A 464 5.84 -29.38 16.45
N MET A 465 5.87 -28.68 17.58
CA MET A 465 5.59 -29.32 18.87
C MET A 465 4.16 -29.82 18.95
N TYR A 466 3.21 -29.03 18.45
CA TYR A 466 1.81 -29.44 18.52
C TYR A 466 1.59 -30.78 17.85
N PHE A 467 2.16 -30.99 16.66
CA PHE A 467 1.98 -32.26 15.98
C PHE A 467 2.87 -33.36 16.54
N ALA A 468 4.10 -33.03 16.95
CA ALA A 468 4.98 -34.07 17.47
C ALA A 468 4.47 -34.64 18.78
N TYR A 469 3.67 -33.87 19.52
CA TYR A 469 3.11 -34.38 20.76
C TYR A 469 2.12 -35.51 20.49
N ASN A 470 1.03 -35.20 19.79
CA ASN A 470 -0.01 -36.19 19.53
C ASN A 470 0.17 -36.81 18.14
N SER A 471 1.22 -37.61 18.05
CA SER A 471 1.51 -38.43 16.88
C SER A 471 2.42 -39.58 17.26
N PRO A 472 1.97 -40.50 18.11
CA PRO A 472 2.88 -41.53 18.64
C PRO A 472 3.37 -42.52 17.60
N THR A 473 2.71 -42.57 16.45
CA THR A 473 3.02 -43.54 15.41
C THR A 473 4.23 -43.13 14.58
N PHE A 474 4.99 -42.13 15.03
CA PHE A 474 6.15 -41.62 14.30
C PHE A 474 5.76 -41.15 12.90
N LEU A 488 7.18 -45.84 24.31
CA LEU A 488 7.67 -45.45 25.62
C LEU A 488 7.16 -44.05 25.94
N ALA A 489 7.82 -43.39 26.89
CA ALA A 489 7.44 -42.03 27.29
C ALA A 489 8.56 -41.01 27.19
N ALA A 490 9.83 -41.43 27.27
CA ALA A 490 10.92 -40.49 27.07
C ALA A 490 10.96 -39.98 25.64
N TYR A 491 10.64 -40.85 24.68
CA TYR A 491 10.68 -40.45 23.28
C TYR A 491 9.68 -39.34 22.99
N LYS A 492 8.56 -39.31 23.70
CA LYS A 492 7.58 -38.24 23.49
C LYS A 492 8.19 -36.87 23.76
N TRP A 493 8.80 -36.72 24.94
CA TRP A 493 9.42 -35.44 25.27
C TRP A 493 10.66 -35.18 24.41
N ALA A 494 11.39 -36.23 24.04
CA ALA A 494 12.55 -36.04 23.18
C ALA A 494 12.14 -35.47 21.82
N SER A 495 11.07 -36.00 21.23
CA SER A 495 10.63 -35.51 19.93
C SER A 495 9.88 -34.20 20.03
N CYS A 496 9.31 -33.86 21.18
CA CYS A 496 8.76 -32.53 21.37
C CYS A 496 9.84 -31.48 21.56
N ALA A 497 10.95 -31.80 22.22
CA ALA A 497 12.03 -30.87 22.45
C ALA A 497 12.95 -30.74 21.24
N LEU A 498 12.73 -31.52 20.20
CA LEU A 498 13.48 -31.38 18.96
C LEU A 498 13.08 -30.14 18.18
N GLY A 499 12.01 -29.47 18.60
CA GLY A 499 11.55 -28.24 17.98
C GLY A 499 12.30 -27.01 18.39
N GLY A 500 13.32 -27.14 19.24
CA GLY A 500 14.23 -26.05 19.49
C GLY A 500 15.37 -25.99 18.52
N THR A 501 15.69 -27.10 17.85
CA THR A 501 16.64 -27.09 16.76
C THR A 501 16.12 -26.32 15.56
N VAL A 502 14.85 -26.51 15.20
CA VAL A 502 14.26 -25.74 14.10
C VAL A 502 14.17 -24.26 14.45
N ALA A 503 13.91 -23.90 15.70
CA ALA A 503 13.83 -22.49 16.07
C ALA A 503 15.18 -21.80 15.99
N SER A 504 16.28 -22.56 15.90
CA SER A 504 17.60 -22.00 15.69
C SER A 504 18.06 -22.11 14.24
N LEU A 505 17.52 -23.06 13.50
CA LEU A 505 17.89 -23.18 12.09
C LEU A 505 17.44 -21.98 11.27
N ILE A 506 16.26 -21.42 11.55
CA ILE A 506 15.89 -20.16 10.91
C ILE A 506 16.82 -19.02 11.30
N GLN A 507 17.19 -18.90 12.57
CA GLN A 507 18.13 -17.85 12.96
C GLN A 507 19.50 -18.01 12.33
N ILE A 508 19.90 -19.23 11.97
CA ILE A 508 21.12 -19.42 11.20
C ILE A 508 20.94 -19.09 9.72
N VAL A 509 19.83 -19.51 9.10
CA VAL A 509 19.63 -19.26 7.68
C VAL A 509 19.27 -17.80 7.41
N ALA A 510 18.95 -17.02 8.43
CA ALA A 510 18.72 -15.58 8.26
C ALA A 510 20.01 -14.77 8.26
N THR A 511 20.90 -15.01 9.21
CA THR A 511 22.21 -14.39 9.21
C THR A 511 23.01 -14.73 7.95
N LEU A 512 22.84 -15.92 7.43
CA LEU A 512 23.54 -16.32 6.21
C LEU A 512 23.02 -15.58 4.99
N CYS A 513 21.72 -15.27 4.95
CA CYS A 513 21.16 -14.50 3.86
C CYS A 513 21.50 -13.02 3.96
N GLU A 514 21.50 -12.47 5.17
CA GLU A 514 21.85 -11.06 5.37
C GLU A 514 23.30 -10.78 5.01
N TRP A 515 24.12 -11.81 4.88
CA TRP A 515 25.51 -11.69 4.47
C TRP A 515 25.66 -11.24 3.03
N SER A 516 24.57 -11.16 2.27
CA SER A 516 24.63 -10.82 0.86
C SER A 516 23.91 -9.51 0.56
N PHE A 517 23.81 -8.62 1.54
CA PHE A 517 23.31 -7.27 1.33
C PHE A 517 24.40 -6.22 1.51
N VAL A 518 25.03 -6.20 2.67
CA VAL A 518 26.05 -5.20 2.99
C VAL A 518 27.30 -5.46 2.16
N PRO A 519 28.13 -4.45 1.92
CA PRO A 519 29.39 -4.70 1.20
C PRO A 519 30.40 -5.41 2.08
N ARG A 520 31.53 -5.75 1.46
CA ARG A 520 32.52 -6.60 2.11
C ARG A 520 33.11 -5.95 3.34
N LYS A 521 33.83 -4.84 3.16
CA LYS A 521 34.62 -4.25 4.23
C LYS A 521 33.99 -2.98 4.79
N TRP A 522 32.88 -2.53 4.24
CA TRP A 522 32.19 -1.37 4.78
C TRP A 522 31.71 -1.66 6.18
N ALA A 523 31.71 -0.63 7.02
CA ALA A 523 31.53 -0.81 8.46
C ALA A 523 30.24 -1.55 8.80
N GLY A 524 30.36 -2.61 9.60
CA GLY A 524 29.22 -3.43 9.95
C GLY A 524 29.26 -4.82 9.36
N ALA A 525 30.45 -5.41 9.22
CA ALA A 525 30.59 -6.72 8.65
C ALA A 525 31.26 -7.74 9.57
N GLN A 526 32.15 -7.31 10.47
CA GLN A 526 32.74 -8.24 11.42
C GLN A 526 31.71 -8.80 12.39
N HIS A 527 30.65 -8.04 12.67
CA HIS A 527 29.60 -8.49 13.56
C HIS A 527 28.87 -9.73 13.05
N LEU A 528 28.63 -9.80 11.73
CA LEU A 528 28.01 -10.98 11.15
C LEU A 528 28.81 -12.25 11.43
N SER A 529 30.13 -12.20 11.23
CA SER A 529 30.99 -13.34 11.49
C SER A 529 31.15 -13.63 12.97
N ARG A 530 31.10 -12.61 13.82
CA ARG A 530 31.17 -12.88 15.26
C ARG A 530 29.86 -13.42 15.81
N ARG A 531 28.74 -13.23 15.12
CA ARG A 531 27.46 -13.76 15.56
C ARG A 531 27.14 -15.13 14.99
N PHE A 532 27.61 -15.43 13.77
CA PHE A 532 27.43 -16.75 13.20
C PHE A 532 28.09 -17.84 14.03
N TRP A 533 29.14 -17.51 14.79
CA TRP A 533 29.82 -18.51 15.62
C TRP A 533 29.24 -18.64 17.01
N PHE A 534 28.42 -17.68 17.46
CA PHE A 534 27.61 -17.90 18.65
C PHE A 534 26.31 -18.59 18.38
N LEU A 535 25.73 -18.45 17.18
CA LEU A 535 24.53 -19.21 16.88
C LEU A 535 24.81 -20.71 16.75
N CYS A 536 25.97 -21.09 16.23
CA CYS A 536 26.31 -22.50 16.08
C CYS A 536 26.47 -23.19 17.43
N ILE A 537 27.00 -22.48 18.44
CA ILE A 537 27.11 -23.06 19.76
C ILE A 537 25.74 -23.40 20.33
N ILE A 538 24.77 -22.50 20.19
CA ILE A 538 23.42 -22.78 20.67
C ILE A 538 22.79 -23.93 19.88
N PHE A 539 23.00 -23.97 18.57
CA PHE A 539 22.49 -25.10 17.79
C PHE A 539 23.07 -26.42 18.27
N GLY A 540 24.38 -26.47 18.53
CA GLY A 540 25.02 -27.67 19.01
C GLY A 540 24.52 -28.09 20.38
N ILE A 541 24.39 -27.14 21.30
CA ILE A 541 23.86 -27.46 22.61
C ILE A 541 22.44 -27.98 22.52
N ASN A 542 21.62 -27.42 21.63
CA ASN A 542 20.24 -27.84 21.54
C ASN A 542 20.07 -29.18 20.84
N LEU A 543 21.04 -29.58 20.01
CA LEU A 543 20.97 -30.87 19.33
C LEU A 543 21.78 -31.96 20.04
N GLY A 544 22.59 -31.59 21.03
CA GLY A 544 23.48 -32.55 21.65
C GLY A 544 22.80 -33.66 22.42
N PRO A 545 22.16 -33.33 23.54
CA PRO A 545 21.56 -34.38 24.38
C PRO A 545 20.45 -35.16 23.69
N ILE A 546 19.88 -34.62 22.62
CA ILE A 546 18.83 -35.36 21.92
C ILE A 546 19.39 -36.60 21.26
N ILE A 547 20.58 -36.50 20.66
CA ILE A 547 21.20 -37.66 20.04
C ILE A 547 21.47 -38.73 21.09
N PHE A 548 21.86 -38.31 22.30
CA PHE A 548 22.05 -39.23 23.41
C PHE A 548 20.76 -39.95 23.73
N VAL A 549 19.73 -39.18 24.09
CA VAL A 549 18.50 -39.78 24.62
C VAL A 549 17.80 -40.62 23.55
N PHE A 550 17.99 -40.28 22.28
CA PHE A 550 17.18 -40.90 21.24
C PHE A 550 17.61 -42.33 20.96
N ALA A 551 18.92 -42.58 20.92
CA ALA A 551 19.40 -43.89 20.50
C ALA A 551 20.25 -44.56 21.57
N TYR A 552 19.97 -44.30 22.85
CA TYR A 552 20.70 -44.97 23.91
C TYR A 552 19.74 -45.37 25.03
N ASP A 553 18.54 -45.81 24.66
CA ASP A 553 17.49 -46.09 25.62
C ASP A 553 16.96 -47.52 25.53
N LYS A 554 17.22 -48.24 24.45
CA LYS A 554 16.55 -49.50 24.18
C LYS A 554 16.96 -50.60 25.15
N ASP A 555 16.13 -50.84 26.16
CA ASP A 555 16.24 -51.99 27.06
C ASP A 555 17.65 -52.14 27.62
N THR A 556 18.22 -51.03 28.07
CA THR A 556 19.44 -51.02 28.86
C THR A 556 19.10 -50.51 30.25
N VAL A 557 20.08 -50.51 31.16
CA VAL A 557 19.88 -49.93 32.49
C VAL A 557 20.27 -48.46 32.35
N TYR A 558 19.36 -47.69 31.76
CA TYR A 558 19.53 -46.25 31.64
C TYR A 558 18.22 -45.47 31.73
N SER A 559 17.11 -46.14 32.02
CA SER A 559 15.83 -45.43 32.15
C SER A 559 15.87 -44.38 33.26
N THR A 560 16.70 -44.59 34.28
CA THR A 560 16.82 -43.60 35.35
C THR A 560 17.38 -42.30 34.82
N ALA A 561 18.41 -42.35 33.99
CA ALA A 561 19.11 -41.17 33.50
C ALA A 561 18.81 -40.90 32.03
N ALA A 562 17.70 -41.44 31.54
CA ALA A 562 17.23 -41.11 30.21
C ALA A 562 15.94 -40.29 30.23
N HIS A 563 15.20 -40.30 31.32
CA HIS A 563 14.07 -39.40 31.50
C HIS A 563 14.48 -38.04 32.05
N VAL A 564 15.46 -38.01 32.95
CA VAL A 564 15.90 -36.72 33.48
C VAL A 564 16.60 -35.90 32.41
N VAL A 565 17.33 -36.56 31.49
CA VAL A 565 18.04 -35.83 30.44
C VAL A 565 17.11 -35.39 29.32
N ALA A 566 15.93 -35.99 29.22
CA ALA A 566 14.95 -35.57 28.22
C ALA A 566 13.90 -34.63 28.76
N ALA A 567 13.66 -34.62 30.07
CA ALA A 567 12.72 -33.67 30.64
C ALA A 567 13.32 -32.27 30.74
N VAL A 568 14.64 -32.16 30.89
CA VAL A 568 15.27 -30.85 30.94
C VAL A 568 15.47 -30.25 29.56
N MET A 569 15.58 -31.09 28.52
CA MET A 569 15.67 -30.54 27.18
C MET A 569 14.37 -29.93 26.70
N PHE A 570 13.23 -30.43 27.16
CA PHE A 570 11.96 -29.79 26.83
C PHE A 570 11.84 -28.41 27.46
N PHE A 571 12.53 -28.15 28.57
CA PHE A 571 12.51 -26.83 29.18
C PHE A 571 13.63 -25.94 28.69
N VAL A 572 14.71 -26.51 28.18
CA VAL A 572 15.72 -25.73 27.47
C VAL A 572 15.22 -25.27 26.11
N ALA A 573 14.58 -26.14 25.35
CA ALA A 573 14.07 -25.80 24.02
C ALA A 573 12.79 -24.97 24.06
N VAL A 574 12.38 -24.51 25.25
CA VAL A 574 11.32 -23.51 25.35
C VAL A 574 11.90 -22.14 25.66
N ALA A 575 13.03 -22.07 26.36
CA ALA A 575 13.75 -20.83 26.52
C ALA A 575 14.28 -20.29 25.19
N THR A 576 14.78 -21.15 24.32
CA THR A 576 15.25 -20.71 23.01
C THR A 576 14.15 -20.11 22.15
N ILE A 577 12.99 -20.74 22.10
CA ILE A 577 11.89 -20.20 21.32
C ILE A 577 11.45 -18.83 21.82
N ILE A 578 11.33 -18.65 23.13
CA ILE A 578 10.98 -17.34 23.68
C ILE A 578 12.08 -16.30 23.47
N PHE A 579 13.34 -16.68 23.61
CA PHE A 579 14.43 -15.73 23.46
C PHE A 579 14.67 -15.34 22.01
N PHE A 580 14.26 -16.16 21.04
CA PHE A 580 14.40 -15.81 19.64
C PHE A 580 13.16 -15.16 19.03
N SER A 581 12.04 -15.12 19.75
CA SER A 581 10.88 -14.37 19.28
C SER A 581 10.88 -12.94 19.81
N ILE A 582 11.83 -12.62 20.68
CA ILE A 582 12.07 -11.30 21.23
C ILE A 582 13.53 -11.02 20.86
N MET A 583 14.09 -9.90 21.32
CA MET A 583 15.51 -9.66 21.09
C MET A 583 15.83 -9.54 19.61
N PRO A 584 15.55 -8.39 19.00
CA PRO A 584 15.77 -8.18 17.56
C PRO A 584 17.04 -8.80 17.01
N LEU A 585 16.98 -9.30 15.77
CA LEU A 585 18.11 -9.95 15.11
C LEU A 585 19.32 -9.03 15.01
N GLY A 586 19.10 -7.74 14.81
CA GLY A 586 20.22 -6.85 14.59
C GLY A 586 20.85 -6.31 15.85
N GLY A 587 20.46 -6.87 17.00
CA GLY A 587 20.94 -6.33 18.26
C GLY A 587 21.21 -7.34 19.35
N LEU A 588 21.19 -8.63 19.05
CA LEU A 588 21.45 -9.61 20.09
C LEU A 588 22.92 -10.01 20.07
N PHE A 589 23.36 -10.57 21.19
CA PHE A 589 24.78 -10.94 21.39
C PHE A 589 25.68 -9.74 21.19
N THR A 590 25.27 -8.58 21.69
CA THR A 590 26.04 -7.35 21.50
C THR A 590 26.65 -6.81 22.78
N SER A 591 26.06 -7.09 23.95
CA SER A 591 26.69 -6.67 25.20
C SER A 591 28.02 -7.38 25.41
N TYR A 592 28.07 -8.67 25.07
CA TYR A 592 29.26 -9.50 25.30
C TYR A 592 30.38 -9.22 24.32
N MET A 593 30.14 -8.46 23.26
CA MET A 593 31.18 -8.25 22.25
C MET A 593 32.34 -7.43 22.80
N LYS A 594 33.50 -7.66 22.20
CA LYS A 594 34.71 -6.92 22.54
C LYS A 594 34.67 -5.53 21.90
N LYS A 595 35.73 -4.74 22.14
CA LYS A 595 35.75 -3.37 21.64
C LYS A 595 35.73 -3.34 20.11
N SER A 596 36.56 -4.15 19.46
CA SER A 596 36.69 -4.20 18.01
C SER A 596 36.72 -2.79 17.41
N THR A 597 36.06 -2.61 16.27
CA THR A 597 35.87 -1.28 15.70
C THR A 597 34.40 -0.88 15.68
N ARG A 598 33.55 -1.69 15.06
CA ARG A 598 32.13 -1.39 14.94
C ARG A 598 31.35 -2.56 15.53
N ARG A 599 30.49 -2.27 16.50
CA ARG A 599 29.77 -3.34 17.17
C ARG A 599 28.46 -3.69 16.47
N TYR A 600 27.78 -2.70 15.90
CA TYR A 600 26.50 -2.93 15.23
C TYR A 600 26.69 -3.02 13.72
N VAL A 601 25.58 -3.28 13.02
CA VAL A 601 25.59 -3.46 11.58
C VAL A 601 25.20 -2.18 10.84
N ALA A 602 24.39 -1.33 11.44
CA ALA A 602 24.02 -0.05 10.85
C ALA A 602 24.06 1.00 11.95
N SER A 603 24.25 2.25 11.53
CA SER A 603 24.46 3.33 12.49
C SER A 603 23.28 3.45 13.44
N GLN A 604 23.58 3.53 14.74
CA GLN A 604 22.56 3.55 15.78
C GLN A 604 22.11 4.96 16.10
N THR A 605 22.49 5.94 15.30
CA THR A 605 22.03 7.31 15.51
C THR A 605 21.23 7.87 14.35
N PHE A 606 21.33 7.29 13.16
CA PHE A 606 20.54 7.71 12.02
C PHE A 606 19.60 6.62 11.52
N THR A 607 19.69 5.43 12.11
CA THR A 607 18.84 4.32 11.69
C THR A 607 17.98 3.77 12.82
N ALA A 608 18.38 4.01 14.06
CA ALA A 608 17.61 3.51 15.19
C ALA A 608 17.57 4.52 16.32
N ALA A 609 16.55 5.36 16.35
CA ALA A 609 16.32 6.28 17.45
C ALA A 609 14.84 6.42 17.72
N PHE A 610 14.12 5.30 17.71
CA PHE A 610 12.67 5.33 17.80
C PHE A 610 12.20 5.98 19.09
N ALA A 611 11.14 6.76 18.98
CA ALA A 611 10.56 7.39 20.16
C ALA A 611 9.99 6.33 21.09
N PRO A 612 10.25 6.45 22.40
CA PRO A 612 9.89 5.35 23.31
C PRO A 612 8.40 5.07 23.42
N LEU A 613 7.54 6.06 23.15
CA LEU A 613 6.09 5.86 23.26
C LEU A 613 5.72 5.40 24.66
N HIS A 614 5.91 6.29 25.63
CA HIS A 614 5.59 6.00 27.01
C HIS A 614 4.33 6.73 27.45
N GLY A 615 3.84 6.40 28.64
CA GLY A 615 2.58 6.94 29.13
C GLY A 615 1.56 5.84 29.39
N LEU A 616 0.39 5.94 28.76
CA LEU A 616 -0.61 4.90 28.84
C LEU A 616 -0.63 4.00 27.62
N ASP A 617 -0.31 4.52 26.44
CA ASP A 617 -0.19 3.69 25.26
C ASP A 617 0.91 2.65 25.40
N ARG A 618 1.97 2.95 26.15
CA ARG A 618 2.98 1.95 26.43
C ARG A 618 2.42 0.74 27.15
N TRP A 619 1.39 0.93 27.97
CA TRP A 619 0.75 -0.18 28.68
C TRP A 619 -0.37 -0.81 27.90
N MET A 620 -1.08 -0.05 27.07
CA MET A 620 -2.12 -0.63 26.24
C MET A 620 -1.57 -1.30 24.99
N SER A 621 -0.28 -1.13 24.70
CA SER A 621 0.33 -1.81 23.57
C SER A 621 0.75 -3.24 23.87
N TYR A 622 1.08 -3.54 25.12
CA TYR A 622 1.39 -4.92 25.49
C TYR A 622 0.15 -5.80 25.56
N LEU A 623 -0.94 -5.25 26.08
CA LEU A 623 -2.15 -6.04 26.30
C LEU A 623 -2.71 -6.55 24.99
N VAL A 624 -2.74 -5.70 23.96
CA VAL A 624 -3.33 -6.07 22.68
C VAL A 624 -2.65 -7.31 22.13
N TRP A 625 -1.35 -7.45 22.32
CA TRP A 625 -0.66 -8.58 21.73
C TRP A 625 -0.63 -9.79 22.66
N VAL A 626 -0.59 -9.57 23.97
CA VAL A 626 -0.67 -10.69 24.90
C VAL A 626 -1.98 -11.43 24.71
N THR A 627 -3.10 -10.70 24.65
CA THR A 627 -4.39 -11.36 24.48
C THR A 627 -4.50 -12.03 23.12
N VAL A 628 -4.01 -11.37 22.06
CA VAL A 628 -4.11 -11.94 20.72
C VAL A 628 -3.39 -13.28 20.67
N PHE A 629 -2.15 -13.32 21.15
CA PHE A 629 -1.40 -14.55 21.00
C PHE A 629 -1.87 -15.61 21.99
N ALA A 630 -2.35 -15.21 23.17
CA ALA A 630 -2.93 -16.19 24.08
C ALA A 630 -4.13 -16.86 23.44
N ALA A 631 -5.06 -16.07 22.90
CA ALA A 631 -6.25 -16.63 22.27
C ALA A 631 -5.90 -17.51 21.08
N LYS A 632 -4.94 -17.06 20.26
CA LYS A 632 -4.61 -17.80 19.05
C LYS A 632 -3.97 -19.15 19.40
N TYR A 633 -2.95 -19.13 20.26
CA TYR A 633 -2.29 -20.38 20.62
C TYR A 633 -3.22 -21.28 21.42
N SER A 634 -4.23 -20.72 22.08
CA SER A 634 -5.14 -21.54 22.85
C SER A 634 -6.22 -22.21 22.02
N GLU A 635 -6.84 -21.49 21.08
CA GLU A 635 -7.91 -22.09 20.30
C GLU A 635 -7.43 -22.72 19.00
N SER A 636 -6.17 -22.53 18.61
CA SER A 636 -5.63 -23.21 17.45
C SER A 636 -5.18 -24.62 17.78
N TYR A 637 -5.34 -25.05 19.04
CA TYR A 637 -4.98 -26.38 19.45
C TYR A 637 -6.18 -27.28 19.65
N TYR A 638 -7.35 -26.73 19.93
CA TYR A 638 -8.55 -27.52 20.20
C TYR A 638 -9.47 -27.66 19.01
N PHE A 639 -9.37 -26.80 18.00
CA PHE A 639 -10.27 -26.86 16.86
C PHE A 639 -9.51 -27.03 15.55
N LEU A 640 -8.19 -27.23 15.62
CA LEU A 640 -7.43 -27.37 14.39
C LEU A 640 -6.43 -28.51 14.43
N VAL A 641 -5.98 -28.90 15.62
CA VAL A 641 -4.97 -29.94 15.75
C VAL A 641 -5.44 -31.13 16.57
N LEU A 642 -6.27 -30.94 17.57
CA LEU A 642 -6.77 -32.05 18.36
C LEU A 642 -7.68 -32.98 17.55
N PRO A 643 -8.62 -32.47 16.74
CA PRO A 643 -9.52 -33.40 16.03
C PRO A 643 -8.86 -34.07 14.85
N LEU A 644 -7.53 -33.98 14.78
CA LEU A 644 -6.77 -34.56 13.69
C LEU A 644 -5.82 -35.64 14.20
N ARG A 645 -6.13 -36.25 15.34
CA ARG A 645 -5.30 -37.31 15.90
C ARG A 645 -5.82 -38.71 15.59
N ASP A 646 -7.06 -38.84 15.16
CA ASP A 646 -7.60 -40.12 14.71
C ASP A 646 -7.19 -40.42 13.26
N PRO A 647 -7.32 -39.49 12.32
CA PRO A 647 -6.82 -39.74 10.96
C PRO A 647 -5.33 -40.00 10.92
N ILE A 648 -4.54 -39.40 11.79
CA ILE A 648 -3.11 -39.69 11.81
C ILE A 648 -2.84 -41.14 12.18
N ARG A 649 -3.54 -41.67 13.18
CA ARG A 649 -3.36 -43.07 13.55
C ARG A 649 -3.94 -44.04 12.53
N ILE A 650 -5.03 -43.67 11.87
CA ILE A 650 -5.65 -44.56 10.89
C ILE A 650 -4.85 -44.61 9.60
N LEU A 651 -4.57 -43.45 9.00
CA LEU A 651 -3.95 -43.40 7.68
C LEU A 651 -2.50 -43.82 7.69
N SER A 652 -1.84 -43.80 8.85
CA SER A 652 -0.43 -44.13 8.92
C SER A 652 -0.16 -45.62 9.08
N THR A 653 -1.19 -46.42 9.27
CA THR A 653 -1.01 -47.85 9.47
C THR A 653 -1.72 -48.71 8.44
N THR A 654 -2.90 -48.30 7.98
CA THR A 654 -3.66 -49.10 7.04
C THR A 654 -2.91 -49.27 5.73
N ALA A 655 -2.92 -50.49 5.20
CA ALA A 655 -2.24 -50.85 3.97
C ALA A 655 -3.24 -51.35 2.93
N MET A 656 -2.98 -51.02 1.67
CA MET A 656 -3.85 -51.36 0.56
C MET A 656 -3.38 -52.65 -0.10
N ARG A 657 -4.22 -53.17 -1.01
CA ARG A 657 -3.91 -54.37 -1.78
C ARG A 657 -4.44 -54.17 -3.21
N CYS A 658 -3.53 -53.90 -4.15
CA CYS A 658 -3.90 -53.79 -5.56
C CYS A 658 -3.12 -54.81 -6.35
N THR A 659 -3.28 -54.76 -7.68
CA THR A 659 -2.39 -55.48 -8.58
C THR A 659 -1.23 -54.57 -8.97
N GLY A 660 -1.54 -53.41 -9.53
CA GLY A 660 -0.56 -52.38 -9.76
C GLY A 660 -0.29 -52.18 -11.24
N GLU A 661 0.85 -51.56 -11.52
CA GLU A 661 1.27 -51.23 -12.89
C GLU A 661 2.13 -52.34 -13.49
N TYR A 662 2.77 -52.05 -14.61
CA TYR A 662 3.56 -53.05 -15.32
C TYR A 662 5.07 -52.87 -15.12
N TRP A 663 5.56 -51.65 -14.96
CA TRP A 663 6.97 -51.42 -14.74
C TRP A 663 7.38 -51.43 -13.28
N TRP A 664 6.44 -51.27 -12.33
CA TRP A 664 6.83 -51.27 -10.93
C TRP A 664 5.88 -52.07 -10.03
N GLY A 665 5.08 -52.97 -10.59
CA GLY A 665 4.23 -53.81 -9.77
C GLY A 665 3.24 -53.05 -8.91
N ALA A 666 3.22 -53.35 -7.62
CA ALA A 666 2.26 -52.76 -6.69
C ALA A 666 3.00 -52.09 -5.53
N VAL A 667 4.13 -51.46 -5.84
CA VAL A 667 4.93 -50.78 -4.83
C VAL A 667 4.45 -49.35 -4.60
N LEU A 668 3.65 -48.82 -5.51
CA LEU A 668 3.16 -47.44 -5.38
C LEU A 668 1.71 -47.36 -4.94
N CYS A 669 0.97 -48.44 -5.13
CA CYS A 669 -0.43 -48.47 -4.76
C CYS A 669 -0.61 -49.01 -3.35
N LYS A 670 0.50 -49.40 -2.72
CA LYS A 670 0.47 -49.95 -1.37
C LYS A 670 0.65 -48.88 -0.31
N VAL A 671 1.22 -47.74 -0.71
CA VAL A 671 1.46 -46.64 0.22
C VAL A 671 0.69 -45.40 -0.21
N GLN A 672 -0.62 -45.53 -0.37
CA GLN A 672 -1.44 -44.40 -0.79
C GLN A 672 -1.83 -43.55 0.41
N PRO A 673 -2.48 -44.15 1.41
CA PRO A 673 -2.91 -43.42 2.60
C PRO A 673 -1.86 -42.47 3.14
N LYS A 674 -0.58 -42.86 3.08
CA LYS A 674 0.47 -41.96 3.57
C LYS A 674 0.60 -40.74 2.68
N ILE A 675 0.47 -40.91 1.36
CA ILE A 675 0.54 -39.77 0.47
C ILE A 675 -0.61 -38.83 0.72
N VAL A 676 -1.81 -39.35 1.00
CA VAL A 676 -2.91 -38.47 1.38
C VAL A 676 -2.65 -37.78 2.70
N LEU A 677 -2.13 -38.48 3.69
CA LEU A 677 -1.85 -37.88 4.99
C LEU A 677 -0.83 -36.75 4.90
N GLY A 678 0.22 -36.91 4.10
CA GLY A 678 1.17 -35.84 3.92
C GLY A 678 0.58 -34.56 3.38
N LEU A 679 -0.24 -34.65 2.34
CA LEU A 679 -0.93 -33.49 1.80
C LEU A 679 -1.92 -32.89 2.79
N VAL A 680 -2.61 -33.71 3.58
CA VAL A 680 -3.52 -33.18 4.58
C VAL A 680 -2.81 -32.34 5.63
N ILE A 681 -1.66 -32.78 6.13
CA ILE A 681 -0.87 -31.95 7.03
C ILE A 681 -0.29 -30.71 6.34
N ALA A 682 0.24 -30.85 5.13
CA ALA A 682 0.81 -29.70 4.43
C ALA A 682 -0.21 -28.61 4.18
N THR A 683 -1.43 -28.95 3.76
CA THR A 683 -2.44 -27.92 3.52
C THR A 683 -3.02 -27.36 4.81
N ASP A 684 -2.70 -27.96 5.95
CA ASP A 684 -3.14 -27.46 7.24
C ASP A 684 -2.03 -26.73 7.98
N PHE A 685 -0.87 -26.58 7.34
CA PHE A 685 0.21 -25.73 7.81
C PHE A 685 0.06 -24.30 7.33
N ILE A 686 -0.56 -24.09 6.16
CA ILE A 686 -0.84 -22.74 5.68
C ILE A 686 -2.06 -22.14 6.35
N LEU A 687 -3.02 -22.95 6.78
CA LEU A 687 -4.18 -22.46 7.50
C LEU A 687 -3.84 -22.07 8.93
N PHE A 688 -2.60 -22.33 9.36
CA PHE A 688 -2.10 -21.93 10.66
C PHE A 688 -1.61 -20.49 10.68
N PHE A 689 -1.45 -19.87 9.51
CA PHE A 689 -1.00 -18.49 9.38
C PHE A 689 -2.14 -17.50 9.24
N LEU A 690 -3.31 -17.96 8.78
CA LEU A 690 -4.47 -17.10 8.63
C LEU A 690 -5.14 -16.82 9.95
N ASP A 691 -5.00 -17.73 10.92
CA ASP A 691 -5.68 -17.62 12.20
C ASP A 691 -5.21 -16.39 12.97
N THR A 692 -3.92 -16.12 12.96
CA THR A 692 -3.40 -15.00 13.73
C THR A 692 -3.82 -13.65 13.15
N TYR A 693 -4.01 -13.56 11.84
CA TYR A 693 -4.59 -12.36 11.28
C TYR A 693 -6.08 -12.30 11.51
N LEU A 694 -6.74 -13.45 11.62
CA LEU A 694 -8.14 -13.48 12.01
C LEU A 694 -8.39 -12.88 13.38
N TRP A 695 -7.57 -13.23 14.37
CA TRP A 695 -7.77 -12.75 15.73
C TRP A 695 -7.39 -11.29 15.93
N TYR A 696 -6.44 -10.79 15.15
CA TYR A 696 -5.99 -9.41 15.21
C TYR A 696 -7.08 -8.42 14.85
N ILE A 697 -7.98 -8.79 13.94
CA ILE A 697 -9.09 -7.90 13.60
C ILE A 697 -10.08 -7.81 14.74
N ILE A 698 -10.41 -8.93 15.37
CA ILE A 698 -11.41 -8.95 16.44
C ILE A 698 -10.91 -8.21 17.67
N VAL A 699 -9.70 -8.55 18.13
CA VAL A 699 -9.20 -7.97 19.39
C VAL A 699 -8.83 -6.51 19.23
N ASN A 700 -8.78 -6.01 18.00
CA ASN A 700 -8.49 -4.60 17.79
C ASN A 700 -9.74 -3.75 17.66
N THR A 701 -10.88 -4.34 17.30
CA THR A 701 -12.14 -3.61 17.34
C THR A 701 -12.76 -3.64 18.72
N ILE A 702 -12.61 -4.75 19.44
CA ILE A 702 -13.19 -4.83 20.78
C ILE A 702 -12.59 -3.75 21.67
N PHE A 703 -11.27 -3.58 21.63
CA PHE A 703 -10.64 -2.57 22.46
C PHE A 703 -11.07 -1.16 22.07
N SER A 704 -11.17 -0.90 20.77
CA SER A 704 -11.57 0.43 20.32
C SER A 704 -12.97 0.77 20.84
N VAL A 705 -13.93 -0.13 20.63
CA VAL A 705 -15.29 0.13 21.09
C VAL A 705 -15.33 0.28 22.60
N GLY A 706 -14.68 -0.64 23.32
CA GLY A 706 -14.72 -0.59 24.76
C GLY A 706 -14.12 0.68 25.34
N LYS A 707 -12.97 1.11 24.81
CA LYS A 707 -12.33 2.30 25.35
C LYS A 707 -13.10 3.56 24.97
N SER A 708 -13.66 3.60 23.76
CA SER A 708 -14.49 4.74 23.40
C SER A 708 -15.77 4.81 24.21
N PHE A 709 -16.26 3.68 24.72
CA PHE A 709 -17.37 3.69 25.66
C PHE A 709 -16.93 4.11 27.07
N TYR A 710 -15.77 3.63 27.52
CA TYR A 710 -15.32 3.95 28.87
C TYR A 710 -14.97 5.43 29.01
N LEU A 711 -14.35 6.01 27.98
CA LEU A 711 -14.14 7.45 27.96
C LEU A 711 -15.45 8.22 27.84
N GLY A 712 -16.54 7.56 27.47
CA GLY A 712 -17.84 8.20 27.48
C GLY A 712 -18.05 9.21 26.37
N ILE A 713 -17.18 9.21 25.36
CA ILE A 713 -17.32 10.13 24.23
C ILE A 713 -18.28 9.51 23.23
N SER A 714 -19.38 10.22 22.93
CA SER A 714 -20.39 9.78 21.97
C SER A 714 -21.01 8.44 22.39
N ILE A 715 -21.56 8.43 23.61
CA ILE A 715 -22.24 7.24 24.11
C ILE A 715 -23.59 7.09 23.42
N LEU A 716 -23.85 5.90 22.90
CA LEU A 716 -25.05 5.60 22.11
C LEU A 716 -25.12 6.61 20.97
N THR A 717 -26.13 7.47 20.97
CA THR A 717 -26.31 8.50 19.96
C THR A 717 -27.28 9.55 20.49
N PRO A 718 -26.82 10.49 21.32
CA PRO A 718 -27.71 11.55 21.81
C PRO A 718 -27.80 12.68 20.79
N TRP A 719 -28.59 12.44 19.74
CA TRP A 719 -28.57 13.33 18.58
C TRP A 719 -29.14 14.70 18.91
N ARG A 720 -30.13 14.78 19.78
CA ARG A 720 -30.64 16.09 20.19
C ARG A 720 -29.92 16.58 21.44
N ASN A 721 -28.59 16.47 21.40
CA ASN A 721 -27.73 17.06 22.41
C ASN A 721 -26.57 17.84 21.82
N ILE A 722 -26.04 17.42 20.67
CA ILE A 722 -24.97 18.17 20.01
C ILE A 722 -25.50 19.52 19.53
N PHE A 723 -26.67 19.53 18.90
CA PHE A 723 -27.29 20.80 18.53
C PHE A 723 -27.80 21.55 19.76
N THR A 724 -28.10 20.83 20.84
CA THR A 724 -28.68 21.46 22.01
C THR A 724 -27.70 22.38 22.71
N ARG A 725 -26.45 21.95 22.89
CA ARG A 725 -25.44 22.77 23.53
C ARG A 725 -24.31 23.01 22.53
N LEU A 726 -24.57 23.90 21.58
CA LEU A 726 -23.57 24.43 20.66
C LEU A 726 -22.86 25.67 21.22
N PRO A 727 -23.60 26.66 21.74
CA PRO A 727 -22.93 27.92 22.14
C PRO A 727 -21.85 27.76 23.18
N LYS A 728 -22.06 26.89 24.17
CA LYS A 728 -21.05 26.73 25.20
C LYS A 728 -19.77 26.15 24.64
N ARG A 729 -19.87 25.29 23.64
CA ARG A 729 -18.70 24.74 22.96
C ARG A 729 -18.04 25.74 22.03
N ILE A 730 -18.81 26.52 21.27
CA ILE A 730 -18.22 27.55 20.41
C ILE A 730 -17.55 28.65 21.22
N TYR A 731 -18.05 28.95 22.41
CA TYR A 731 -17.48 30.00 23.24
C TYR A 731 -16.20 29.56 23.96
N SER A 732 -15.84 28.29 23.84
CA SER A 732 -14.67 27.81 24.56
C SER A 732 -13.71 27.01 23.69
N LYS A 733 -14.10 26.72 22.44
CA LYS A 733 -13.25 25.95 21.56
C LYS A 733 -12.89 26.68 20.27
N ILE A 734 -13.42 27.87 20.03
CA ILE A 734 -13.13 28.58 18.79
C ILE A 734 -12.73 30.01 19.12
N LEU A 735 -13.05 30.46 20.33
CA LEU A 735 -12.66 31.79 20.78
C LEU A 735 -11.74 31.66 21.98
N ALA A 736 -10.67 32.46 22.00
CA ALA A 736 -9.72 32.46 23.11
C ALA A 736 -10.04 33.60 24.06
N THR A 737 -11.06 33.36 24.89
CA THR A 737 -11.57 34.35 25.81
C THR A 737 -10.98 34.24 27.22
N THR A 738 -10.41 33.09 27.57
CA THR A 738 -9.93 32.89 28.94
C THR A 738 -8.79 33.84 29.27
N ASP A 739 -8.11 34.36 28.25
CA ASP A 739 -7.03 35.33 28.43
C ASP A 739 -7.33 36.64 27.73
N MET A 740 -8.62 36.98 27.63
CA MET A 740 -9.06 38.20 26.98
C MET A 740 -9.66 39.21 27.94
N GLU A 741 -10.10 38.76 29.11
CA GLU A 741 -10.61 39.61 30.19
C GLU A 741 -11.82 40.43 29.75
N ILE A 742 -12.26 41.34 30.63
CA ILE A 742 -13.48 42.12 30.41
C ILE A 742 -14.58 41.16 29.97
N LYS A 743 -14.95 40.25 30.85
CA LYS A 743 -15.98 39.25 30.55
C LYS A 743 -17.31 39.96 30.37
N TYR A 744 -17.79 40.03 29.13
CA TYR A 744 -19.04 40.73 28.86
C TYR A 744 -19.70 40.14 27.62
N LYS A 745 -21.03 40.04 27.68
CA LYS A 745 -21.90 39.64 26.58
C LYS A 745 -21.38 38.40 25.85
N PRO A 746 -21.49 37.21 26.44
CA PRO A 746 -21.02 35.99 25.78
C PRO A 746 -21.94 35.48 24.67
N LYS A 747 -22.90 36.29 24.22
CA LYS A 747 -23.83 35.88 23.18
C LYS A 747 -23.64 36.63 21.87
N VAL A 748 -23.20 37.88 21.91
CA VAL A 748 -23.03 38.66 20.69
C VAL A 748 -21.91 38.07 19.83
N LEU A 749 -20.85 37.58 20.47
CA LEU A 749 -19.74 37.00 19.74
C LEU A 749 -20.17 35.74 18.99
N ILE A 750 -20.87 34.84 19.71
CA ILE A 750 -21.40 33.64 19.08
C ILE A 750 -22.35 34.03 17.96
N SER A 751 -23.14 35.08 18.17
CA SER A 751 -24.04 35.56 17.14
C SER A 751 -23.28 35.92 15.88
N GLN A 752 -22.20 36.69 16.02
CA GLN A 752 -21.43 37.12 14.85
C GLN A 752 -20.84 35.93 14.12
N VAL A 753 -20.23 35.00 14.86
CA VAL A 753 -19.57 33.86 14.23
C VAL A 753 -20.59 33.00 13.50
N TRP A 754 -21.69 32.65 14.18
CA TRP A 754 -22.69 31.79 13.58
C TRP A 754 -23.44 32.47 12.45
N ASN A 755 -23.54 33.80 12.47
CA ASN A 755 -24.11 34.50 11.33
C ASN A 755 -23.20 34.43 10.11
N ALA A 756 -21.90 34.68 10.29
CA ALA A 756 -20.99 34.65 9.16
C ALA A 756 -20.89 33.28 8.53
N ILE A 757 -20.78 32.22 9.35
CA ILE A 757 -20.65 30.88 8.82
C ILE A 757 -21.87 30.47 7.99
N ILE A 758 -23.04 31.00 8.31
CA ILE A 758 -24.26 30.68 7.57
C ILE A 758 -24.40 31.55 6.33
N ILE A 759 -24.08 32.84 6.44
CA ILE A 759 -24.18 33.74 5.29
C ILE A 759 -23.25 33.28 4.18
N SER A 760 -22.07 32.75 4.54
CA SER A 760 -21.18 32.24 3.50
C SER A 760 -21.80 31.05 2.77
N MET A 761 -22.40 30.13 3.51
CA MET A 761 -23.05 28.98 2.88
C MET A 761 -24.19 29.43 1.97
N TYR A 762 -24.95 30.44 2.40
CA TYR A 762 -26.00 30.99 1.55
C TYR A 762 -25.42 31.59 0.28
N ARG A 763 -24.34 32.38 0.42
CA ARG A 763 -23.72 33.00 -0.73
C ARG A 763 -23.18 31.99 -1.71
N GLU A 764 -22.86 30.78 -1.25
CA GLU A 764 -22.45 29.73 -2.17
C GLU A 764 -23.63 29.08 -2.90
N HIS A 765 -24.84 29.62 -2.73
CA HIS A 765 -26.06 29.08 -3.36
C HIS A 765 -26.35 27.65 -2.89
N LEU A 766 -26.37 27.48 -1.56
CA LEU A 766 -26.73 26.20 -0.96
C LEU A 766 -27.98 26.26 -0.11
N LEU A 767 -28.48 27.44 0.23
CA LEU A 767 -29.68 27.59 1.04
C LEU A 767 -30.60 28.60 0.38
N ALA A 768 -31.91 28.42 0.58
CA ALA A 768 -32.90 29.31 0.01
C ALA A 768 -33.01 30.59 0.83
N ILE A 769 -33.48 31.65 0.18
CA ILE A 769 -33.61 32.95 0.84
C ILE A 769 -34.67 32.89 1.93
N ASP A 770 -35.77 32.18 1.68
CA ASP A 770 -36.76 31.99 2.73
C ASP A 770 -36.32 30.91 3.71
N HIS A 771 -35.23 30.21 3.40
CA HIS A 771 -34.71 29.17 4.27
C HIS A 771 -33.72 29.70 5.30
N VAL A 772 -32.92 30.70 4.93
CA VAL A 772 -31.93 31.24 5.85
C VAL A 772 -32.57 32.06 6.97
N GLN A 773 -33.80 32.52 6.78
CA GLN A 773 -34.44 33.39 7.76
C GLN A 773 -34.78 32.66 9.05
N LYS A 774 -34.93 31.35 8.99
CA LYS A 774 -35.22 30.54 10.18
C LYS A 774 -33.94 29.98 10.81
N LEU A 775 -32.78 30.34 10.29
CA LEU A 775 -31.51 29.72 10.64
C LEU A 775 -30.45 30.79 10.88
N LEU A 776 -30.80 31.81 11.66
CA LEU A 776 -29.92 32.96 11.78
C LEU A 776 -30.29 33.74 13.04
N TYR A 777 -29.30 34.40 13.64
CA TYR A 777 -29.54 35.21 14.83
C TYR A 777 -30.21 36.52 14.44
N HIS A 778 -31.51 36.63 14.69
CA HIS A 778 -32.24 37.84 14.42
C HIS A 778 -32.21 38.77 15.62
N GLN A 779 -32.00 40.05 15.34
CA GLN A 779 -32.06 41.10 16.36
C GLN A 779 -33.30 41.93 16.15
N VAL A 780 -34.11 42.07 17.19
CA VAL A 780 -35.39 42.76 17.10
C VAL A 780 -35.43 43.88 18.13
N PRO A 781 -35.92 45.07 17.78
CA PRO A 781 -36.00 46.17 18.76
C PRO A 781 -36.92 45.83 19.92
N SER A 782 -36.55 46.33 21.09
CA SER A 782 -37.28 46.07 22.33
C SER A 782 -38.56 46.89 22.35
N GLU A 783 -39.70 46.21 22.22
CA GLU A 783 -40.98 46.90 22.31
C GLU A 783 -41.25 47.44 23.71
N ILE A 784 -40.51 46.98 24.72
CA ILE A 784 -40.69 47.50 26.07
C ILE A 784 -40.25 48.95 26.15
N GLU A 785 -39.05 49.25 25.65
CA GLU A 785 -38.51 50.61 25.68
C GLU A 785 -38.25 51.15 24.28
N GLY A 786 -37.51 50.43 23.46
CA GLY A 786 -37.10 50.93 22.16
C GLY A 786 -35.69 50.53 21.79
N LYS A 787 -34.98 49.93 22.74
CA LYS A 787 -33.60 49.51 22.53
C LYS A 787 -33.58 48.17 21.77
N ARG A 788 -32.42 47.54 21.71
CA ARG A 788 -32.21 46.35 20.89
C ARG A 788 -32.28 45.10 21.75
N THR A 789 -32.60 43.97 21.12
CA THR A 789 -32.67 42.67 21.79
C THR A 789 -32.12 41.59 20.87
N LEU A 790 -31.46 40.60 21.45
CA LEU A 790 -30.87 39.49 20.72
C LEU A 790 -31.74 38.24 20.89
N ARG A 791 -32.17 37.66 19.78
CA ARG A 791 -32.94 36.43 19.80
C ARG A 791 -32.07 35.25 19.39
N ALA A 792 -32.67 34.07 19.35
CA ALA A 792 -31.99 32.85 18.96
C ALA A 792 -32.87 32.08 17.98
N PRO A 793 -32.28 31.27 17.11
CA PRO A 793 -33.09 30.54 16.13
C PRO A 793 -33.91 29.44 16.78
N THR A 794 -35.06 29.15 16.16
CA THR A 794 -35.90 28.04 16.62
C THR A 794 -35.21 26.71 16.37
N PHE A 795 -34.48 26.61 15.26
CA PHE A 795 -33.56 25.50 15.00
C PHE A 795 -32.64 25.21 16.17
N PHE A 796 -32.37 26.24 16.96
CA PHE A 796 -31.20 26.28 17.81
C PHE A 796 -31.57 26.18 19.29
N VAL A 797 -32.87 26.10 19.60
CA VAL A 797 -33.36 25.89 20.95
C VAL A 797 -34.01 24.53 21.11
N SER A 798 -34.47 23.93 20.01
CA SER A 798 -35.07 22.60 20.05
C SER A 798 -34.92 21.90 18.70
N THR A 806 -39.05 20.64 10.22
CA THR A 806 -39.69 21.66 9.39
C THR A 806 -38.75 22.13 8.26
N GLU A 807 -38.23 21.15 7.51
CA GLU A 807 -37.34 21.36 6.37
C GLU A 807 -36.24 22.38 6.69
N PHE A 808 -35.57 22.17 7.82
CA PHE A 808 -34.48 23.05 8.22
C PHE A 808 -33.35 23.04 7.20
N PHE A 809 -33.02 21.86 6.68
CA PHE A 809 -32.09 21.73 5.57
C PHE A 809 -32.77 20.98 4.43
N PRO A 810 -32.52 21.36 3.17
CA PRO A 810 -33.23 20.72 2.05
C PRO A 810 -32.67 19.32 1.77
N ARG A 811 -33.52 18.31 1.96
CA ARG A 811 -33.30 16.94 1.51
C ARG A 811 -31.86 16.46 1.70
N ASP A 812 -31.45 16.46 2.97
CA ASP A 812 -30.16 15.89 3.41
C ASP A 812 -29.00 16.26 2.47
N SER A 813 -28.95 17.54 2.13
CA SER A 813 -27.98 17.99 1.15
C SER A 813 -26.60 18.22 1.78
N GLU A 814 -25.73 18.85 1.00
CA GLU A 814 -24.39 19.14 1.47
C GLU A 814 -24.40 20.10 2.65
N ALA A 815 -25.35 21.01 2.70
CA ALA A 815 -25.46 21.91 3.83
C ALA A 815 -25.72 21.13 5.11
N GLU A 816 -26.66 20.18 5.07
CA GLU A 816 -26.87 19.31 6.22
C GLU A 816 -25.63 18.50 6.55
N ARG A 817 -24.97 17.93 5.55
CA ARG A 817 -23.76 17.15 5.79
C ARG A 817 -22.67 17.96 6.50
N ARG A 818 -22.49 19.23 6.14
CA ARG A 818 -21.48 20.07 6.76
C ARG A 818 -21.87 20.58 8.14
N ILE A 819 -23.09 21.08 8.31
CA ILE A 819 -23.51 21.54 9.62
C ILE A 819 -23.63 20.40 10.62
N SER A 820 -23.87 19.18 10.18
CA SER A 820 -23.88 18.06 11.10
C SER A 820 -22.48 17.78 11.63
N PHE A 821 -21.51 17.69 10.73
CA PHE A 821 -20.15 17.35 11.13
C PHE A 821 -19.53 18.45 11.99
N PHE A 822 -19.78 19.71 11.63
CA PHE A 822 -19.23 20.82 12.40
C PHE A 822 -19.71 20.81 13.83
N ALA A 823 -20.99 20.51 14.05
CA ALA A 823 -21.53 20.45 15.39
C ALA A 823 -21.17 19.18 16.13
N GLN A 824 -20.99 18.07 15.41
CA GLN A 824 -20.62 16.81 16.05
C GLN A 824 -19.15 16.73 16.43
N SER A 825 -18.28 17.51 15.80
CA SER A 825 -16.85 17.41 16.00
C SER A 825 -16.34 18.26 17.14
N LEU A 826 -17.20 19.03 17.80
CA LEU A 826 -16.78 19.83 18.94
C LEU A 826 -16.91 19.11 20.26
N SER A 827 -17.45 17.89 20.26
CA SER A 827 -17.54 17.10 21.49
C SER A 827 -16.16 16.63 21.93
N THR A 828 -15.35 16.18 20.97
CA THR A 828 -14.02 15.67 21.27
C THR A 828 -13.19 16.77 21.93
N PRO A 829 -12.40 16.46 22.97
CA PRO A 829 -11.58 17.50 23.61
C PRO A 829 -10.63 18.18 22.63
N ILE A 830 -10.51 19.50 22.74
CA ILE A 830 -9.74 20.31 21.81
C ILE A 830 -8.88 21.25 22.63
N PRO A 831 -7.57 21.34 22.37
CA PRO A 831 -6.72 22.24 23.15
C PRO A 831 -7.14 23.69 23.01
N GLU A 832 -6.93 24.47 24.07
CA GLU A 832 -7.33 25.86 24.10
C GLU A 832 -6.53 26.66 23.08
N PRO A 833 -7.17 27.50 22.26
CA PRO A 833 -6.42 28.27 21.26
C PRO A 833 -5.79 29.51 21.86
N LEU A 834 -4.76 30.00 21.18
CA LEU A 834 -4.06 31.25 21.44
C LEU A 834 -4.79 32.42 20.80
N PRO A 835 -4.60 33.64 21.30
CA PRO A 835 -5.15 34.80 20.60
C PRO A 835 -4.60 34.90 19.19
N VAL A 836 -5.32 35.55 18.28
CA VAL A 836 -4.90 35.64 16.89
C VAL A 836 -3.75 36.64 16.73
N ASP A 837 -3.31 37.25 17.82
CA ASP A 837 -2.15 38.12 17.82
C ASP A 837 -0.87 37.38 18.17
N ASN A 838 -0.94 36.06 18.41
CA ASN A 838 0.22 35.30 18.82
C ASN A 838 0.42 34.01 18.04
N MET A 839 -0.47 33.67 17.12
CA MET A 839 -0.31 32.42 16.39
C MET A 839 0.89 32.51 15.45
N PRO A 840 1.60 31.39 15.24
CA PRO A 840 2.72 31.41 14.31
C PRO A 840 2.25 31.45 12.87
N THR A 841 3.13 31.92 11.99
CA THR A 841 2.83 31.95 10.57
C THR A 841 2.96 30.56 9.99
N PHE A 842 2.34 30.34 8.83
CA PHE A 842 2.45 29.07 8.12
C PHE A 842 2.31 29.33 6.62
N THR A 843 2.36 28.24 5.84
CA THR A 843 2.46 28.34 4.39
C THR A 843 1.73 27.16 3.78
N VAL A 844 1.30 27.31 2.53
CA VAL A 844 0.57 26.27 1.80
C VAL A 844 1.29 26.02 0.48
N LEU A 845 1.77 24.81 0.27
CA LEU A 845 2.39 24.41 -0.99
C LEU A 845 1.43 23.63 -1.86
N THR A 846 1.57 23.79 -3.18
CA THR A 846 0.79 23.03 -4.13
C THR A 846 1.49 22.93 -5.48
N PRO A 847 1.77 21.73 -5.96
CA PRO A 847 2.40 21.58 -7.27
C PRO A 847 1.40 21.70 -8.41
N HIS A 848 1.93 21.86 -9.62
CA HIS A 848 1.12 22.02 -10.82
C HIS A 848 1.93 21.65 -12.04
N TYR A 849 1.71 20.45 -12.58
CA TYR A 849 2.33 20.13 -13.85
C TYR A 849 1.52 20.63 -15.03
N ALA A 850 0.33 20.07 -15.24
CA ALA A 850 -0.54 20.45 -16.36
C ALA A 850 -2.00 20.17 -15.97
N GLU A 851 -2.67 21.18 -15.44
CA GLU A 851 -4.09 21.10 -15.16
C GLU A 851 -4.79 22.26 -15.83
N ARG A 852 -6.09 22.39 -15.59
CA ARG A 852 -6.90 23.42 -16.21
C ARG A 852 -7.23 24.49 -15.18
N ILE A 853 -6.82 25.73 -15.44
CA ILE A 853 -7.18 26.82 -14.55
C ILE A 853 -8.65 27.18 -14.71
N LEU A 854 -9.16 27.18 -15.95
CA LEU A 854 -10.54 27.56 -16.20
C LEU A 854 -11.12 26.66 -17.29
N LEU A 855 -12.42 26.78 -17.48
CA LEU A 855 -13.18 25.92 -18.39
C LEU A 855 -13.11 26.37 -19.85
N SER A 856 -12.46 27.49 -20.14
CA SER A 856 -12.52 28.11 -21.46
C SER A 856 -13.98 28.40 -21.81
N LEU A 857 -14.29 28.55 -23.08
CA LEU A 857 -15.67 28.73 -23.46
C LEU A 857 -16.13 27.74 -24.53
N ARG A 858 -15.25 27.40 -25.48
CA ARG A 858 -15.61 26.40 -26.49
C ARG A 858 -15.83 25.04 -25.86
N GLU A 859 -15.22 24.76 -24.72
CA GLU A 859 -15.31 23.48 -24.06
C GLU A 859 -16.58 23.34 -23.22
N ILE A 860 -17.30 24.43 -22.99
CA ILE A 860 -18.54 24.36 -22.22
C ILE A 860 -19.72 23.87 -23.06
N ILE A 861 -19.79 24.25 -24.34
CA ILE A 861 -20.93 23.89 -25.18
C ILE A 861 -20.52 22.79 -26.15
N ARG A 862 -19.59 23.10 -27.05
CA ARG A 862 -19.05 22.14 -28.01
C ARG A 862 -20.21 21.56 -28.84
N GLU A 863 -20.10 20.31 -29.29
CA GLU A 863 -21.18 19.62 -29.97
C GLU A 863 -21.84 18.64 -29.00
N ASP A 864 -23.17 18.53 -29.10
CA ASP A 864 -23.93 17.81 -28.07
C ASP A 864 -23.90 16.30 -28.27
N ASP A 865 -24.45 15.83 -29.39
CA ASP A 865 -24.62 14.39 -29.58
C ASP A 865 -23.47 13.76 -30.34
N GLN A 866 -22.25 14.04 -29.90
CA GLN A 866 -21.07 13.30 -30.34
C GLN A 866 -20.39 12.58 -29.20
N PHE A 867 -20.91 12.69 -27.99
CA PHE A 867 -20.41 11.98 -26.82
C PHE A 867 -21.61 11.71 -25.92
N SER A 868 -21.36 11.39 -24.65
CA SER A 868 -22.43 11.12 -23.71
C SER A 868 -23.32 12.34 -23.53
N ARG A 869 -24.63 12.11 -23.60
CA ARG A 869 -25.65 13.15 -23.43
C ARG A 869 -25.43 14.37 -24.32
N VAL A 870 -25.44 15.54 -23.70
CA VAL A 870 -25.46 16.84 -24.36
C VAL A 870 -24.42 17.74 -23.70
N THR A 871 -24.44 19.02 -24.06
CA THR A 871 -23.46 19.98 -23.56
C THR A 871 -23.30 19.90 -22.04
N LEU A 872 -22.09 20.23 -21.60
CA LEU A 872 -21.74 20.12 -20.18
C LEU A 872 -22.54 21.09 -19.32
N LEU A 873 -22.92 22.24 -19.87
CA LEU A 873 -23.73 23.18 -19.10
C LEU A 873 -25.06 22.54 -18.70
N GLU A 874 -25.73 21.91 -19.66
CA GLU A 874 -26.98 21.23 -19.36
C GLU A 874 -26.75 20.00 -18.49
N TYR A 875 -25.63 19.31 -18.68
CA TYR A 875 -25.27 18.21 -17.79
C TYR A 875 -25.24 18.70 -16.33
N LEU A 876 -24.52 19.78 -16.08
CA LEU A 876 -24.42 20.31 -14.73
C LEU A 876 -25.77 20.81 -14.22
N LYS A 877 -26.57 21.41 -15.10
CA LYS A 877 -27.91 21.83 -14.70
C LYS A 877 -28.73 20.66 -14.23
N GLN A 878 -28.66 19.53 -14.94
CA GLN A 878 -29.40 18.34 -14.53
C GLN A 878 -28.84 17.77 -13.23
N LEU A 879 -27.52 17.84 -13.05
CA LEU A 879 -26.91 17.30 -11.84
C LEU A 879 -27.28 18.10 -10.58
N HIS A 880 -27.28 19.43 -10.68
CA HIS A 880 -27.54 20.30 -9.52
C HIS A 880 -28.56 21.38 -9.91
N PRO A 881 -29.84 21.00 -10.05
CA PRO A 881 -30.83 21.96 -10.56
C PRO A 881 -31.54 22.83 -9.54
N VAL A 882 -30.87 23.41 -8.54
CA VAL A 882 -31.52 24.45 -7.74
C VAL A 882 -30.64 25.69 -7.64
N GLU A 883 -29.32 25.48 -7.63
CA GLU A 883 -28.43 26.62 -7.54
C GLU A 883 -28.25 27.30 -8.90
N TRP A 884 -28.56 26.61 -9.99
CA TRP A 884 -28.68 27.31 -11.26
C TRP A 884 -29.80 28.34 -11.20
N GLU A 885 -30.93 27.97 -10.58
CA GLU A 885 -32.02 28.92 -10.39
C GLU A 885 -31.62 30.06 -9.45
N CYS A 886 -30.91 29.75 -8.37
CA CYS A 886 -30.41 30.82 -7.51
C CYS A 886 -29.48 31.75 -8.27
N PHE A 887 -28.61 31.19 -9.11
CA PHE A 887 -27.69 31.98 -9.92
C PHE A 887 -28.43 32.88 -10.88
N VAL A 888 -29.45 32.36 -11.57
CA VAL A 888 -30.17 33.20 -12.53
C VAL A 888 -30.95 34.28 -11.80
N LYS A 889 -31.48 33.97 -10.61
CA LYS A 889 -32.13 35.00 -9.81
C LYS A 889 -31.15 36.13 -9.49
N ASP A 890 -29.95 35.78 -9.04
CA ASP A 890 -28.96 36.81 -8.71
C ASP A 890 -28.53 37.59 -9.95
N THR A 891 -28.39 36.91 -11.08
CA THR A 891 -28.02 37.61 -12.30
C THR A 891 -29.10 38.61 -12.72
N LYS A 892 -30.37 38.23 -12.62
CA LYS A 892 -31.45 39.18 -12.91
C LYS A 892 -31.41 40.36 -11.94
N ILE A 893 -31.21 40.09 -10.65
CA ILE A 893 -31.21 41.17 -9.66
C ILE A 893 -30.06 42.14 -9.95
N LEU A 894 -28.90 41.61 -10.34
CA LEU A 894 -27.77 42.48 -10.67
C LEU A 894 -28.01 43.24 -11.97
N ALA A 895 -28.56 42.58 -12.98
CA ALA A 895 -28.84 43.22 -14.27
C ALA A 895 -29.96 44.24 -14.19
N GLU A 896 -30.72 44.24 -13.10
CA GLU A 896 -31.73 45.28 -12.87
C GLU A 896 -31.11 46.68 -12.94
N ALA A 932 -23.07 40.32 -22.76
CA ALA A 932 -21.76 40.91 -22.48
C ALA A 932 -20.74 39.84 -22.12
N PRO A 933 -19.48 40.11 -22.44
CA PRO A 933 -18.41 39.15 -22.07
C PRO A 933 -18.33 38.91 -20.57
N GLU A 934 -18.72 39.88 -19.74
CA GLU A 934 -18.69 39.65 -18.30
C GLU A 934 -19.67 38.56 -17.88
N TYR A 935 -20.82 38.46 -18.55
CA TYR A 935 -21.72 37.34 -18.31
C TYR A 935 -21.04 36.01 -18.66
N THR A 936 -20.23 36.03 -19.70
CA THR A 936 -19.49 34.85 -20.12
C THR A 936 -18.53 34.49 -18.98
N LEU A 937 -17.87 35.50 -18.42
CA LEU A 937 -16.94 35.27 -17.32
C LEU A 937 -17.65 34.70 -16.09
N ARG A 938 -18.82 35.22 -15.76
CA ARG A 938 -19.57 34.66 -14.63
C ARG A 938 -19.97 33.22 -14.88
N THR A 939 -20.35 32.89 -16.11
CA THR A 939 -20.64 31.50 -16.43
C THR A 939 -19.40 30.63 -16.28
N ARG A 940 -18.26 31.12 -16.76
CA ARG A 940 -16.99 30.41 -16.58
C ARG A 940 -16.73 30.14 -15.11
N ILE A 941 -16.92 31.15 -14.27
CA ILE A 941 -16.65 31.00 -12.84
C ILE A 941 -17.61 29.99 -12.22
N TRP A 942 -18.90 30.08 -12.57
CA TRP A 942 -19.88 29.16 -12.00
C TRP A 942 -19.59 27.73 -12.40
N ALA A 943 -19.16 27.52 -13.65
CA ALA A 943 -18.79 26.18 -14.08
C ALA A 943 -17.51 25.70 -13.40
N SER A 944 -16.55 26.60 -13.23
CA SER A 944 -15.25 26.20 -12.70
C SER A 944 -15.33 25.87 -11.21
N LEU A 945 -16.20 26.57 -10.47
CA LEU A 945 -16.44 26.18 -9.09
C LEU A 945 -17.02 24.78 -9.01
N ARG A 946 -17.68 24.32 -10.05
CA ARG A 946 -18.08 22.93 -10.18
C ARG A 946 -17.02 22.21 -11.04
N SER A 947 -17.29 20.96 -11.43
CA SER A 947 -16.37 20.15 -12.23
C SER A 947 -15.07 20.02 -11.43
N GLN A 948 -13.90 20.10 -12.06
CA GLN A 948 -12.64 19.84 -11.36
C GLN A 948 -11.55 20.66 -12.03
N THR A 949 -11.21 21.80 -11.43
CA THR A 949 -10.19 22.69 -11.97
C THR A 949 -9.14 23.01 -10.92
N LEU A 950 -8.26 23.96 -11.21
CA LEU A 950 -7.35 24.50 -10.22
C LEU A 950 -7.85 25.81 -9.64
N TYR A 951 -8.77 26.50 -10.32
CA TYR A 951 -9.32 27.72 -9.77
C TYR A 951 -10.19 27.46 -8.55
N ARG A 952 -10.94 26.36 -8.50
CA ARG A 952 -11.76 26.10 -7.34
C ARG A 952 -10.93 25.87 -6.09
N THR A 953 -9.79 25.18 -6.21
CA THR A 953 -8.97 24.95 -5.04
C THR A 953 -8.45 26.25 -4.46
N ILE A 954 -7.89 27.13 -5.29
CA ILE A 954 -7.42 28.42 -4.81
C ILE A 954 -8.55 29.29 -4.29
N SER A 955 -9.70 29.30 -4.95
CA SER A 955 -10.82 30.14 -4.54
C SER A 955 -11.46 29.68 -3.23
N GLY A 956 -11.54 28.38 -3.00
CA GLY A 956 -12.20 27.89 -1.80
C GLY A 956 -11.22 27.48 -0.73
N PHE A 957 -9.93 27.63 -0.99
CA PHE A 957 -8.91 27.22 -0.04
C PHE A 957 -8.23 28.44 0.57
N MET A 958 -8.52 29.62 0.05
CA MET A 958 -8.06 30.90 0.58
C MET A 958 -8.94 31.40 1.70
N ASN A 959 -9.80 30.54 2.25
CA ASN A 959 -10.70 30.95 3.31
C ASN A 959 -9.98 31.21 4.63
N TYR A 960 -8.71 30.82 4.72
CA TYR A 960 -7.93 31.12 5.91
C TYR A 960 -7.86 32.62 6.14
N SER A 961 -7.74 33.40 5.07
CA SER A 961 -7.65 34.85 5.20
C SER A 961 -8.92 35.42 5.82
N ARG A 962 -10.08 35.01 5.28
CA ARG A 962 -11.35 35.48 5.82
C ARG A 962 -11.54 35.05 7.26
N ALA A 963 -11.20 33.80 7.58
CA ALA A 963 -11.31 33.32 8.95
C ALA A 963 -10.43 34.11 9.92
N ILE A 964 -9.18 34.39 9.54
CA ILE A 964 -8.29 35.16 10.40
C ILE A 964 -8.75 36.59 10.59
N LYS A 965 -9.25 37.25 9.54
CA LYS A 965 -9.80 38.58 9.74
C LYS A 965 -11.02 38.57 10.65
N LEU A 966 -11.94 37.64 10.42
CA LEU A 966 -13.16 37.55 11.24
C LEU A 966 -12.83 37.29 12.70
N LEU A 967 -11.95 36.32 12.98
CA LEU A 967 -11.59 36.02 14.36
C LEU A 967 -10.94 37.20 15.04
N TYR A 968 -10.08 37.93 14.33
CA TYR A 968 -9.42 39.11 14.89
C TYR A 968 -10.46 40.16 15.30
N ARG A 969 -11.35 40.52 14.37
CA ARG A 969 -12.30 41.59 14.67
C ARG A 969 -13.28 41.16 15.76
N VAL A 970 -13.68 39.88 15.77
CA VAL A 970 -14.57 39.42 16.82
C VAL A 970 -13.88 39.42 18.16
N GLU A 971 -12.63 38.97 18.22
CA GLU A 971 -11.90 38.88 19.48
C GLU A 971 -11.69 40.24 20.11
N ASN A 972 -11.02 41.17 19.43
CA ASN A 972 -10.79 42.45 20.10
C ASN A 972 -11.68 43.53 19.52
N PRO A 973 -12.66 44.02 20.29
CA PRO A 973 -13.56 45.04 19.76
C PRO A 973 -13.06 46.46 19.93
N GLU A 974 -12.13 46.70 20.86
CA GLU A 974 -11.64 48.06 21.08
C GLU A 974 -10.96 48.61 19.83
N ILE A 975 -10.27 47.75 19.08
CA ILE A 975 -9.62 48.19 17.85
C ILE A 975 -10.63 48.79 16.88
N VAL A 976 -11.86 48.27 16.91
CA VAL A 976 -12.91 48.82 16.04
C VAL A 976 -13.27 50.24 16.47
N GLN A 977 -13.38 50.49 17.77
CA GLN A 977 -13.91 51.76 18.26
C GLN A 977 -12.90 52.90 18.17
N MET A 978 -11.60 52.62 18.12
CA MET A 978 -10.61 53.69 18.07
C MET A 978 -10.76 54.55 16.82
N PHE A 979 -11.10 53.94 15.70
CA PHE A 979 -11.28 54.66 14.44
C PHE A 979 -12.56 54.22 13.74
N GLY A 980 -13.63 54.10 14.52
CA GLY A 980 -14.95 53.82 13.97
C GLY A 980 -15.40 54.88 12.99
N GLY A 981 -16.14 54.48 11.97
CA GLY A 981 -16.53 55.38 10.90
C GLY A 981 -15.61 55.36 9.70
N ASN A 982 -14.48 54.67 9.79
CA ASN A 982 -13.52 54.55 8.68
C ASN A 982 -13.47 53.09 8.28
N ALA A 983 -14.41 52.69 7.41
CA ALA A 983 -14.46 51.30 6.97
C ALA A 983 -13.23 50.93 6.17
N GLU A 984 -12.75 51.84 5.32
CA GLU A 984 -11.54 51.58 4.57
C GLU A 984 -10.35 51.37 5.49
N GLY A 985 -10.23 52.20 6.53
CA GLY A 985 -9.14 52.04 7.47
C GLY A 985 -9.23 50.72 8.23
N LEU A 986 -10.43 50.33 8.63
CA LEU A 986 -10.60 49.05 9.32
C LEU A 986 -10.22 47.89 8.41
N GLU A 987 -10.66 47.94 7.15
CA GLU A 987 -10.33 46.89 6.21
C GLU A 987 -8.83 46.81 5.98
N ARG A 988 -8.17 47.98 5.87
CA ARG A 988 -6.73 47.99 5.66
C ARG A 988 -5.99 47.38 6.85
N GLU A 989 -6.41 47.73 8.07
CA GLU A 989 -5.78 47.16 9.26
C GLU A 989 -5.95 45.65 9.29
N LEU A 990 -7.17 45.17 9.03
CA LEU A 990 -7.42 43.73 9.08
C LEU A 990 -6.62 43.00 8.01
N GLU A 991 -6.55 43.56 6.80
CA GLU A 991 -5.77 42.95 5.73
C GLU A 991 -4.30 42.90 6.09
N LYS A 992 -3.78 44.00 6.67
CA LYS A 992 -2.38 44.03 7.06
C LYS A 992 -2.07 42.96 8.09
N MET A 993 -2.96 42.76 9.06
CA MET A 993 -2.73 41.70 10.03
C MET A 993 -2.86 40.30 9.45
N ALA A 994 -3.85 40.05 8.59
CA ALA A 994 -4.06 38.72 8.03
C ALA A 994 -3.13 38.40 6.88
N ARG A 995 -2.33 39.36 6.44
CA ARG A 995 -1.29 39.13 5.44
C ARG A 995 0.05 38.78 6.07
N ARG A 996 0.17 38.90 7.38
CA ARG A 996 1.40 38.63 8.11
C ARG A 996 1.42 37.24 8.71
N LYS A 997 0.33 36.48 8.56
CA LYS A 997 0.19 35.18 9.20
C LYS A 997 -0.25 34.07 8.26
N PHE A 998 -0.21 34.29 6.95
CA PHE A 998 -0.68 33.28 6.00
C PHE A 998 -0.13 33.61 4.63
N LYS A 999 0.53 32.63 4.01
CA LYS A 999 1.10 32.80 2.68
C LYS A 999 0.65 31.65 1.80
N PHE A 1000 0.31 31.95 0.55
CA PHE A 1000 -0.06 30.93 -0.42
C PHE A 1000 1.01 30.83 -1.49
N LEU A 1001 1.40 29.60 -1.82
CA LEU A 1001 2.49 29.40 -2.76
C LEU A 1001 2.11 28.26 -3.70
N VAL A 1002 2.05 28.54 -4.99
CA VAL A 1002 1.74 27.55 -6.02
C VAL A 1002 2.93 27.45 -6.96
N SER A 1003 3.35 26.23 -7.24
CA SER A 1003 4.55 25.99 -8.03
C SER A 1003 4.16 25.62 -9.45
N MET A 1004 3.88 26.64 -10.26
CA MET A 1004 3.59 26.42 -11.69
C MET A 1004 4.89 26.09 -12.40
N GLN A 1005 5.17 24.80 -12.55
CA GLN A 1005 6.26 24.39 -13.41
C GLN A 1005 5.95 24.76 -14.85
N ARG A 1006 7.00 24.99 -15.63
CA ARG A 1006 6.92 25.26 -17.07
C ARG A 1006 5.87 26.32 -17.40
N LEU A 1007 5.85 27.38 -16.61
CA LEU A 1007 5.01 28.53 -16.94
C LEU A 1007 5.55 29.33 -18.11
N ALA A 1008 6.85 29.26 -18.36
CA ALA A 1008 7.45 30.05 -19.44
C ALA A 1008 6.96 29.63 -20.81
N LYS A 1009 6.50 28.39 -20.96
CA LYS A 1009 6.08 27.86 -22.27
C LYS A 1009 4.59 27.58 -22.32
N PHE A 1010 3.76 28.39 -21.67
CA PHE A 1010 2.32 28.27 -21.82
C PHE A 1010 1.88 28.76 -23.20
N LYS A 1011 0.67 28.37 -23.57
CA LYS A 1011 0.03 28.88 -24.77
C LYS A 1011 -0.47 30.29 -24.53
N PRO A 1012 -0.69 31.07 -25.59
CA PRO A 1012 -1.20 32.44 -25.39
C PRO A 1012 -2.55 32.49 -24.69
N HIS A 1013 -3.41 31.50 -24.90
CA HIS A 1013 -4.66 31.42 -24.15
C HIS A 1013 -4.47 30.92 -22.74
N GLU A 1014 -3.56 29.98 -22.52
CA GLU A 1014 -3.31 29.40 -21.21
C GLU A 1014 -2.63 30.36 -20.25
N LEU A 1015 -1.81 31.27 -20.76
CA LEU A 1015 -1.17 32.28 -19.93
C LEU A 1015 -2.15 33.35 -19.46
N GLU A 1016 -3.23 33.59 -20.21
CA GLU A 1016 -4.21 34.59 -19.81
C GLU A 1016 -4.91 34.18 -18.52
N ASN A 1017 -5.19 32.89 -18.34
CA ASN A 1017 -5.80 32.44 -17.09
C ASN A 1017 -4.88 32.66 -15.90
N ALA A 1018 -3.59 32.35 -16.06
CA ALA A 1018 -2.64 32.63 -14.99
C ALA A 1018 -2.56 34.11 -14.68
N GLU A 1019 -2.60 34.96 -15.71
CA GLU A 1019 -2.63 36.39 -15.49
C GLU A 1019 -3.92 36.84 -14.81
N PHE A 1020 -5.02 36.14 -15.04
CA PHE A 1020 -6.28 36.45 -14.38
C PHE A 1020 -6.26 36.07 -12.91
N LEU A 1021 -5.56 35.01 -12.56
CA LEU A 1021 -5.48 34.59 -11.15
C LEU A 1021 -4.88 35.69 -10.28
N LEU A 1022 -3.79 36.31 -10.74
CA LEU A 1022 -3.16 37.39 -10.00
C LEU A 1022 -4.06 38.60 -9.87
N ARG A 1023 -4.87 38.90 -10.89
CA ARG A 1023 -5.81 40.01 -10.80
C ARG A 1023 -6.93 39.71 -9.82
N ALA A 1024 -7.42 38.47 -9.79
CA ALA A 1024 -8.48 38.10 -8.88
C ALA A 1024 -8.01 38.15 -7.43
N TYR A 1025 -6.88 37.49 -7.14
CA TYR A 1025 -6.32 37.47 -5.79
C TYR A 1025 -4.96 38.14 -5.78
N PRO A 1026 -4.85 39.39 -5.33
CA PRO A 1026 -3.55 40.06 -5.37
C PRO A 1026 -2.68 39.73 -4.18
N ASP A 1027 -2.64 38.46 -3.79
CA ASP A 1027 -1.70 38.02 -2.77
C ASP A 1027 -1.12 36.64 -3.07
N LEU A 1028 -1.42 36.07 -4.22
CA LEU A 1028 -0.90 34.76 -4.58
C LEU A 1028 0.60 34.87 -4.83
N GLN A 1029 1.25 33.72 -4.94
CA GLN A 1029 2.69 33.68 -5.20
C GLN A 1029 2.96 32.48 -6.09
N ILE A 1030 3.64 32.71 -7.21
CA ILE A 1030 3.94 31.65 -8.17
C ILE A 1030 5.44 31.54 -8.33
N ALA A 1031 5.90 30.31 -8.56
CA ALA A 1031 7.31 30.04 -8.82
C ALA A 1031 7.41 29.19 -10.06
N TYR A 1032 8.28 29.57 -11.00
CA TYR A 1032 8.42 28.88 -12.27
C TYR A 1032 9.90 28.76 -12.63
N LEU A 1033 10.18 27.94 -13.63
CA LEU A 1033 11.54 27.70 -14.08
C LEU A 1033 11.81 28.55 -15.32
N ASP A 1034 12.62 29.58 -15.15
CA ASP A 1034 12.96 30.48 -16.25
C ASP A 1034 14.05 29.83 -17.09
N GLU A 1035 14.53 30.54 -18.10
CA GLU A 1035 15.59 30.02 -18.96
C GLU A 1035 16.27 31.20 -19.65
N GLU A 1036 17.47 30.95 -20.15
CA GLU A 1036 18.28 32.03 -20.71
C GLU A 1036 19.33 31.41 -21.63
N PRO A 1037 19.61 32.03 -22.77
CA PRO A 1037 20.55 31.44 -23.71
C PRO A 1037 21.94 31.35 -23.11
N PRO A 1038 22.75 30.37 -23.54
CA PRO A 1038 24.06 30.17 -22.93
C PRO A 1038 24.97 31.37 -23.18
N LEU A 1039 25.94 31.54 -22.28
CA LEU A 1039 26.84 32.69 -22.35
C LEU A 1039 27.62 32.70 -23.66
N THR A 1040 28.15 31.55 -24.06
CA THR A 1040 28.81 31.38 -25.34
C THR A 1040 28.34 30.07 -25.97
N GLU A 1041 28.44 30.00 -27.29
CA GLU A 1041 27.89 28.86 -28.02
C GLU A 1041 28.62 27.58 -27.64
N GLY A 1042 27.84 26.51 -27.44
CA GLY A 1042 28.37 25.20 -27.14
C GLY A 1042 28.03 24.67 -25.76
N GLU A 1043 27.72 25.54 -24.80
CA GLU A 1043 27.43 25.11 -23.44
C GLU A 1043 25.92 25.08 -23.19
N GLU A 1044 25.55 24.39 -22.12
CA GLU A 1044 24.15 24.26 -21.77
C GLU A 1044 23.59 25.61 -21.34
N PRO A 1045 22.30 25.85 -21.58
CA PRO A 1045 21.69 27.12 -21.16
C PRO A 1045 21.61 27.24 -19.65
N ARG A 1046 21.62 28.47 -19.18
CA ARG A 1046 21.53 28.76 -17.75
C ARG A 1046 20.07 28.97 -17.37
N ILE A 1047 19.60 28.23 -16.36
CA ILE A 1047 18.19 28.25 -15.96
C ILE A 1047 18.09 28.72 -14.52
N TYR A 1048 17.18 29.65 -14.27
CA TYR A 1048 17.01 30.30 -12.98
C TYR A 1048 15.78 29.72 -12.26
N SER A 1049 15.40 30.33 -11.14
CA SER A 1049 14.21 29.95 -10.40
C SER A 1049 13.58 31.20 -9.80
N ALA A 1050 12.46 31.65 -10.36
CA ALA A 1050 11.95 32.98 -10.08
C ALA A 1050 10.62 32.94 -9.34
N LEU A 1051 10.32 34.03 -8.65
CA LEU A 1051 9.08 34.20 -7.90
C LEU A 1051 8.42 35.51 -8.31
N ILE A 1052 7.14 35.46 -8.64
CA ILE A 1052 6.37 36.65 -9.00
C ILE A 1052 5.18 36.78 -8.07
N ASP A 1053 5.03 37.97 -7.49
CA ASP A 1053 3.93 38.26 -6.58
C ASP A 1053 2.77 38.86 -7.36
N GLY A 1054 1.77 39.39 -6.66
CA GLY A 1054 0.66 40.06 -7.31
C GLY A 1054 0.71 41.57 -7.16
N HIS A 1055 1.56 42.05 -6.25
CA HIS A 1055 1.74 43.47 -6.01
C HIS A 1055 2.89 44.07 -6.78
N CYS A 1056 3.54 43.28 -7.65
CA CYS A 1056 4.67 43.79 -8.43
C CYS A 1056 4.18 44.60 -9.62
N GLU A 1057 5.03 45.50 -10.09
CA GLU A 1057 4.70 46.32 -11.24
C GLU A 1057 4.81 45.51 -12.53
N ILE A 1058 3.94 45.81 -13.48
CA ILE A 1058 3.85 45.08 -14.74
C ILE A 1058 4.83 45.70 -15.73
N LEU A 1059 5.23 44.93 -16.73
CA LEU A 1059 6.12 45.39 -17.78
C LEU A 1059 5.36 45.49 -19.10
N ASP A 1060 6.03 46.09 -20.09
CA ASP A 1060 5.44 46.18 -21.43
C ASP A 1060 5.31 44.81 -22.09
N ASN A 1061 6.20 43.88 -21.74
CA ASN A 1061 6.16 42.54 -22.32
C ASN A 1061 4.88 41.80 -21.96
N GLY A 1062 4.16 42.25 -20.91
CA GLY A 1062 2.99 41.57 -20.40
C GLY A 1062 3.29 40.66 -19.22
N ARG A 1063 4.57 40.50 -18.88
CA ARG A 1063 4.98 39.70 -17.75
C ARG A 1063 5.61 40.58 -16.67
N ARG A 1064 5.50 40.14 -15.43
CA ARG A 1064 5.98 40.92 -14.31
C ARG A 1064 7.48 40.72 -14.12
N ARG A 1065 8.10 41.63 -13.34
CA ARG A 1065 9.49 41.49 -12.95
C ARG A 1065 9.57 40.54 -11.76
N PRO A 1066 10.29 39.42 -11.86
CA PRO A 1066 10.39 38.51 -10.72
C PRO A 1066 10.99 39.17 -9.49
N LYS A 1067 10.43 38.86 -8.33
CA LYS A 1067 10.93 39.45 -7.09
C LYS A 1067 12.32 38.93 -6.75
N PHE A 1068 12.52 37.62 -6.85
CA PHE A 1068 13.80 36.97 -6.64
C PHE A 1068 14.12 36.08 -7.84
N ARG A 1069 15.42 35.91 -8.10
CA ARG A 1069 15.88 35.03 -9.17
C ARG A 1069 17.17 34.37 -8.71
N VAL A 1070 17.10 33.08 -8.43
CA VAL A 1070 18.24 32.31 -7.94
C VAL A 1070 18.70 31.35 -9.03
N GLN A 1071 19.99 31.32 -9.30
CA GLN A 1071 20.52 30.46 -10.35
C GLN A 1071 20.70 29.04 -9.83
N LEU A 1072 20.13 28.09 -10.56
CA LEU A 1072 20.36 26.68 -10.23
C LEU A 1072 21.61 26.20 -10.95
N SER A 1073 21.84 24.90 -10.97
CA SER A 1073 23.06 24.33 -11.50
C SER A 1073 22.76 23.32 -12.59
N GLY A 1074 21.63 23.48 -13.25
CA GLY A 1074 21.21 22.57 -14.30
C GLY A 1074 19.74 22.21 -14.18
N ASN A 1075 19.28 21.43 -15.14
CA ASN A 1075 17.89 21.00 -15.20
C ASN A 1075 17.51 20.28 -13.90
N PRO A 1076 16.68 20.89 -13.05
CA PRO A 1076 16.38 20.27 -11.77
C PRO A 1076 15.23 19.29 -11.85
N ILE A 1077 15.20 18.47 -12.89
CA ILE A 1077 14.19 17.42 -13.01
C ILE A 1077 14.86 16.17 -13.56
N LEU A 1078 15.17 15.23 -12.69
CA LEU A 1078 15.77 13.97 -13.11
C LEU A 1078 14.88 12.76 -12.87
N GLY A 1079 13.96 12.84 -11.91
CA GLY A 1079 13.03 11.77 -11.64
C GLY A 1079 11.79 11.87 -12.52
N ASP A 1080 10.71 11.29 -12.02
CA ASP A 1080 9.43 11.32 -12.73
C ASP A 1080 8.24 11.65 -11.87
N GLY A 1081 8.41 11.93 -10.59
CA GLY A 1081 7.33 12.29 -9.70
C GLY A 1081 7.15 13.78 -9.60
N LYS A 1082 6.57 14.20 -8.47
CA LYS A 1082 6.39 15.61 -8.16
C LYS A 1082 7.43 16.13 -7.17
N SER A 1083 8.36 15.27 -6.74
CA SER A 1083 9.30 15.66 -5.70
C SER A 1083 10.19 16.81 -6.15
N ASP A 1084 10.68 16.76 -7.39
CA ASP A 1084 11.57 17.80 -7.89
C ASP A 1084 10.86 19.14 -8.00
N ASN A 1085 9.61 19.12 -8.47
CA ASN A 1085 8.81 20.33 -8.58
C ASN A 1085 8.57 20.97 -7.21
N GLN A 1086 8.30 20.17 -6.18
CA GLN A 1086 8.25 20.70 -4.83
C GLN A 1086 9.60 21.15 -4.32
N ASN A 1087 10.69 20.57 -4.81
CA ASN A 1087 12.01 20.91 -4.32
C ASN A 1087 12.52 22.24 -4.84
N HIS A 1088 12.29 22.58 -6.10
CA HIS A 1088 12.89 23.82 -6.58
C HIS A 1088 12.20 25.05 -6.03
N ALA A 1089 11.01 24.89 -5.45
CA ALA A 1089 10.22 26.00 -4.94
C ALA A 1089 10.07 25.94 -3.43
N LEU A 1090 10.81 25.05 -2.78
CA LEU A 1090 10.77 24.95 -1.33
C LEU A 1090 11.61 26.02 -0.68
N ILE A 1091 12.33 26.81 -1.46
CA ILE A 1091 13.12 27.90 -0.91
C ILE A 1091 12.23 28.98 -0.31
N PHE A 1092 11.07 29.22 -0.92
CA PHE A 1092 10.30 30.43 -0.67
C PHE A 1092 9.14 30.09 0.27
N TYR A 1093 9.45 29.56 1.47
CA TYR A 1093 8.38 28.91 2.21
C TYR A 1093 8.05 29.64 3.51
N ARG A 1094 8.31 30.94 3.59
CA ARG A 1094 8.32 31.68 4.86
C ARG A 1094 7.27 31.21 5.85
N GLY A 1095 7.69 30.91 7.07
CA GLY A 1095 6.78 30.48 8.10
C GLY A 1095 7.45 29.54 9.06
N GLU A 1096 6.63 28.76 9.75
CA GLU A 1096 7.11 27.81 10.74
C GLU A 1096 6.52 26.41 10.56
N TYR A 1097 5.32 26.32 9.98
CA TYR A 1097 4.70 25.05 9.63
C TYR A 1097 4.22 25.13 8.20
N ILE A 1098 4.01 23.97 7.58
CA ILE A 1098 3.63 23.88 6.18
C ILE A 1098 2.44 22.92 6.07
N GLN A 1099 1.42 23.33 5.33
CA GLN A 1099 0.34 22.43 4.94
C GLN A 1099 0.54 22.17 3.45
N LEU A 1100 0.89 20.94 3.11
CA LEU A 1100 1.16 20.61 1.71
C LEU A 1100 -0.05 19.87 1.14
N ILE A 1101 -0.68 20.47 0.15
CA ILE A 1101 -1.94 19.99 -0.38
C ILE A 1101 -1.73 19.46 -1.79
N ASP A 1102 -2.74 18.78 -2.30
CA ASP A 1102 -2.72 18.26 -3.66
C ASP A 1102 -3.32 19.32 -4.59
N ALA A 1103 -3.64 18.95 -5.83
CA ALA A 1103 -4.16 19.91 -6.79
C ALA A 1103 -5.68 19.97 -6.82
N ASN A 1104 -6.37 19.26 -5.94
CA ASN A 1104 -7.83 19.28 -5.88
C ASN A 1104 -8.30 19.09 -4.43
N GLN A 1105 -8.58 20.20 -3.76
CA GLN A 1105 -9.00 20.20 -2.35
C GLN A 1105 -10.18 21.15 -2.20
N ASP A 1106 -10.88 21.04 -1.07
CA ASP A 1106 -12.05 21.87 -0.81
C ASP A 1106 -11.83 22.80 0.38
N ASN A 1107 -11.57 22.25 1.56
CA ASN A 1107 -11.37 23.04 2.78
C ASN A 1107 -12.43 24.11 2.98
N TYR A 1108 -13.66 23.69 3.28
CA TYR A 1108 -14.77 24.59 3.51
C TYR A 1108 -14.44 25.57 4.65
N LEU A 1109 -15.21 26.66 4.74
CA LEU A 1109 -14.91 27.70 5.72
C LEU A 1109 -15.12 27.26 7.15
N GLU A 1110 -16.16 26.47 7.44
CA GLU A 1110 -16.44 26.12 8.83
C GLU A 1110 -15.30 25.32 9.46
N GLU A 1111 -14.65 24.44 8.70
CA GLU A 1111 -13.52 23.70 9.22
C GLU A 1111 -12.21 24.46 9.06
N CYS A 1112 -12.26 25.69 8.55
CA CYS A 1112 -11.09 26.52 8.39
C CYS A 1112 -10.94 27.53 9.53
N LEU A 1113 -11.78 27.42 10.55
CA LEU A 1113 -11.77 28.34 11.68
C LEU A 1113 -10.97 27.83 12.86
N LYS A 1114 -10.85 26.51 13.00
CA LYS A 1114 -10.08 25.92 14.09
C LYS A 1114 -8.65 25.65 13.65
N ILE A 1115 -8.01 26.70 13.13
CA ILE A 1115 -6.62 26.61 12.70
C ILE A 1115 -5.65 26.97 13.80
N ARG A 1116 -6.11 27.61 14.87
CA ARG A 1116 -5.26 27.88 16.02
C ARG A 1116 -5.24 26.70 16.99
N SER A 1117 -6.01 25.66 16.72
CA SER A 1117 -6.03 24.48 17.56
C SER A 1117 -5.31 23.29 16.94
N VAL A 1118 -5.36 23.14 15.62
CA VAL A 1118 -4.60 22.08 14.96
C VAL A 1118 -3.11 22.36 14.99
N LEU A 1119 -2.70 23.63 15.02
CA LEU A 1119 -1.29 24.00 15.18
C LEU A 1119 -0.79 23.77 16.58
N ALA A 1120 -1.65 23.45 17.53
CA ALA A 1120 -1.23 23.14 18.89
C ALA A 1120 -0.92 21.66 19.08
N GLU A 1121 -1.20 20.82 18.10
CA GLU A 1121 -0.76 19.44 18.15
C GLU A 1121 0.77 19.38 18.16
N PHE A 1122 1.40 20.28 17.43
CA PHE A 1122 2.84 20.45 17.49
C PHE A 1122 3.16 21.09 18.83
N GLU A 1123 3.28 20.27 19.87
CA GLU A 1123 3.17 20.78 21.23
C GLU A 1123 4.36 21.64 21.62
N GLU A 1124 4.34 22.87 21.12
CA GLU A 1124 5.40 23.85 21.37
C GLU A 1124 4.83 25.19 21.79
N LEU A 1125 3.52 25.37 21.63
CA LEU A 1125 2.93 26.69 21.83
C LEU A 1125 2.79 27.04 23.30
N ASN A 1126 2.46 26.07 24.14
CA ASN A 1126 2.31 26.31 25.58
C ASN A 1126 3.37 25.49 26.31
N VAL A 1127 4.58 26.03 26.40
CA VAL A 1127 5.66 25.45 27.19
C VAL A 1127 6.38 26.56 27.93
N GLU A 1128 7.43 26.21 28.67
CA GLU A 1128 8.26 27.21 29.32
C GLU A 1128 9.71 26.90 29.02
N GLN A 1129 10.45 27.90 28.54
CA GLN A 1129 11.83 27.67 28.13
C GLN A 1129 12.74 27.46 29.34
N VAL A 1130 13.75 26.62 29.16
CA VAL A 1130 14.62 26.20 30.25
C VAL A 1130 16.11 26.38 29.91
N ASN A 1131 16.43 27.28 28.97
CA ASN A 1131 17.82 27.59 28.64
C ASN A 1131 18.59 26.32 28.29
N PRO A 1132 18.40 25.78 27.07
CA PRO A 1132 18.99 24.48 26.70
C PRO A 1132 20.42 24.25 27.16
N TYR A 1133 21.24 25.31 27.17
CA TYR A 1133 22.61 25.19 27.66
C TYR A 1133 22.64 25.57 29.13
N ALA A 1134 23.03 24.63 29.99
CA ALA A 1134 23.07 24.90 31.41
C ALA A 1134 23.95 23.86 32.09
N PRO A 1135 24.68 24.22 33.14
CA PRO A 1135 25.48 23.22 33.85
C PRO A 1135 24.60 22.14 34.45
N GLY A 1136 25.10 20.90 34.44
CA GLY A 1136 24.32 19.78 34.92
C GLY A 1136 23.19 19.43 33.96
N LEU A 1137 22.16 18.79 34.50
CA LEU A 1137 20.96 18.43 33.74
C LEU A 1137 21.33 17.54 32.55
N ARG A 1138 21.80 16.35 32.89
CA ARG A 1138 22.25 15.40 31.88
C ARG A 1138 21.08 14.90 31.05
N TYR A 1139 21.40 14.20 29.96
CA TYR A 1139 20.41 13.76 28.99
C TYR A 1139 19.66 12.54 29.51
N GLU A 1140 19.00 12.66 30.65
CA GLU A 1140 18.07 11.64 31.09
C GLU A 1140 16.80 12.30 31.63
N GLU A 1141 16.92 13.56 32.06
CA GLU A 1141 15.83 14.26 32.71
C GLU A 1141 15.31 15.42 31.88
N GLN A 1142 15.70 15.52 30.61
CA GLN A 1142 15.14 16.51 29.72
C GLN A 1142 13.77 16.06 29.25
N THR A 1143 13.02 16.98 28.61
CA THR A 1143 11.69 16.66 28.12
C THR A 1143 11.61 16.74 26.60
N THR A 1144 12.04 17.85 26.01
CA THR A 1144 11.97 18.01 24.55
C THR A 1144 13.05 17.22 23.84
N ASN A 1145 12.94 15.90 23.86
CA ASN A 1145 13.91 15.05 23.20
C ASN A 1145 13.43 14.50 21.88
N HIS A 1146 12.12 14.23 21.75
CA HIS A 1146 11.56 13.65 20.54
C HIS A 1146 10.46 14.57 20.04
N PRO A 1147 10.81 15.55 19.21
CA PRO A 1147 9.79 16.48 18.70
C PRO A 1147 8.85 15.78 17.74
N VAL A 1148 7.67 16.37 17.57
CA VAL A 1148 6.66 15.80 16.70
C VAL A 1148 6.87 16.34 15.29
N ALA A 1149 6.80 15.44 14.31
CA ALA A 1149 7.16 15.80 12.93
C ALA A 1149 5.92 15.99 12.05
N ILE A 1150 5.10 14.97 11.92
CA ILE A 1150 3.96 14.99 11.02
C ILE A 1150 2.68 14.96 11.84
N VAL A 1151 1.63 15.60 11.33
CA VAL A 1151 0.32 15.53 11.95
C VAL A 1151 -0.73 15.21 10.89
N GLY A 1152 -1.10 13.93 10.79
CA GLY A 1152 -2.11 13.55 9.83
C GLY A 1152 -3.49 14.03 10.26
N ALA A 1153 -4.46 13.84 9.38
CA ALA A 1153 -5.83 14.26 9.65
C ALA A 1153 -6.76 13.06 9.63
N ARG A 1154 -8.01 13.30 10.02
CA ARG A 1154 -8.99 12.23 10.12
C ARG A 1154 -9.49 11.85 8.73
N GLU A 1155 -9.18 10.61 8.32
CA GLU A 1155 -9.33 10.21 6.93
C GLU A 1155 -10.53 9.31 6.66
N TYR A 1156 -11.10 8.67 7.68
CA TYR A 1156 -12.26 7.80 7.49
C TYR A 1156 -13.52 8.62 7.70
N ILE A 1157 -14.22 8.94 6.60
CA ILE A 1157 -15.36 9.83 6.61
C ILE A 1157 -16.64 9.00 6.65
N PHE A 1158 -17.47 9.24 7.66
CA PHE A 1158 -18.72 8.51 7.83
C PHE A 1158 -19.72 8.89 6.73
N VAL A 1168 -36.86 -5.40 15.83
CA VAL A 1168 -35.59 -5.25 16.51
C VAL A 1168 -34.78 -4.13 15.86
N ALA A 1169 -35.37 -2.94 15.80
CA ALA A 1169 -34.71 -1.81 15.16
C ALA A 1169 -33.45 -1.40 15.91
N ALA A 1170 -33.52 -1.35 17.24
CA ALA A 1170 -32.36 -0.95 18.03
C ALA A 1170 -31.20 -1.91 17.86
N GLY A 1171 -31.48 -3.21 17.87
CA GLY A 1171 -30.44 -4.19 17.66
C GLY A 1171 -29.83 -4.10 16.27
N LYS A 1172 -30.66 -3.88 15.26
CA LYS A 1172 -30.15 -3.72 13.89
C LYS A 1172 -29.26 -2.49 13.79
N GLU A 1173 -29.66 -1.38 14.43
CA GLU A 1173 -28.83 -0.18 14.40
C GLU A 1173 -27.50 -0.41 15.12
N GLN A 1174 -27.53 -1.09 16.27
CA GLN A 1174 -26.29 -1.38 16.98
C GLN A 1174 -25.38 -2.28 16.16
N THR A 1175 -25.95 -3.30 15.51
CA THR A 1175 -25.14 -4.19 14.68
C THR A 1175 -24.56 -3.45 13.48
N PHE A 1176 -25.34 -2.53 12.89
CA PHE A 1176 -24.82 -1.73 11.79
C PHE A 1176 -23.68 -0.83 12.23
N GLY A 1177 -23.81 -0.22 13.42
CA GLY A 1177 -22.72 0.57 13.95
C GLY A 1177 -21.47 -0.25 14.19
N THR A 1178 -21.63 -1.45 14.75
CA THR A 1178 -20.49 -2.34 14.98
C THR A 1178 -19.84 -2.74 13.66
N LEU A 1179 -20.66 -3.02 12.63
CA LEU A 1179 -20.11 -3.38 11.33
C LEU A 1179 -19.34 -2.22 10.72
N PHE A 1180 -19.87 -1.00 10.84
CA PHE A 1180 -19.13 0.17 10.37
C PHE A 1180 -17.83 0.35 11.12
N ALA A 1181 -17.83 0.14 12.44
CA ALA A 1181 -16.61 0.23 13.22
C ALA A 1181 -15.59 -0.81 12.77
N ARG A 1182 -16.05 -2.03 12.51
CA ARG A 1182 -15.15 -3.08 12.03
C ARG A 1182 -14.57 -2.73 10.66
N THR A 1183 -15.39 -2.15 9.79
CA THR A 1183 -14.89 -1.72 8.48
C THR A 1183 -13.85 -0.62 8.63
N LEU A 1184 -14.09 0.32 9.55
CA LEU A 1184 -13.13 1.40 9.77
C LEU A 1184 -11.83 0.87 10.35
N SER A 1185 -11.91 -0.09 11.28
CA SER A 1185 -10.71 -0.58 11.94
C SER A 1185 -9.83 -1.38 10.99
N GLN A 1186 -10.40 -1.83 9.87
CA GLN A 1186 -9.57 -2.44 8.82
C GLN A 1186 -8.59 -1.43 8.25
N ILE A 1187 -9.04 -0.20 8.03
CA ILE A 1187 -8.18 0.88 7.57
C ILE A 1187 -7.97 1.95 8.64
N GLY A 1188 -8.22 1.61 9.90
CA GLY A 1188 -7.94 2.56 10.97
C GLY A 1188 -6.46 2.89 11.08
N GLY A 1189 -5.61 1.93 10.71
CA GLY A 1189 -4.18 2.17 10.68
C GLY A 1189 -3.52 1.72 9.40
N LYS A 1190 -4.26 0.99 8.56
CA LYS A 1190 -3.68 0.46 7.32
C LYS A 1190 -3.24 1.59 6.39
N LEU A 1191 -4.14 2.53 6.13
CA LEU A 1191 -3.83 3.68 5.29
C LEU A 1191 -3.36 4.89 6.11
N HIS A 1192 -3.21 4.74 7.42
CA HIS A 1192 -2.82 5.85 8.30
C HIS A 1192 -1.52 5.47 9.01
N TYR A 1193 -0.40 5.68 8.33
CA TYR A 1193 0.91 5.57 8.96
C TYR A 1193 1.70 6.86 8.79
N GLY A 1194 1.75 7.36 7.56
CA GLY A 1194 2.60 8.50 7.25
C GLY A 1194 2.01 9.47 6.26
N HIS A 1195 0.72 9.34 5.97
CA HIS A 1195 -0.01 10.30 5.13
C HIS A 1195 0.10 11.70 5.73
N PRO A 1196 0.90 12.58 5.14
CA PRO A 1196 1.20 13.86 5.78
C PRO A 1196 0.26 14.97 5.36
N ASP A 1197 -0.18 15.74 6.34
CA ASP A 1197 -0.94 16.95 6.07
C ASP A 1197 -0.20 18.19 6.53
N PHE A 1198 0.21 18.24 7.79
CA PHE A 1198 1.03 19.32 8.30
C PHE A 1198 2.44 18.79 8.57
N ILE A 1199 3.41 19.67 8.47
CA ILE A 1199 4.82 19.30 8.60
C ILE A 1199 5.53 20.33 9.47
N ASN A 1200 6.32 19.87 10.42
CA ASN A 1200 7.19 20.76 11.18
C ASN A 1200 8.36 21.12 10.29
N ALA A 1201 8.41 22.37 9.82
CA ALA A 1201 9.39 22.75 8.81
C ALA A 1201 10.80 22.69 9.34
N THR A 1202 11.02 23.24 10.53
CA THR A 1202 12.35 23.24 11.12
C THR A 1202 12.93 21.84 11.30
N PHE A 1203 12.10 20.88 11.72
CA PHE A 1203 12.54 19.51 11.89
C PHE A 1203 12.75 18.77 10.59
N MET A 1204 11.81 18.86 9.65
CA MET A 1204 11.85 18.05 8.45
C MET A 1204 12.58 18.72 7.29
N THR A 1205 13.14 19.90 7.50
CA THR A 1205 13.91 20.57 6.47
C THR A 1205 15.41 20.45 6.66
N THR A 1206 15.90 20.40 7.89
CA THR A 1206 17.32 20.24 8.14
C THR A 1206 17.78 18.80 8.05
N ARG A 1207 16.88 17.86 7.71
CA ARG A 1207 17.29 16.47 7.54
C ARG A 1207 16.46 15.87 6.40
N GLY A 1208 17.01 15.93 5.20
CA GLY A 1208 16.32 15.45 4.02
C GLY A 1208 15.48 16.54 3.39
N GLY A 1209 14.26 16.20 3.01
CA GLY A 1209 13.33 17.18 2.50
C GLY A 1209 11.93 16.87 2.98
N VAL A 1210 10.94 17.26 2.17
CA VAL A 1210 9.55 16.91 2.46
C VAL A 1210 9.13 15.62 1.78
N SER A 1211 9.83 15.19 0.73
CA SER A 1211 9.57 13.94 0.04
C SER A 1211 10.65 13.70 -1.00
N LYS A 1212 10.94 12.45 -1.35
CA LYS A 1212 12.01 12.14 -2.27
C LYS A 1212 11.53 11.14 -3.32
N ALA A 1213 12.05 11.29 -4.54
CA ALA A 1213 11.79 10.36 -5.62
C ALA A 1213 13.07 10.15 -6.40
N GLN A 1214 13.31 8.91 -6.82
CA GLN A 1214 14.51 8.56 -7.57
C GLN A 1214 14.25 7.27 -8.32
N LYS A 1215 15.01 7.05 -9.40
CA LYS A 1215 14.91 5.79 -10.13
C LYS A 1215 15.37 4.62 -9.27
N GLY A 1216 16.33 4.86 -8.37
CA GLY A 1216 16.80 3.84 -7.47
C GLY A 1216 15.77 3.40 -6.45
N LEU A 1217 15.40 4.30 -5.54
CA LEU A 1217 14.42 3.96 -4.51
C LEU A 1217 13.02 3.94 -5.09
N HIS A 1218 12.14 3.17 -4.44
CA HIS A 1218 10.75 3.09 -4.87
C HIS A 1218 9.90 2.68 -3.68
N LEU A 1219 9.35 3.66 -2.95
CA LEU A 1219 8.40 3.26 -1.93
C LEU A 1219 6.96 3.54 -2.30
N ASN A 1220 6.53 4.81 -2.23
CA ASN A 1220 5.19 5.16 -2.67
C ASN A 1220 5.10 6.61 -3.12
N GLU A 1221 6.22 7.34 -3.01
CA GLU A 1221 6.28 8.79 -3.23
C GLU A 1221 5.57 9.56 -2.11
N ASP A 1222 4.90 8.83 -1.23
CA ASP A 1222 4.09 9.47 -0.20
C ASP A 1222 4.29 8.86 1.18
N ILE A 1223 4.74 7.60 1.24
CA ILE A 1223 4.96 6.92 2.50
C ILE A 1223 6.42 6.92 2.91
N TYR A 1224 7.32 7.39 2.04
CA TYR A 1224 8.73 7.47 2.36
C TYR A 1224 9.03 8.51 3.43
N ALA A 1225 8.42 9.69 3.37
CA ALA A 1225 8.71 10.74 4.34
C ALA A 1225 8.28 10.33 5.74
N GLY A 1226 7.09 9.80 5.89
CA GLY A 1226 6.63 9.36 7.19
C GLY A 1226 7.38 8.19 7.77
N MET A 1227 7.85 7.27 6.93
CA MET A 1227 8.62 6.14 7.41
C MET A 1227 10.09 6.47 7.61
N ASN A 1228 10.55 7.59 7.06
CA ASN A 1228 11.93 8.03 7.28
C ASN A 1228 12.07 9.06 8.39
N ALA A 1229 11.00 9.78 8.74
CA ALA A 1229 11.05 10.68 9.88
C ALA A 1229 10.77 9.99 11.20
N MET A 1230 10.39 8.72 11.19
CA MET A 1230 10.17 7.97 12.41
C MET A 1230 11.44 7.36 12.96
N LEU A 1231 12.40 7.01 12.11
CA LEU A 1231 13.62 6.39 12.56
C LEU A 1231 14.80 7.35 12.55
N ARG A 1232 14.54 8.66 12.43
CA ARG A 1232 15.52 9.68 12.77
C ARG A 1232 15.32 10.27 14.14
N GLY A 1233 14.15 10.07 14.76
CA GLY A 1233 13.91 10.54 16.10
C GLY A 1233 12.54 11.11 16.36
N GLY A 1234 11.85 11.56 15.32
CA GLY A 1234 10.60 12.27 15.51
C GLY A 1234 9.45 11.35 15.86
N ARG A 1235 8.30 11.96 16.08
CA ARG A 1235 7.05 11.27 16.37
C ARG A 1235 6.04 11.57 15.29
N ILE A 1236 4.94 10.81 15.31
CA ILE A 1236 3.85 11.01 14.35
C ILE A 1236 2.53 10.84 15.09
N LYS A 1237 1.82 11.94 15.32
CA LYS A 1237 0.49 11.88 15.88
C LYS A 1237 -0.51 12.38 14.86
N HIS A 1238 -1.78 12.47 15.25
CA HIS A 1238 -2.80 12.94 14.32
C HIS A 1238 -4.04 13.39 15.08
N CYS A 1239 -4.65 14.46 14.61
CA CYS A 1239 -5.90 14.96 15.17
C CYS A 1239 -7.07 14.25 14.51
N GLU A 1240 -8.23 14.34 15.17
CA GLU A 1240 -9.44 13.65 14.72
C GLU A 1240 -10.62 14.61 14.65
N TYR A 1241 -10.34 15.90 14.59
CA TYR A 1241 -11.41 16.89 14.45
C TYR A 1241 -11.11 17.82 13.27
N TYR A 1242 -10.49 17.27 12.23
CA TYR A 1242 -10.18 18.05 11.03
C TYR A 1242 -10.51 17.22 9.81
N GLN A 1243 -11.19 17.82 8.85
CA GLN A 1243 -11.58 17.16 7.61
C GLN A 1243 -10.52 17.45 6.56
N CYS A 1244 -9.87 16.40 6.06
CA CYS A 1244 -8.79 16.59 5.11
C CYS A 1244 -9.29 17.26 3.83
N GLY A 1245 -10.33 16.71 3.23
CA GLY A 1245 -10.87 17.25 2.00
C GLY A 1245 -10.41 16.56 0.73
N LYS A 1246 -9.69 15.44 0.84
CA LYS A 1246 -9.19 14.73 -0.33
C LYS A 1246 -10.31 14.22 -1.22
N GLY A 1267 3.92 -7.15 -3.64
CA GLY A 1267 4.40 -5.79 -3.50
C GLY A 1267 5.76 -5.56 -4.13
N GLU A 1268 6.06 -4.30 -4.45
CA GLU A 1268 7.32 -3.92 -5.07
C GLU A 1268 8.24 -3.14 -4.16
N GLN A 1269 7.81 -2.82 -2.93
CA GLN A 1269 8.62 -2.10 -1.98
C GLN A 1269 9.11 -2.99 -0.85
N MET A 1270 8.84 -4.28 -0.92
CA MET A 1270 9.44 -5.24 -0.01
C MET A 1270 10.95 -5.32 -0.14
N LEU A 1271 11.50 -4.81 -1.25
CA LEU A 1271 12.92 -4.85 -1.53
C LEU A 1271 13.64 -3.61 -1.02
N SER A 1272 12.91 -2.73 -0.33
CA SER A 1272 13.46 -1.46 0.09
C SER A 1272 14.58 -1.64 1.11
N ARG A 1273 15.26 -0.55 1.42
CA ARG A 1273 16.30 -0.55 2.43
C ARG A 1273 15.80 -0.09 3.79
N GLU A 1274 14.54 0.29 3.90
CA GLU A 1274 14.03 0.76 5.19
C GLU A 1274 13.24 -0.32 5.90
N TYR A 1275 12.62 -1.24 5.18
CA TYR A 1275 12.12 -2.45 5.83
C TYR A 1275 13.25 -3.20 6.52
N TYR A 1276 14.44 -3.18 5.93
CA TYR A 1276 15.58 -3.85 6.56
C TYR A 1276 15.98 -3.18 7.86
N TYR A 1277 15.91 -1.84 7.92
CA TYR A 1277 16.25 -1.14 9.15
C TYR A 1277 15.16 -1.24 10.21
N LEU A 1278 13.90 -1.35 9.79
CA LEU A 1278 12.79 -1.44 10.74
C LEU A 1278 12.62 -2.83 11.30
N GLY A 1279 12.42 -3.83 10.44
CA GLY A 1279 12.11 -5.16 10.90
C GLY A 1279 13.25 -5.90 11.56
N THR A 1280 14.45 -5.33 11.55
CA THR A 1280 15.59 -5.96 12.20
C THR A 1280 15.95 -5.26 13.51
N GLN A 1281 15.32 -4.13 13.82
CA GLN A 1281 15.76 -3.36 14.98
C GLN A 1281 14.62 -2.89 15.88
N LEU A 1282 13.39 -2.86 15.40
CA LEU A 1282 12.29 -2.40 16.24
C LEU A 1282 12.08 -3.36 17.41
N PRO A 1283 11.59 -2.85 18.55
CA PRO A 1283 11.17 -3.75 19.63
C PRO A 1283 9.95 -4.55 19.21
N VAL A 1284 9.53 -5.47 20.09
CA VAL A 1284 8.60 -6.52 19.68
C VAL A 1284 7.21 -5.96 19.41
N ASP A 1285 6.67 -5.18 20.35
CA ASP A 1285 5.30 -4.69 20.17
C ASP A 1285 5.20 -3.77 18.96
N ARG A 1286 6.18 -2.86 18.81
CA ARG A 1286 6.20 -2.01 17.64
C ARG A 1286 6.37 -2.79 16.35
N PHE A 1287 7.20 -3.84 16.35
CA PHE A 1287 7.38 -4.64 15.15
C PHE A 1287 6.10 -5.36 14.76
N LEU A 1288 5.40 -5.93 15.73
CA LEU A 1288 4.16 -6.61 15.41
C LEU A 1288 3.12 -5.64 14.88
N THR A 1289 3.01 -4.46 15.51
CA THR A 1289 2.06 -3.45 15.04
C THR A 1289 2.38 -3.00 13.63
N PHE A 1290 3.67 -2.81 13.31
CA PHE A 1290 4.08 -2.44 11.97
C PHE A 1290 3.86 -3.55 10.96
N TYR A 1291 4.13 -4.81 11.32
CA TYR A 1291 4.00 -5.91 10.38
C TYR A 1291 2.58 -6.23 10.04
N TYR A 1292 1.68 -6.27 11.01
CA TYR A 1292 0.32 -6.72 10.73
C TYR A 1292 -0.54 -5.65 10.09
N ALA A 1293 0.05 -4.55 9.64
CA ALA A 1293 -0.71 -3.54 8.91
C ALA A 1293 -0.30 -3.37 7.47
N HIS A 1294 0.95 -2.98 7.20
CA HIS A 1294 1.36 -2.79 5.81
C HIS A 1294 1.77 -4.09 5.12
N PRO A 1295 2.80 -4.81 5.58
CA PRO A 1295 3.24 -6.00 4.81
C PRO A 1295 2.35 -7.20 5.05
N GLY A 1296 1.81 -7.34 6.25
CA GLY A 1296 0.97 -8.49 6.56
C GLY A 1296 -0.28 -8.56 5.74
N PHE A 1297 -0.91 -7.42 5.45
CA PHE A 1297 -2.10 -7.43 4.63
C PHE A 1297 -1.82 -7.89 3.20
N HIS A 1298 -0.71 -7.45 2.60
CA HIS A 1298 -0.36 -7.92 1.28
C HIS A 1298 0.08 -9.37 1.28
N LEU A 1299 0.70 -9.83 2.37
CA LEU A 1299 1.21 -11.19 2.42
C LEU A 1299 0.15 -12.19 2.83
N ASN A 1300 -0.98 -11.71 3.34
CA ASN A 1300 -2.14 -12.54 3.62
C ASN A 1300 -2.91 -12.92 2.38
N ASN A 1301 -3.11 -12.00 1.44
CA ASN A 1301 -3.83 -12.30 0.22
C ASN A 1301 -3.10 -13.31 -0.66
N LEU A 1302 -1.83 -13.57 -0.38
CA LEU A 1302 -1.09 -14.61 -1.07
C LEU A 1302 -1.24 -15.98 -0.42
N PHE A 1303 -1.50 -16.03 0.89
CA PHE A 1303 -1.76 -17.30 1.55
C PHE A 1303 -3.16 -17.82 1.29
N ILE A 1304 -4.16 -16.94 1.19
CA ILE A 1304 -5.51 -17.40 0.89
C ILE A 1304 -5.55 -18.08 -0.46
N GLN A 1305 -4.95 -17.47 -1.48
CA GLN A 1305 -4.91 -18.06 -2.81
C GLN A 1305 -4.02 -19.28 -2.89
N LEU A 1306 -2.97 -19.34 -2.09
CA LEU A 1306 -2.08 -20.49 -2.07
C LEU A 1306 -2.65 -21.66 -1.29
N SER A 1307 -3.59 -21.42 -0.38
CA SER A 1307 -4.23 -22.45 0.41
C SER A 1307 -5.53 -22.95 -0.20
N LEU A 1308 -5.87 -22.50 -1.39
CA LEU A 1308 -7.00 -23.03 -2.13
C LEU A 1308 -6.57 -23.86 -3.32
N GLN A 1309 -5.30 -23.77 -3.72
CA GLN A 1309 -4.75 -24.66 -4.72
C GLN A 1309 -4.15 -25.91 -4.13
N MET A 1310 -3.70 -25.86 -2.87
CA MET A 1310 -3.30 -27.08 -2.18
C MET A 1310 -4.49 -27.93 -1.79
N PHE A 1311 -5.66 -27.33 -1.62
CA PHE A 1311 -6.86 -28.08 -1.30
C PHE A 1311 -7.41 -28.84 -2.50
N MET A 1312 -7.39 -28.25 -3.69
CA MET A 1312 -7.85 -28.96 -4.87
C MET A 1312 -6.91 -30.11 -5.23
N LEU A 1313 -5.66 -30.07 -4.78
CA LEU A 1313 -4.73 -31.15 -5.05
C LEU A 1313 -4.86 -32.28 -4.05
N THR A 1314 -5.32 -32.01 -2.84
CA THR A 1314 -5.59 -33.09 -1.89
C THR A 1314 -7.00 -33.65 -2.03
N LEU A 1315 -7.95 -32.86 -2.52
CA LEU A 1315 -9.29 -33.39 -2.76
C LEU A 1315 -9.30 -34.47 -3.83
N VAL A 1316 -8.52 -34.28 -4.89
CA VAL A 1316 -8.42 -35.30 -5.93
C VAL A 1316 -7.85 -36.61 -5.40
N ASN A 1317 -6.78 -36.55 -4.61
CA ASN A 1317 -6.20 -37.75 -4.03
C ASN A 1317 -7.08 -38.41 -2.99
N LEU A 1318 -7.81 -37.63 -2.20
CA LEU A 1318 -8.67 -38.18 -1.16
C LEU A 1318 -10.03 -38.64 -1.67
N SER A 1319 -10.45 -38.18 -2.86
CA SER A 1319 -11.68 -38.67 -3.46
C SER A 1319 -11.43 -39.79 -4.45
N SER A 1320 -10.20 -39.98 -4.90
CA SER A 1320 -9.82 -41.15 -5.67
C SER A 1320 -9.46 -42.32 -4.78
N LEU A 1321 -9.45 -42.12 -3.47
CA LEU A 1321 -9.23 -43.18 -2.50
C LEU A 1321 -10.51 -43.64 -1.83
N ALA A 1322 -11.52 -42.79 -1.77
CA ALA A 1322 -12.83 -43.16 -1.24
C ALA A 1322 -13.72 -43.79 -2.29
N HIS A 1323 -13.32 -43.78 -3.55
CA HIS A 1323 -14.07 -44.40 -4.63
C HIS A 1323 -13.73 -45.86 -4.83
N GLU A 1324 -12.71 -46.36 -4.12
CA GLU A 1324 -12.26 -47.75 -4.25
C GLU A 1324 -12.06 -48.38 -2.89
N SER A 1325 -13.06 -48.22 -2.01
CA SER A 1325 -12.96 -48.73 -0.66
C SER A 1325 -14.35 -49.10 -0.16
N ILE A 1326 -14.38 -49.76 1.00
CA ILE A 1326 -15.62 -50.28 1.55
C ILE A 1326 -16.12 -49.46 2.74
N MET A 1327 -15.22 -48.85 3.51
CA MET A 1327 -15.49 -47.71 4.37
C MET A 1327 -16.14 -48.03 5.72
N CYS A 1328 -16.39 -49.30 6.04
CA CYS A 1328 -16.66 -49.69 7.43
C CYS A 1328 -17.70 -48.83 8.12
N ILE A 1329 -18.97 -48.94 7.74
CA ILE A 1329 -20.04 -48.00 8.09
C ILE A 1329 -19.92 -47.47 9.51
N TYR A 1330 -20.10 -46.16 9.66
CA TYR A 1330 -19.66 -45.40 10.82
C TYR A 1330 -20.69 -44.34 11.15
N ASP A 1331 -21.12 -44.30 12.42
CA ASP A 1331 -22.12 -43.35 12.88
C ASP A 1331 -21.46 -42.31 13.78
N ARG A 1332 -21.87 -41.06 13.67
CA ARG A 1332 -21.27 -39.97 14.43
C ARG A 1332 -21.99 -39.71 15.75
N ASN A 1333 -22.30 -40.76 16.51
CA ASN A 1333 -22.79 -40.60 17.87
C ASN A 1333 -21.94 -41.30 18.91
N LYS A 1334 -21.72 -42.61 18.75
CA LYS A 1334 -20.94 -43.42 19.69
C LYS A 1334 -20.58 -44.74 19.03
N PRO A 1335 -19.76 -44.74 17.97
CA PRO A 1335 -19.51 -45.98 17.20
C PRO A 1335 -18.37 -46.81 17.77
N LYS A 1336 -18.54 -47.27 19.01
CA LYS A 1336 -17.51 -48.04 19.69
C LYS A 1336 -17.76 -49.54 19.65
N THR A 1337 -18.55 -50.01 18.68
CA THR A 1337 -18.66 -51.44 18.39
C THR A 1337 -17.40 -51.84 17.62
N ASP A 1338 -16.34 -52.09 18.38
CA ASP A 1338 -15.01 -52.27 17.80
C ASP A 1338 -14.88 -53.64 17.16
N VAL A 1339 -15.75 -53.92 16.18
CA VAL A 1339 -15.60 -55.10 15.34
C VAL A 1339 -15.51 -54.76 13.87
N LEU A 1340 -15.78 -53.51 13.48
CA LEU A 1340 -15.69 -53.07 12.09
C LEU A 1340 -16.60 -53.93 11.20
N VAL A 1341 -17.90 -53.76 11.44
CA VAL A 1341 -18.95 -54.71 11.08
C VAL A 1341 -18.87 -55.26 9.65
N PRO A 1342 -18.39 -54.53 8.63
CA PRO A 1342 -18.19 -55.19 7.33
C PRO A 1342 -16.99 -56.13 7.32
N ILE A 1343 -16.36 -56.38 8.47
CA ILE A 1343 -15.30 -57.36 8.72
C ILE A 1343 -14.32 -57.52 7.57
N GLY A 1344 -13.10 -57.01 7.76
CA GLY A 1344 -12.09 -57.03 6.72
C GLY A 1344 -11.90 -55.71 6.01
N CYS A 1345 -12.74 -54.73 6.30
CA CYS A 1345 -12.64 -53.42 5.68
C CYS A 1345 -11.73 -52.51 6.49
N TYR A 1346 -11.41 -51.36 5.90
CA TYR A 1346 -10.62 -50.31 6.52
C TYR A 1346 -11.40 -49.00 6.49
N ASN A 1347 -11.53 -48.37 7.64
CA ASN A 1347 -12.42 -47.22 7.81
C ASN A 1347 -11.69 -45.93 7.48
N PHE A 1348 -12.27 -45.17 6.56
CA PHE A 1348 -11.73 -43.88 6.16
C PHE A 1348 -12.73 -42.75 6.38
N GLN A 1349 -13.83 -43.03 7.07
CA GLN A 1349 -14.82 -41.99 7.36
C GLN A 1349 -14.25 -40.81 8.12
N PRO A 1350 -13.45 -40.98 9.18
CA PRO A 1350 -12.85 -39.79 9.82
C PRO A 1350 -11.96 -39.00 8.89
N ALA A 1351 -11.24 -39.66 7.99
CA ALA A 1351 -10.40 -38.93 7.05
C ALA A 1351 -11.24 -38.14 6.05
N VAL A 1352 -12.28 -38.76 5.51
CA VAL A 1352 -13.18 -38.06 4.59
C VAL A 1352 -13.93 -36.93 5.27
N ASP A 1353 -14.18 -37.03 6.57
CA ASP A 1353 -14.86 -35.97 7.31
C ASP A 1353 -14.02 -34.70 7.42
N TRP A 1354 -12.73 -34.76 7.11
CA TRP A 1354 -11.88 -33.59 7.19
C TRP A 1354 -12.27 -32.51 6.20
N VAL A 1355 -12.87 -32.88 5.07
CA VAL A 1355 -13.31 -31.88 4.10
C VAL A 1355 -14.42 -31.00 4.66
N ARG A 1356 -15.31 -31.55 5.47
CA ARG A 1356 -16.40 -30.78 6.06
C ARG A 1356 -15.93 -29.72 7.03
N ARG A 1357 -14.79 -29.94 7.69
CA ARG A 1357 -14.28 -29.01 8.68
C ARG A 1357 -13.30 -28.01 8.09
N TYR A 1358 -12.97 -28.12 6.81
CA TYR A 1358 -12.12 -27.14 6.14
C TYR A 1358 -12.90 -26.09 5.38
N THR A 1359 -13.99 -26.47 4.71
CA THR A 1359 -14.84 -25.49 4.06
C THR A 1359 -15.51 -24.56 5.05
N LEU A 1360 -15.79 -25.04 6.25
CA LEU A 1360 -16.34 -24.20 7.30
C LEU A 1360 -15.37 -23.12 7.76
N SER A 1361 -14.07 -23.43 7.82
CA SER A 1361 -13.10 -22.48 8.33
C SER A 1361 -12.44 -21.65 7.24
N ILE A 1362 -12.55 -22.05 5.98
CA ILE A 1362 -12.03 -21.20 4.91
C ILE A 1362 -13.01 -20.11 4.52
N PHE A 1363 -14.29 -20.22 4.90
CA PHE A 1363 -15.24 -19.15 4.66
C PHE A 1363 -15.41 -18.21 5.84
N ILE A 1364 -15.08 -18.65 7.05
CA ILE A 1364 -15.02 -17.69 8.16
C ILE A 1364 -13.94 -16.65 7.93
N VAL A 1365 -12.76 -17.07 7.45
CA VAL A 1365 -11.68 -16.12 7.16
C VAL A 1365 -11.99 -15.29 5.93
N PHE A 1366 -13.10 -15.57 5.27
CA PHE A 1366 -13.50 -14.79 4.10
C PHE A 1366 -14.60 -13.79 4.48
N TRP A 1367 -15.51 -14.21 5.36
CA TRP A 1367 -16.60 -13.36 5.81
C TRP A 1367 -16.20 -12.45 6.96
N ILE A 1368 -14.91 -12.23 7.18
CA ILE A 1368 -14.49 -11.31 8.23
C ILE A 1368 -13.40 -10.40 7.70
N ALA A 1369 -12.85 -10.72 6.53
CA ALA A 1369 -11.70 -9.99 6.03
C ALA A 1369 -11.88 -9.51 4.60
N PHE A 1370 -13.00 -9.87 3.96
CA PHE A 1370 -13.29 -9.37 2.62
C PHE A 1370 -14.69 -8.81 2.51
N VAL A 1371 -15.63 -9.30 3.31
CA VAL A 1371 -17.00 -8.79 3.23
C VAL A 1371 -17.14 -7.43 3.89
N PRO A 1372 -16.45 -7.08 4.99
CA PRO A 1372 -16.74 -5.77 5.60
C PRO A 1372 -16.44 -4.60 4.70
N ILE A 1373 -15.72 -4.80 3.60
CA ILE A 1373 -15.42 -3.71 2.67
C ILE A 1373 -16.63 -3.47 1.77
N VAL A 1374 -17.61 -4.38 1.79
CA VAL A 1374 -18.82 -4.14 1.01
C VAL A 1374 -19.57 -2.95 1.58
N VAL A 1375 -19.52 -2.78 2.91
CA VAL A 1375 -20.12 -1.60 3.51
C VAL A 1375 -19.43 -0.34 3.00
N GLN A 1376 -18.10 -0.34 2.97
CA GLN A 1376 -17.36 0.83 2.55
C GLN A 1376 -17.65 1.17 1.09
N GLU A 1377 -17.75 0.17 0.23
CA GLU A 1377 -17.92 0.40 -1.20
C GLU A 1377 -19.38 0.29 -1.64
N LEU A 1378 -20.32 0.16 -0.71
CA LEU A 1378 -21.73 0.10 -1.04
C LEU A 1378 -22.55 1.00 -0.12
N ILE A 1379 -21.87 1.87 0.63
CA ILE A 1379 -22.56 2.83 1.49
C ILE A 1379 -23.36 3.85 0.70
N GLU A 1380 -23.27 3.83 -0.64
CA GLU A 1380 -24.04 4.76 -1.46
C GLU A 1380 -25.53 4.63 -1.19
N ARG A 1381 -26.10 3.46 -1.45
CA ARG A 1381 -27.46 3.16 -1.06
C ARG A 1381 -27.50 1.71 -0.60
N GLY A 1382 -28.55 1.36 0.12
CA GLY A 1382 -28.64 0.02 0.65
C GLY A 1382 -29.33 -0.07 2.00
N LEU A 1383 -29.63 1.08 2.62
CA LEU A 1383 -30.53 1.05 3.78
C LEU A 1383 -31.92 0.58 3.35
N TRP A 1384 -32.46 1.19 2.30
CA TRP A 1384 -33.75 0.76 1.77
C TRP A 1384 -33.67 -0.62 1.14
N LYS A 1385 -32.55 -0.95 0.51
CA LYS A 1385 -32.38 -2.29 -0.04
C LYS A 1385 -32.38 -3.34 1.07
N ALA A 1386 -31.71 -3.05 2.18
CA ALA A 1386 -31.73 -3.96 3.33
C ALA A 1386 -33.11 -4.07 3.94
N THR A 1387 -33.84 -2.95 4.04
CA THR A 1387 -35.20 -2.99 4.54
C THR A 1387 -36.08 -3.86 3.66
N GLN A 1388 -35.97 -3.69 2.35
CA GLN A 1388 -36.76 -4.50 1.41
C GLN A 1388 -36.38 -5.97 1.48
N ARG A 1389 -35.08 -6.27 1.61
CA ARG A 1389 -34.65 -7.67 1.72
C ARG A 1389 -35.19 -8.30 3.00
N PHE A 1390 -35.15 -7.56 4.11
CA PHE A 1390 -35.69 -8.05 5.37
C PHE A 1390 -37.19 -8.28 5.25
N PHE A 1391 -37.90 -7.38 4.56
CA PHE A 1391 -39.32 -7.56 4.32
C PHE A 1391 -39.61 -8.80 3.47
N CYS A 1392 -38.78 -9.07 2.47
CA CYS A 1392 -39.00 -10.21 1.59
C CYS A 1392 -38.39 -11.50 2.12
N HIS A 1393 -37.75 -11.48 3.30
CA HIS A 1393 -37.17 -12.67 3.89
C HIS A 1393 -37.48 -12.73 5.38
N LEU A 1394 -38.67 -12.25 5.77
CA LEU A 1394 -39.06 -12.27 7.17
C LEU A 1394 -39.39 -13.69 7.64
N LEU A 1395 -39.90 -14.53 6.74
CA LEU A 1395 -40.24 -15.90 7.06
C LEU A 1395 -39.68 -16.87 6.02
N SER A 1396 -38.56 -16.52 5.40
CA SER A 1396 -37.94 -17.34 4.38
C SER A 1396 -37.11 -18.46 4.99
N LEU A 1397 -36.26 -19.10 4.19
CA LEU A 1397 -35.47 -20.23 4.65
C LEU A 1397 -34.49 -19.86 5.75
N SER A 1398 -34.43 -18.59 6.15
CA SER A 1398 -33.62 -18.11 7.27
C SER A 1398 -32.13 -18.34 7.02
N PRO A 1399 -31.49 -19.20 7.81
CA PRO A 1399 -30.04 -19.42 7.61
C PRO A 1399 -29.68 -19.91 6.22
N MET A 1400 -30.50 -20.79 5.65
CA MET A 1400 -30.22 -21.28 4.29
C MET A 1400 -30.32 -20.15 3.28
N PHE A 1401 -31.35 -19.30 3.41
CA PHE A 1401 -31.49 -18.17 2.50
C PHE A 1401 -30.32 -17.20 2.63
N GLU A 1402 -29.90 -16.90 3.87
CA GLU A 1402 -28.76 -16.00 4.06
C GLU A 1402 -27.48 -16.59 3.48
N VAL A 1403 -27.27 -17.89 3.69
CA VAL A 1403 -26.09 -18.55 3.16
C VAL A 1403 -26.09 -18.50 1.63
N PHE A 1404 -27.22 -18.81 1.00
CA PHE A 1404 -27.31 -18.74 -0.45
C PHE A 1404 -27.15 -17.31 -0.97
N ALA A 1405 -27.59 -16.31 -0.21
CA ALA A 1405 -27.37 -14.91 -0.56
C ALA A 1405 -25.95 -14.46 -0.30
N GLY A 1406 -25.17 -15.24 0.44
CA GLY A 1406 -23.77 -14.90 0.68
C GLY A 1406 -22.86 -15.29 -0.47
N GLN A 1407 -23.38 -15.18 -1.70
CA GLN A 1407 -22.59 -15.42 -2.90
C GLN A 1407 -22.47 -14.19 -3.79
N ILE A 1408 -23.37 -13.22 -3.64
CA ILE A 1408 -23.34 -12.04 -4.49
C ILE A 1408 -22.24 -11.07 -4.06
N TYR A 1409 -21.77 -11.20 -2.82
CA TYR A 1409 -20.68 -10.35 -2.34
C TYR A 1409 -19.41 -10.56 -3.15
N SER A 1410 -19.08 -11.82 -3.45
CA SER A 1410 -17.89 -12.10 -4.25
C SER A 1410 -18.01 -11.48 -5.64
N SER A 1411 -19.19 -11.61 -6.26
CA SER A 1411 -19.40 -11.03 -7.58
C SER A 1411 -19.29 -9.51 -7.53
N ALA A 1412 -19.89 -8.89 -6.52
CA ALA A 1412 -19.81 -7.43 -6.40
C ALA A 1412 -18.37 -6.97 -6.26
N LEU A 1413 -17.61 -7.61 -5.37
CA LEU A 1413 -16.22 -7.22 -5.17
C LEU A 1413 -15.40 -7.43 -6.43
N LEU A 1414 -15.57 -8.57 -7.09
CA LEU A 1414 -14.80 -8.86 -8.30
C LEU A 1414 -15.10 -7.85 -9.40
N SER A 1415 -16.38 -7.54 -9.61
CA SER A 1415 -16.74 -6.61 -10.66
C SER A 1415 -16.29 -5.19 -10.33
N ASP A 1416 -16.38 -4.79 -9.06
CA ASP A 1416 -15.93 -3.48 -8.64
C ASP A 1416 -14.41 -3.31 -8.76
N LEU A 1417 -13.64 -4.36 -8.48
CA LEU A 1417 -12.20 -4.31 -8.69
C LEU A 1417 -11.81 -4.59 -10.14
N ALA A 1418 -12.75 -5.01 -10.97
CA ALA A 1418 -12.48 -5.26 -12.37
C ALA A 1418 -12.35 -3.95 -13.15
N ILE A 1436 -18.93 -3.20 -23.74
CA ILE A 1436 -17.51 -3.50 -23.94
C ILE A 1436 -17.37 -4.74 -24.81
N PRO A 1437 -16.51 -4.67 -25.82
CA PRO A 1437 -16.34 -5.83 -26.72
C PRO A 1437 -15.84 -7.06 -25.97
N PHE A 1438 -16.36 -8.21 -26.40
CA PHE A 1438 -15.99 -9.48 -25.79
C PHE A 1438 -14.49 -9.72 -25.89
N SER A 1439 -13.89 -9.36 -27.03
CA SER A 1439 -12.46 -9.60 -27.22
C SER A 1439 -11.63 -8.92 -26.14
N ILE A 1440 -11.82 -7.61 -25.97
CA ILE A 1440 -11.05 -6.88 -24.98
C ILE A 1440 -11.39 -7.36 -23.57
N LEU A 1441 -12.68 -7.55 -23.30
CA LEU A 1441 -13.09 -7.90 -21.94
C LEU A 1441 -12.50 -9.25 -21.52
N TYR A 1442 -12.55 -10.24 -22.40
CA TYR A 1442 -11.99 -11.54 -22.13
C TYR A 1442 -10.46 -11.54 -22.13
N SER A 1443 -9.82 -10.75 -22.98
CA SER A 1443 -8.36 -10.72 -23.02
C SER A 1443 -7.75 -9.96 -21.86
N ARG A 1444 -8.49 -9.08 -21.20
CA ARG A 1444 -7.96 -8.36 -20.06
C ARG A 1444 -7.89 -9.21 -18.80
N PHE A 1445 -8.65 -10.30 -18.73
CA PHE A 1445 -8.74 -11.09 -17.52
C PHE A 1445 -8.10 -12.46 -17.67
N ALA A 1446 -8.04 -12.97 -18.90
CA ALA A 1446 -7.36 -14.24 -19.14
C ALA A 1446 -5.92 -14.15 -18.67
N GLY A 1447 -5.45 -15.23 -18.04
CA GLY A 1447 -4.13 -15.25 -17.45
C GLY A 1447 -4.07 -14.80 -16.01
N SER A 1448 -5.18 -14.30 -15.47
CA SER A 1448 -5.21 -13.92 -14.06
C SER A 1448 -6.39 -14.49 -13.28
N ALA A 1449 -7.54 -14.75 -13.90
CA ALA A 1449 -8.67 -15.31 -13.17
C ALA A 1449 -9.37 -16.42 -13.93
N ILE A 1450 -9.10 -16.56 -15.22
CA ILE A 1450 -9.81 -17.52 -16.05
C ILE A 1450 -9.00 -18.78 -16.30
N TYR A 1451 -7.74 -18.62 -16.70
CA TYR A 1451 -6.89 -19.78 -16.97
C TYR A 1451 -6.68 -20.61 -15.72
N MET A 1452 -6.67 -19.98 -14.55
CA MET A 1452 -6.68 -20.71 -13.29
C MET A 1452 -8.06 -21.26 -12.96
N GLY A 1453 -9.11 -20.52 -13.27
CA GLY A 1453 -10.46 -20.93 -12.96
C GLY A 1453 -10.87 -22.23 -13.64
N ALA A 1454 -10.56 -22.38 -14.92
CA ALA A 1454 -10.94 -23.61 -15.61
C ALA A 1454 -10.18 -24.81 -15.06
N ARG A 1455 -8.87 -24.67 -14.86
CA ARG A 1455 -8.06 -25.78 -14.37
C ARG A 1455 -8.43 -26.12 -12.93
N SER A 1456 -8.95 -25.17 -12.16
CA SER A 1456 -9.41 -25.47 -10.82
C SER A 1456 -10.87 -25.88 -10.78
N MET A 1457 -11.59 -25.74 -11.90
CA MET A 1457 -12.96 -26.21 -11.99
C MET A 1457 -13.07 -27.64 -12.46
N LEU A 1458 -12.19 -28.09 -13.35
CA LEU A 1458 -12.18 -29.50 -13.73
C LEU A 1458 -11.87 -30.43 -12.56
N MET A 1459 -10.89 -30.05 -11.74
CA MET A 1459 -10.50 -30.82 -10.58
C MET A 1459 -11.66 -30.95 -9.60
N LEU A 1460 -12.36 -29.86 -9.35
CA LEU A 1460 -13.53 -29.89 -8.48
C LEU A 1460 -14.66 -30.73 -9.07
N LEU A 1461 -14.85 -30.70 -10.39
CA LEU A 1461 -15.86 -31.57 -10.99
C LEU A 1461 -15.54 -33.04 -10.77
N PHE A 1462 -14.28 -33.42 -10.98
CA PHE A 1462 -13.92 -34.80 -10.70
C PHE A 1462 -14.16 -35.15 -9.24
N GLY A 1463 -13.78 -34.27 -8.33
CA GLY A 1463 -14.00 -34.54 -6.92
C GLY A 1463 -15.46 -34.66 -6.53
N THR A 1464 -16.32 -33.84 -7.13
CA THR A 1464 -17.74 -33.87 -6.79
C THR A 1464 -18.50 -34.96 -7.51
N VAL A 1465 -17.91 -35.55 -8.56
CA VAL A 1465 -18.52 -36.72 -9.19
C VAL A 1465 -18.07 -38.02 -8.53
N ALA A 1466 -16.82 -38.12 -8.10
CA ALA A 1466 -16.32 -39.38 -7.54
C ALA A 1466 -16.99 -39.75 -6.21
N HIS A 1467 -17.13 -38.81 -5.27
CA HIS A 1467 -17.67 -39.19 -3.97
C HIS A 1467 -18.82 -38.31 -3.47
N TRP A 1468 -18.85 -37.04 -3.88
CA TRP A 1468 -19.93 -36.13 -3.49
C TRP A 1468 -20.10 -35.99 -1.98
N GLN A 1469 -19.13 -35.36 -1.32
CA GLN A 1469 -19.38 -34.87 0.03
C GLN A 1469 -20.41 -33.75 -0.02
N ALA A 1470 -21.22 -33.68 1.04
CA ALA A 1470 -22.31 -32.71 1.10
C ALA A 1470 -21.85 -31.25 1.03
N PRO A 1471 -20.86 -30.82 1.84
CA PRO A 1471 -20.53 -29.39 1.84
C PRO A 1471 -19.52 -29.01 0.77
N LEU A 1472 -19.79 -29.44 -0.46
CA LEU A 1472 -18.90 -29.19 -1.57
C LEU A 1472 -19.44 -28.18 -2.57
N LEU A 1473 -20.74 -27.88 -2.53
CA LEU A 1473 -21.33 -26.94 -3.46
C LEU A 1473 -21.15 -25.50 -3.01
N TRP A 1474 -20.55 -25.27 -1.84
CA TRP A 1474 -20.16 -23.92 -1.47
C TRP A 1474 -18.92 -23.48 -2.22
N PHE A 1475 -18.25 -24.39 -2.92
CA PHE A 1475 -17.15 -24.01 -3.79
C PHE A 1475 -17.63 -23.75 -5.21
N TRP A 1476 -18.70 -24.43 -5.63
CA TRP A 1476 -19.23 -24.25 -6.96
C TRP A 1476 -19.68 -22.81 -7.17
N ALA A 1477 -20.40 -22.25 -6.19
CA ALA A 1477 -20.88 -20.89 -6.30
C ALA A 1477 -19.72 -19.90 -6.39
N SER A 1478 -18.70 -20.08 -5.55
CA SER A 1478 -17.59 -19.14 -5.51
C SER A 1478 -16.78 -19.21 -6.80
N LEU A 1479 -16.55 -20.41 -7.34
CA LEU A 1479 -15.78 -20.50 -8.57
C LEU A 1479 -16.60 -20.12 -9.80
N SER A 1480 -17.92 -20.23 -9.73
CA SER A 1480 -18.76 -19.85 -10.85
C SER A 1480 -19.12 -18.38 -10.86
N SER A 1481 -19.02 -17.70 -9.72
CA SER A 1481 -19.26 -16.27 -9.63
C SER A 1481 -17.97 -15.46 -9.76
N LEU A 1482 -16.87 -16.12 -10.08
CA LEU A 1482 -15.60 -15.44 -10.33
C LEU A 1482 -15.27 -15.33 -11.81
N ILE A 1483 -15.83 -16.21 -12.65
CA ILE A 1483 -15.63 -16.15 -14.09
C ILE A 1483 -16.88 -15.71 -14.83
N PHE A 1484 -17.96 -15.39 -14.13
CA PHE A 1484 -19.19 -14.90 -14.75
C PHE A 1484 -19.51 -13.47 -14.31
N ALA A 1485 -18.66 -12.86 -13.50
CA ALA A 1485 -18.93 -11.53 -12.98
C ALA A 1485 -18.70 -10.45 -14.03
N PRO A 1486 -17.56 -10.41 -14.72
CA PRO A 1486 -17.38 -9.36 -15.73
C PRO A 1486 -18.38 -9.44 -16.87
N PHE A 1487 -19.00 -10.60 -17.10
CA PHE A 1487 -19.90 -10.78 -18.22
C PHE A 1487 -21.37 -10.62 -17.84
N VAL A 1488 -21.65 -10.17 -16.62
CA VAL A 1488 -23.02 -9.92 -16.18
C VAL A 1488 -23.27 -8.46 -15.85
N PHE A 1489 -22.22 -7.66 -15.61
CA PHE A 1489 -22.36 -6.26 -15.27
C PHE A 1489 -21.93 -5.35 -16.43
N ASN A 1490 -22.25 -5.76 -17.65
CA ASN A 1490 -22.06 -4.89 -18.81
C ASN A 1490 -23.36 -4.17 -19.13
N PRO A 1491 -23.29 -2.96 -19.69
CA PRO A 1491 -24.51 -2.17 -19.90
C PRO A 1491 -25.55 -2.87 -20.76
N HIS A 1492 -25.18 -3.21 -22.00
CA HIS A 1492 -26.11 -3.81 -22.96
C HIS A 1492 -25.42 -5.04 -23.55
N GLN A 1493 -25.84 -6.23 -23.11
CA GLN A 1493 -25.23 -7.47 -23.56
C GLN A 1493 -26.24 -8.52 -24.00
N PHE A 1494 -27.44 -8.55 -23.43
CA PHE A 1494 -28.32 -9.71 -23.49
C PHE A 1494 -29.53 -9.52 -24.38
N ALA A 1495 -29.53 -8.53 -25.28
CA ALA A 1495 -30.83 -8.20 -25.84
C ALA A 1495 -31.25 -9.14 -26.98
N TRP A 1496 -30.73 -8.95 -28.20
CA TRP A 1496 -30.77 -10.04 -29.16
C TRP A 1496 -29.62 -10.01 -30.16
N GLU A 1497 -29.10 -8.82 -30.45
CA GLU A 1497 -28.29 -8.64 -31.66
C GLU A 1497 -26.95 -7.97 -31.42
N ASP A 1498 -26.85 -7.08 -30.43
CA ASP A 1498 -25.54 -6.62 -30.02
C ASP A 1498 -24.68 -7.81 -29.62
N PHE A 1499 -25.30 -8.85 -29.07
CA PHE A 1499 -24.61 -10.10 -28.77
C PHE A 1499 -24.00 -10.71 -30.03
N PHE A 1500 -24.76 -10.74 -31.12
CA PHE A 1500 -24.27 -11.43 -32.32
C PHE A 1500 -23.26 -10.58 -33.08
N LEU A 1501 -23.40 -9.26 -33.03
CA LEU A 1501 -22.31 -8.42 -33.53
C LEU A 1501 -21.05 -8.58 -32.71
N ASP A 1502 -21.19 -8.74 -31.39
CA ASP A 1502 -20.02 -9.01 -30.56
C ASP A 1502 -19.39 -10.34 -30.93
N TYR A 1503 -20.23 -11.33 -31.25
CA TYR A 1503 -19.72 -12.62 -31.69
C TYR A 1503 -18.97 -12.50 -33.02
N ARG A 1504 -19.52 -11.69 -33.93
CA ARG A 1504 -18.86 -11.41 -35.20
C ARG A 1504 -17.47 -10.82 -34.97
N ASP A 1505 -17.40 -9.80 -34.11
CA ASP A 1505 -16.12 -9.19 -33.79
C ASP A 1505 -15.17 -10.18 -33.13
N TYR A 1506 -15.69 -11.03 -32.24
CA TYR A 1506 -14.87 -12.04 -31.60
C TYR A 1506 -14.26 -12.98 -32.61
N ILE A 1507 -15.07 -13.46 -33.55
CA ILE A 1507 -14.57 -14.37 -34.57
C ILE A 1507 -13.53 -13.71 -35.44
N ARG A 1508 -13.77 -12.45 -35.83
CA ARG A 1508 -12.77 -11.74 -36.64
C ARG A 1508 -11.46 -11.58 -35.88
N TRP A 1509 -11.54 -11.19 -34.60
CA TRP A 1509 -10.33 -11.01 -33.81
C TRP A 1509 -9.59 -12.34 -33.68
N LEU A 1510 -10.33 -13.42 -33.45
CA LEU A 1510 -9.70 -14.73 -33.31
C LEU A 1510 -9.01 -15.13 -34.60
N SER A 1511 -9.63 -14.84 -35.75
CA SER A 1511 -9.01 -15.14 -37.03
C SER A 1511 -7.78 -14.27 -37.28
N ARG A 1512 -7.71 -13.09 -36.69
CA ARG A 1512 -6.57 -12.20 -36.89
C ARG A 1512 -6.05 -11.66 -35.56
N GLY A 1513 -5.90 -12.54 -34.58
CA GLY A 1513 -5.41 -12.14 -33.28
C GLY A 1513 -3.91 -11.94 -33.22
N ASN A 1514 -3.17 -13.02 -33.45
CA ASN A 1514 -1.70 -12.99 -33.41
C ASN A 1514 -1.20 -12.46 -32.07
N ASN A 1515 -1.88 -12.83 -31.00
CA ASN A 1515 -1.52 -12.44 -29.63
C ASN A 1515 -1.49 -10.93 -29.47
N ALA A 1555 26.32 -18.84 -8.22
CA ALA A 1555 24.90 -18.81 -7.87
C ALA A 1555 24.27 -17.48 -8.24
N HIS A 1556 24.05 -17.27 -9.55
CA HIS A 1556 23.47 -16.04 -10.05
C HIS A 1556 22.34 -16.25 -11.03
N ARG A 1557 22.27 -17.39 -11.70
CA ARG A 1557 21.19 -17.69 -12.64
C ARG A 1557 20.51 -19.02 -12.36
N THR A 1558 20.71 -19.62 -11.19
CA THR A 1558 20.06 -20.86 -10.82
C THR A 1558 18.66 -20.62 -10.25
N ASN A 1559 18.21 -19.37 -10.17
CA ASN A 1559 16.92 -19.03 -9.61
C ASN A 1559 15.85 -18.78 -10.68
N LEU A 1560 16.26 -18.28 -11.85
CA LEU A 1560 15.30 -18.01 -12.92
C LEU A 1560 14.60 -19.28 -13.37
N ILE A 1561 15.36 -20.36 -13.55
CA ILE A 1561 14.77 -21.61 -14.02
C ILE A 1561 13.86 -22.22 -12.96
N MET A 1562 14.20 -22.07 -11.67
CA MET A 1562 13.43 -22.72 -10.62
C MET A 1562 12.30 -21.84 -10.09
N ALA A 1563 12.19 -20.60 -10.56
CA ALA A 1563 11.13 -19.73 -10.08
C ALA A 1563 9.75 -20.16 -10.53
N GLU A 1564 9.63 -20.84 -11.67
CA GLU A 1564 8.32 -21.18 -12.22
C GLU A 1564 8.27 -22.60 -12.79
N ILE A 1565 9.24 -23.45 -12.47
CA ILE A 1565 9.21 -24.83 -12.93
C ILE A 1565 8.92 -25.83 -11.82
N ILE A 1566 9.53 -25.70 -10.65
CA ILE A 1566 9.32 -26.65 -9.55
C ILE A 1566 7.86 -26.73 -9.13
N PRO A 1567 7.17 -25.60 -8.84
CA PRO A 1567 5.76 -25.70 -8.49
C PRO A 1567 4.87 -26.16 -9.62
N CYS A 1568 5.31 -26.08 -10.87
CA CYS A 1568 4.54 -26.60 -11.99
C CYS A 1568 4.85 -28.06 -12.25
N ALA A 1569 5.82 -28.63 -11.57
CA ALA A 1569 6.12 -30.06 -11.66
C ALA A 1569 5.58 -30.85 -10.48
N ILE A 1570 5.63 -30.28 -9.27
CA ILE A 1570 4.99 -30.92 -8.13
C ILE A 1570 3.48 -31.05 -8.34
N TYR A 1571 2.83 -30.00 -8.83
CA TYR A 1571 1.40 -30.05 -9.12
C TYR A 1571 1.05 -31.06 -10.20
N ALA A 1572 1.99 -31.39 -11.08
CA ALA A 1572 1.76 -32.41 -12.10
C ALA A 1572 1.96 -33.81 -11.58
N ALA A 1573 3.00 -34.03 -10.77
CA ALA A 1573 3.17 -35.31 -10.11
C ALA A 1573 2.01 -35.65 -9.18
N GLY A 1574 1.46 -34.65 -8.50
CA GLY A 1574 0.33 -34.90 -7.62
C GLY A 1574 -0.89 -35.42 -8.33
N CYS A 1575 -1.08 -35.03 -9.59
CA CYS A 1575 -2.19 -35.55 -10.39
C CYS A 1575 -1.84 -36.86 -11.08
N PHE A 1576 -0.58 -37.03 -11.49
CA PHE A 1576 -0.18 -38.31 -12.08
C PHE A 1576 -0.33 -39.45 -11.09
N ILE A 1577 0.08 -39.24 -9.83
CA ILE A 1577 -0.12 -40.27 -8.82
C ILE A 1577 -1.58 -40.60 -8.61
N ALA A 1578 -2.46 -39.60 -8.53
CA ALA A 1578 -3.88 -39.84 -8.38
C ALA A 1578 -4.49 -40.55 -9.56
N PHE A 1579 -3.97 -40.32 -10.77
CA PHE A 1579 -4.46 -41.02 -11.95
C PHE A 1579 -4.02 -42.47 -12.01
N THR A 1580 -2.80 -42.77 -11.60
CA THR A 1580 -2.34 -44.16 -11.60
C THR A 1580 -3.13 -45.04 -10.63
N PHE A 1581 -3.40 -44.55 -9.42
CA PHE A 1581 -4.06 -45.37 -8.42
C PHE A 1581 -5.49 -45.73 -8.77
N ILE A 1582 -6.24 -44.83 -9.42
CA ILE A 1582 -7.61 -45.15 -9.75
C ILE A 1582 -7.68 -46.23 -10.82
N ASN A 1583 -6.69 -46.30 -11.70
CA ASN A 1583 -6.62 -47.40 -12.65
C ASN A 1583 -6.10 -48.67 -11.99
N ALA A 1584 -5.23 -48.54 -10.99
CA ALA A 1584 -4.71 -49.71 -10.32
C ALA A 1584 -5.83 -50.40 -9.55
N GLN A 1585 -6.31 -51.51 -10.08
CA GLN A 1585 -7.47 -52.19 -9.51
C GLN A 1585 -7.13 -52.81 -8.17
N THR A 1586 -8.03 -52.63 -7.20
CA THR A 1586 -7.85 -53.13 -5.85
C THR A 1586 -9.03 -53.99 -5.44
N GLY A 1587 -8.76 -54.99 -4.61
CA GLY A 1587 -9.78 -55.92 -4.18
C GLY A 1587 -10.38 -56.72 -5.31
N VAL A 1588 -9.54 -57.18 -6.23
CA VAL A 1588 -10.01 -57.84 -7.45
C VAL A 1588 -9.68 -59.33 -7.47
N LYS A 1589 -8.73 -59.78 -6.66
CA LYS A 1589 -8.36 -61.19 -6.57
C LYS A 1589 -7.99 -61.79 -7.92
N THR A 1590 -6.90 -61.29 -8.51
CA THR A 1590 -6.39 -61.79 -9.77
C THR A 1590 -4.97 -62.33 -9.57
N THR A 1591 -4.33 -62.71 -10.67
CA THR A 1591 -2.98 -63.25 -10.66
C THR A 1591 -1.98 -62.15 -10.96
N ASP A 1592 -0.69 -62.47 -10.78
CA ASP A 1592 0.37 -61.49 -10.91
C ASP A 1592 0.44 -60.92 -12.32
N ASP A 1593 0.31 -61.78 -13.33
CA ASP A 1593 0.61 -61.40 -14.71
C ASP A 1593 -0.63 -60.78 -15.37
N ASP A 1594 -1.21 -59.79 -14.69
CA ASP A 1594 -2.27 -59.02 -15.33
C ASP A 1594 -1.85 -57.57 -15.51
N ARG A 1595 -1.58 -56.89 -14.41
CA ARG A 1595 -1.16 -55.48 -14.38
C ARG A 1595 -2.16 -54.63 -15.19
N VAL A 1596 -1.86 -53.36 -15.42
CA VAL A 1596 -2.73 -52.56 -16.29
C VAL A 1596 -1.91 -51.82 -17.34
N ASN A 1597 -0.67 -51.51 -17.01
CA ASN A 1597 0.21 -50.68 -17.83
C ASN A 1597 -0.56 -49.43 -18.28
N SER A 1598 -0.87 -48.58 -17.29
CA SER A 1598 -1.65 -47.37 -17.52
C SER A 1598 -0.78 -46.15 -17.77
N VAL A 1599 0.53 -46.25 -17.57
CA VAL A 1599 1.41 -45.12 -17.82
C VAL A 1599 1.44 -44.76 -19.30
N LEU A 1600 1.46 -45.77 -20.18
CA LEU A 1600 1.61 -45.52 -21.61
C LEU A 1600 0.48 -44.67 -22.17
N ARG A 1601 -0.71 -44.72 -21.55
CA ARG A 1601 -1.83 -43.92 -22.04
C ARG A 1601 -1.53 -42.44 -21.96
N ILE A 1602 -0.89 -42.02 -20.87
CA ILE A 1602 -0.54 -40.62 -20.70
C ILE A 1602 0.43 -40.18 -21.79
N ILE A 1603 1.44 -41.00 -22.07
CA ILE A 1603 2.41 -40.65 -23.11
C ILE A 1603 1.72 -40.56 -24.47
N ILE A 1604 0.83 -41.50 -24.79
CA ILE A 1604 0.10 -41.44 -26.05
C ILE A 1604 -0.78 -40.21 -26.16
N CYS A 1605 -1.48 -39.82 -25.09
CA CYS A 1605 -2.43 -38.71 -25.16
C CYS A 1605 -1.78 -37.37 -24.84
N THR A 1606 -0.48 -37.34 -24.56
CA THR A 1606 0.21 -36.10 -24.29
C THR A 1606 1.06 -35.57 -25.45
N LEU A 1607 1.98 -36.38 -25.98
CA LEU A 1607 2.93 -35.90 -26.98
C LEU A 1607 2.44 -36.03 -28.41
N ALA A 1608 1.45 -36.87 -28.68
CA ALA A 1608 1.01 -37.08 -30.06
C ALA A 1608 0.46 -35.82 -30.73
N PRO A 1609 -0.41 -35.01 -30.11
CA PRO A 1609 -0.88 -33.79 -30.78
C PRO A 1609 0.24 -32.84 -31.13
N ILE A 1610 1.28 -32.77 -30.29
CA ILE A 1610 2.45 -31.96 -30.63
C ILE A 1610 3.09 -32.47 -31.90
N ALA A 1611 3.22 -33.80 -32.02
CA ALA A 1611 3.80 -34.39 -33.23
C ALA A 1611 2.96 -34.05 -34.45
N VAL A 1612 1.63 -34.13 -34.31
CA VAL A 1612 0.76 -33.83 -35.45
C VAL A 1612 0.92 -32.38 -35.87
N ASN A 1613 0.97 -31.46 -34.90
CA ASN A 1613 1.13 -30.04 -35.23
C ASN A 1613 2.47 -29.81 -35.93
N LEU A 1614 3.54 -30.42 -35.42
CA LEU A 1614 4.86 -30.22 -36.02
C LEU A 1614 4.90 -30.77 -37.44
N GLY A 1615 4.34 -31.95 -37.65
CA GLY A 1615 4.33 -32.53 -38.99
C GLY A 1615 3.52 -31.69 -39.96
N VAL A 1616 2.37 -31.18 -39.52
CA VAL A 1616 1.56 -30.33 -40.38
C VAL A 1616 2.33 -29.06 -40.72
N LEU A 1617 3.04 -28.49 -39.75
CA LEU A 1617 3.81 -27.28 -39.99
C LEU A 1617 4.91 -27.53 -41.02
N PHE A 1618 5.62 -28.64 -40.89
CA PHE A 1618 6.67 -28.98 -41.85
C PHE A 1618 6.09 -29.19 -43.25
N PHE A 1619 4.99 -29.92 -43.32
CA PHE A 1619 4.35 -30.18 -44.61
C PHE A 1619 3.92 -28.87 -45.27
N CYS A 1620 3.37 -27.96 -44.48
CA CYS A 1620 2.85 -26.73 -45.06
C CYS A 1620 3.99 -25.78 -45.44
N MET A 1621 5.09 -25.80 -44.70
CA MET A 1621 6.28 -25.06 -45.11
C MET A 1621 6.81 -25.59 -46.44
N GLY A 1622 6.86 -26.92 -46.58
CA GLY A 1622 7.28 -27.50 -47.84
C GLY A 1622 6.35 -27.15 -48.99
N MET A 1623 5.04 -27.12 -48.72
CA MET A 1623 4.07 -26.77 -49.76
C MET A 1623 4.19 -25.30 -50.15
N SER A 1624 4.49 -24.43 -49.18
CA SER A 1624 4.79 -23.04 -49.51
C SER A 1624 6.02 -22.94 -50.38
N CYS A 1625 7.05 -23.74 -50.06
CA CYS A 1625 8.25 -23.77 -50.91
C CYS A 1625 7.90 -24.21 -52.33
N CYS A 1626 7.09 -25.25 -52.46
CA CYS A 1626 6.70 -25.77 -53.77
C CYS A 1626 5.29 -26.38 -53.71
N THR A 1638 -0.92 -15.18 -49.49
CA THR A 1638 -1.96 -16.20 -49.46
C THR A 1638 -1.74 -17.01 -48.17
N GLY A 1639 -1.16 -16.35 -47.17
CA GLY A 1639 -0.94 -17.00 -45.89
C GLY A 1639 -2.18 -17.12 -45.03
N SER A 1640 -3.26 -16.43 -45.39
CA SER A 1640 -4.50 -16.53 -44.63
C SER A 1640 -5.02 -17.97 -44.63
N VAL A 1641 -5.01 -18.61 -45.80
CA VAL A 1641 -5.43 -20.01 -45.86
C VAL A 1641 -4.44 -20.90 -45.10
N MET A 1642 -3.15 -20.56 -45.11
CA MET A 1642 -2.16 -21.27 -44.31
C MET A 1642 -2.57 -21.29 -42.84
N ALA A 1643 -2.79 -20.11 -42.27
CA ALA A 1643 -3.17 -20.02 -40.86
C ALA A 1643 -4.51 -20.71 -40.62
N GLY A 1644 -5.45 -20.55 -41.56
CA GLY A 1644 -6.76 -21.16 -41.37
C GLY A 1644 -6.69 -22.66 -41.26
N ILE A 1645 -5.99 -23.31 -42.19
CA ILE A 1645 -5.92 -24.77 -42.15
C ILE A 1645 -5.11 -25.23 -40.96
N ALA A 1646 -4.04 -24.51 -40.61
CA ALA A 1646 -3.25 -24.89 -39.44
C ALA A 1646 -4.10 -24.88 -38.18
N HIS A 1647 -4.84 -23.79 -37.96
CA HIS A 1647 -5.70 -23.71 -36.78
C HIS A 1647 -6.80 -24.76 -36.82
N GLY A 1648 -7.39 -25.00 -37.99
CA GLY A 1648 -8.46 -25.97 -38.08
C GLY A 1648 -8.01 -27.37 -37.74
N VAL A 1649 -6.81 -27.76 -38.17
CA VAL A 1649 -6.34 -29.08 -37.78
C VAL A 1649 -5.89 -29.10 -36.33
N ALA A 1650 -5.31 -28.01 -35.81
CA ALA A 1650 -4.85 -28.00 -34.44
C ALA A 1650 -6.00 -28.15 -33.45
N VAL A 1651 -7.13 -27.52 -33.71
CA VAL A 1651 -8.29 -27.70 -32.83
C VAL A 1651 -8.78 -29.14 -32.87
N ILE A 1652 -8.92 -29.70 -34.07
CA ILE A 1652 -9.52 -31.02 -34.23
C ILE A 1652 -8.64 -32.10 -33.61
N VAL A 1653 -7.32 -31.96 -33.68
CA VAL A 1653 -6.45 -32.96 -33.07
C VAL A 1653 -6.69 -33.05 -31.57
N HIS A 1654 -6.73 -31.91 -30.89
CA HIS A 1654 -6.97 -31.92 -29.45
C HIS A 1654 -8.36 -32.44 -29.12
N ILE A 1655 -9.37 -32.05 -29.89
CA ILE A 1655 -10.72 -32.57 -29.62
C ILE A 1655 -10.80 -34.08 -29.82
N ALA A 1656 -10.15 -34.62 -30.84
CA ALA A 1656 -10.19 -36.07 -31.06
C ALA A 1656 -9.38 -36.83 -30.02
N PHE A 1657 -8.26 -36.27 -29.56
CA PHE A 1657 -7.50 -36.98 -28.54
C PHE A 1657 -8.07 -36.79 -27.14
N PHE A 1658 -9.00 -35.86 -26.96
CA PHE A 1658 -9.90 -35.94 -25.83
C PHE A 1658 -10.79 -37.17 -25.88
N ILE A 1659 -11.34 -37.50 -27.05
CA ILE A 1659 -12.18 -38.68 -27.21
C ILE A 1659 -11.40 -39.98 -27.04
N VAL A 1660 -10.20 -40.05 -27.60
CA VAL A 1660 -9.46 -41.31 -27.54
C VAL A 1660 -9.11 -41.70 -26.10
N MET A 1661 -8.91 -40.74 -25.20
CA MET A 1661 -8.66 -41.07 -23.80
C MET A 1661 -9.90 -41.63 -23.13
N TRP A 1662 -11.08 -41.10 -23.45
CA TRP A 1662 -12.33 -41.69 -22.97
C TRP A 1662 -12.49 -43.12 -23.49
N VAL A 1663 -12.15 -43.33 -24.76
CA VAL A 1663 -12.22 -44.68 -25.34
C VAL A 1663 -11.26 -45.65 -24.66
N LEU A 1664 -10.03 -45.21 -24.37
CA LEU A 1664 -9.02 -46.09 -23.79
C LEU A 1664 -9.43 -46.63 -22.42
N GLU A 1665 -10.25 -45.90 -21.67
CA GLU A 1665 -10.64 -46.31 -20.33
C GLU A 1665 -11.96 -47.09 -20.33
N SER A 1666 -12.33 -47.66 -21.47
CA SER A 1666 -13.53 -48.49 -21.60
C SER A 1666 -14.79 -47.74 -21.20
N PHE A 1667 -14.87 -46.48 -21.65
CA PHE A 1667 -16.07 -45.65 -21.50
C PHE A 1667 -16.50 -45.54 -20.03
N ASN A 1668 -15.61 -44.92 -19.25
CA ASN A 1668 -15.88 -44.62 -17.85
C ASN A 1668 -15.56 -43.14 -17.61
N PHE A 1669 -16.56 -42.38 -17.18
CA PHE A 1669 -16.43 -40.93 -17.07
C PHE A 1669 -15.46 -40.53 -15.96
N VAL A 1670 -15.62 -41.13 -14.78
CA VAL A 1670 -14.88 -40.70 -13.60
C VAL A 1670 -13.40 -40.92 -13.79
N ARG A 1671 -13.01 -42.08 -14.30
CA ARG A 1671 -11.60 -42.39 -14.52
C ARG A 1671 -11.13 -41.91 -15.89
N MET A 1672 -11.86 -40.96 -16.47
CA MET A 1672 -11.41 -40.21 -17.63
C MET A 1672 -11.17 -38.74 -17.35
N LEU A 1673 -11.95 -38.13 -16.46
CA LEU A 1673 -11.68 -36.74 -16.08
C LEU A 1673 -10.27 -36.57 -15.53
N ILE A 1674 -9.85 -37.46 -14.64
CA ILE A 1674 -8.51 -37.37 -14.06
C ILE A 1674 -7.45 -37.72 -15.08
N GLY A 1675 -7.81 -38.35 -16.19
CA GLY A 1675 -6.84 -38.61 -17.23
C GLY A 1675 -6.66 -37.41 -18.13
N VAL A 1676 -7.73 -36.63 -18.29
CA VAL A 1676 -7.64 -35.39 -19.03
C VAL A 1676 -6.86 -34.32 -18.26
N VAL A 1677 -7.13 -34.20 -16.96
CA VAL A 1677 -6.46 -33.16 -16.18
C VAL A 1677 -4.94 -33.33 -16.15
N THR A 1678 -4.45 -34.54 -15.93
CA THR A 1678 -3.01 -34.77 -15.92
C THR A 1678 -2.37 -34.53 -17.28
N CYS A 1679 -3.08 -34.83 -18.37
CA CYS A 1679 -2.55 -34.53 -19.70
C CYS A 1679 -2.37 -33.04 -19.89
N ILE A 1680 -3.39 -32.25 -19.47
CA ILE A 1680 -3.25 -30.80 -19.56
C ILE A 1680 -2.07 -30.31 -18.74
N GLN A 1681 -1.93 -30.83 -17.51
CA GLN A 1681 -0.83 -30.39 -16.65
C GLN A 1681 0.53 -30.70 -17.26
N CYS A 1682 0.69 -31.92 -17.79
CA CYS A 1682 1.96 -32.31 -18.37
C CYS A 1682 2.30 -31.46 -19.59
N GLN A 1683 1.31 -31.20 -20.44
CA GLN A 1683 1.57 -30.34 -21.59
C GLN A 1683 1.99 -28.94 -21.16
N ARG A 1684 1.33 -28.39 -20.14
CA ARG A 1684 1.72 -27.07 -19.64
C ARG A 1684 3.16 -27.08 -19.13
N LEU A 1685 3.54 -28.12 -18.39
CA LEU A 1685 4.90 -28.22 -17.89
C LEU A 1685 5.91 -28.27 -19.03
N ILE A 1686 5.61 -29.08 -20.06
CA ILE A 1686 6.54 -29.21 -21.18
C ILE A 1686 6.73 -27.87 -21.89
N PHE A 1687 5.63 -27.18 -22.15
CA PHE A 1687 5.73 -25.89 -22.83
C PHE A 1687 6.54 -24.90 -22.01
N HIS A 1688 6.27 -24.82 -20.70
CA HIS A 1688 7.01 -23.87 -19.87
C HIS A 1688 8.50 -24.18 -19.86
N CYS A 1689 8.86 -25.45 -19.66
CA CYS A 1689 10.29 -25.77 -19.57
C CYS A 1689 10.98 -25.56 -20.92
N MET A 1690 10.31 -25.89 -22.02
CA MET A 1690 10.91 -25.70 -23.33
C MET A 1690 11.13 -24.22 -23.63
N THR A 1691 10.16 -23.37 -23.29
CA THR A 1691 10.34 -21.94 -23.48
C THR A 1691 11.50 -21.42 -22.64
N ALA A 1692 11.56 -21.83 -21.38
CA ALA A 1692 12.62 -21.35 -20.50
C ALA A 1692 13.98 -21.77 -21.02
N LEU A 1693 14.09 -23.01 -21.51
CA LEU A 1693 15.37 -23.47 -22.05
C LEU A 1693 15.74 -22.72 -23.32
N MET A 1694 14.79 -22.53 -24.24
CA MET A 1694 15.10 -21.87 -25.50
C MET A 1694 15.37 -20.39 -25.35
N LEU A 1695 15.01 -19.79 -24.21
CA LEU A 1695 15.44 -18.42 -23.94
C LEU A 1695 16.66 -18.32 -23.03
N THR A 1696 16.94 -19.35 -22.22
CA THR A 1696 18.15 -19.34 -21.42
C THR A 1696 19.37 -19.65 -22.27
N ARG A 1697 19.25 -20.59 -23.21
CA ARG A 1697 20.35 -20.93 -24.10
C ARG A 1697 20.14 -20.37 -25.49
N THR A 1724 20.49 -21.41 -34.81
CA THR A 1724 19.45 -21.88 -33.88
C THR A 1724 18.14 -21.14 -34.12
N GLN A 1725 18.20 -20.08 -34.94
CA GLN A 1725 17.01 -19.30 -35.25
C GLN A 1725 15.86 -20.14 -35.83
N PRO A 1726 16.09 -21.09 -36.75
CA PRO A 1726 14.98 -21.95 -37.17
C PRO A 1726 14.34 -22.71 -36.03
N SER A 1727 15.14 -23.15 -35.06
CA SER A 1727 14.56 -23.82 -33.89
C SER A 1727 13.66 -22.87 -33.12
N ARG A 1728 14.07 -21.61 -32.97
CA ARG A 1728 13.23 -20.63 -32.29
C ARG A 1728 11.92 -20.43 -33.02
N GLU A 1729 11.97 -20.25 -34.35
CA GLU A 1729 10.75 -20.00 -35.09
C GLU A 1729 9.89 -21.25 -35.24
N LEU A 1730 10.42 -22.42 -34.95
CA LEU A 1730 9.59 -23.62 -34.83
C LEU A 1730 8.93 -23.74 -33.46
N THR A 1731 9.71 -23.59 -32.39
CA THR A 1731 9.15 -23.74 -31.05
C THR A 1731 8.10 -22.68 -30.75
N ALA A 1732 8.37 -21.42 -31.09
CA ALA A 1732 7.41 -20.36 -30.81
C ALA A 1732 6.10 -20.62 -31.54
N LYS A 1733 6.18 -21.02 -32.82
CA LYS A 1733 4.98 -21.29 -33.59
C LYS A 1733 4.21 -22.46 -33.02
N VAL A 1734 4.91 -23.51 -32.59
CA VAL A 1734 4.24 -24.67 -32.01
C VAL A 1734 3.50 -24.28 -30.74
N ILE A 1735 4.16 -23.51 -29.87
CA ILE A 1735 3.56 -23.11 -28.60
C ILE A 1735 2.35 -22.24 -28.86
N GLU A 1736 2.44 -21.32 -29.81
CA GLU A 1736 1.29 -20.48 -30.14
C GLU A 1736 0.13 -21.27 -30.73
N LEU A 1737 0.42 -22.19 -31.65
CA LEU A 1737 -0.64 -22.99 -32.25
C LEU A 1737 -1.33 -23.90 -31.25
N SER A 1738 -0.59 -24.42 -30.26
CA SER A 1738 -1.24 -25.23 -29.24
C SER A 1738 -2.13 -24.41 -28.31
N GLU A 1739 -1.64 -23.27 -27.84
CA GLU A 1739 -2.43 -22.38 -26.98
C GLU A 1739 -3.63 -21.80 -27.69
N PHE A 1740 -3.59 -21.69 -29.02
CA PHE A 1740 -4.76 -21.22 -29.76
C PHE A 1740 -5.97 -22.14 -29.57
N ALA A 1741 -5.77 -23.45 -29.54
CA ALA A 1741 -6.89 -24.36 -29.35
C ALA A 1741 -7.57 -24.12 -28.01
N ALA A 1742 -6.77 -23.96 -26.95
CA ALA A 1742 -7.34 -23.64 -25.64
C ALA A 1742 -8.07 -22.31 -25.68
N ASP A 1743 -7.50 -21.30 -26.32
CA ASP A 1743 -8.16 -20.00 -26.42
C ASP A 1743 -9.45 -20.06 -27.22
N PHE A 1744 -9.55 -20.99 -28.17
CA PHE A 1744 -10.76 -21.14 -28.96
C PHE A 1744 -11.82 -21.98 -28.27
N VAL A 1745 -11.43 -22.88 -27.36
CA VAL A 1745 -12.41 -23.73 -26.70
C VAL A 1745 -12.92 -23.09 -25.42
N LEU A 1746 -12.00 -22.59 -24.58
CA LEU A 1746 -12.37 -22.17 -23.23
C LEU A 1746 -13.37 -21.02 -23.24
N GLY A 1747 -13.07 -19.94 -23.94
CA GLY A 1747 -13.98 -18.81 -23.98
C GLY A 1747 -15.26 -19.14 -24.71
N HIS A 1748 -15.14 -19.96 -25.75
CA HIS A 1748 -16.28 -20.30 -26.56
C HIS A 1748 -17.30 -21.09 -25.76
N VAL A 1749 -16.83 -21.91 -24.81
CA VAL A 1749 -17.73 -22.56 -23.87
C VAL A 1749 -18.43 -21.53 -23.01
N ILE A 1750 -17.68 -20.55 -22.50
CA ILE A 1750 -18.27 -19.51 -21.65
C ILE A 1750 -19.42 -18.83 -22.39
N LEU A 1751 -19.20 -18.54 -23.67
CA LEU A 1751 -20.19 -17.83 -24.46
C LEU A 1751 -21.37 -18.71 -24.87
N ILE A 1752 -21.29 -20.02 -24.64
CA ILE A 1752 -22.44 -20.90 -24.84
C ILE A 1752 -23.33 -20.98 -23.61
N CYS A 1753 -22.76 -20.87 -22.41
CA CYS A 1753 -23.54 -20.97 -21.17
C CYS A 1753 -24.55 -19.86 -21.01
N GLN A 1754 -24.47 -18.79 -21.79
CA GLN A 1754 -25.42 -17.69 -21.73
C GLN A 1754 -26.61 -17.89 -22.65
N LEU A 1755 -26.67 -19.04 -23.34
CA LEU A 1755 -27.79 -19.34 -24.23
C LEU A 1755 -29.14 -19.32 -23.52
N PRO A 1756 -29.31 -20.00 -22.39
CA PRO A 1756 -30.64 -20.00 -21.75
C PRO A 1756 -31.04 -18.67 -21.15
N LEU A 1757 -30.13 -17.71 -21.09
CA LEU A 1757 -30.40 -16.40 -20.49
C LEU A 1757 -30.70 -15.34 -21.54
N ILE A 1758 -30.85 -15.75 -22.80
CA ILE A 1758 -31.27 -14.85 -23.87
C ILE A 1758 -32.68 -15.13 -24.35
N ILE A 1759 -33.20 -16.36 -24.23
CA ILE A 1759 -34.54 -16.70 -24.70
C ILE A 1759 -35.63 -15.90 -23.99
N ILE A 1760 -35.31 -15.25 -22.89
CA ILE A 1760 -36.28 -14.44 -22.15
C ILE A 1760 -36.84 -13.37 -23.07
N PRO A 1761 -38.17 -13.25 -23.19
CA PRO A 1761 -38.74 -12.29 -24.15
C PRO A 1761 -38.33 -10.86 -23.91
N LYS A 1762 -38.08 -10.49 -22.65
CA LYS A 1762 -37.66 -9.14 -22.29
C LYS A 1762 -36.75 -9.24 -21.07
N ILE A 1763 -35.45 -9.15 -21.31
CA ILE A 1763 -34.44 -9.19 -20.26
C ILE A 1763 -33.67 -7.89 -20.16
N ASP A 1764 -33.49 -7.21 -21.31
CA ASP A 1764 -32.68 -6.01 -21.35
C ASP A 1764 -33.24 -4.93 -20.43
N LYS A 1765 -34.57 -4.85 -20.33
CA LYS A 1765 -35.18 -3.88 -19.42
C LYS A 1765 -34.77 -4.15 -17.98
N PHE A 1766 -34.88 -5.40 -17.54
CA PHE A 1766 -34.45 -5.77 -16.19
C PHE A 1766 -32.98 -5.41 -15.98
N HIS A 1767 -32.12 -5.81 -16.90
CA HIS A 1767 -30.69 -5.61 -16.71
C HIS A 1767 -30.33 -4.13 -16.67
N SER A 1768 -30.96 -3.34 -17.55
CA SER A 1768 -30.74 -1.90 -17.54
C SER A 1768 -31.21 -1.27 -16.24
N ILE A 1769 -32.36 -1.74 -15.72
CA ILE A 1769 -32.86 -1.23 -14.45
C ILE A 1769 -31.85 -1.49 -13.34
N MET A 1770 -31.33 -2.73 -13.29
CA MET A 1770 -30.38 -3.07 -12.23
C MET A 1770 -29.11 -2.24 -12.35
N LEU A 1771 -28.57 -2.12 -13.56
CA LEU A 1771 -27.33 -1.37 -13.71
C LEU A 1771 -27.54 0.12 -13.46
N PHE A 1772 -28.73 0.63 -13.77
CA PHE A 1772 -29.01 2.03 -13.51
C PHE A 1772 -29.16 2.31 -12.02
N TRP A 1773 -29.76 1.38 -11.27
CA TRP A 1773 -29.73 1.47 -9.82
C TRP A 1773 -28.29 1.43 -9.32
N LEU A 1774 -27.45 0.61 -9.96
CA LEU A 1774 -26.04 0.57 -9.59
C LEU A 1774 -25.40 1.95 -9.70
N LYS A 1775 -25.53 2.58 -10.86
CA LYS A 1775 -25.12 3.98 -11.02
C LYS A 1775 -25.62 4.48 -12.37
N PRO A 1776 -25.96 5.77 -12.47
CA PRO A 1776 -26.10 6.39 -13.79
C PRO A 1776 -24.79 7.04 -14.23
N SER A 1777 -24.54 6.98 -15.54
CA SER A 1777 -23.24 7.40 -16.07
C SER A 1777 -23.37 8.23 -17.35
N ARG A 1778 -24.28 9.22 -17.36
CA ARG A 1778 -24.47 10.09 -18.52
C ARG A 1778 -24.87 9.28 -19.75
N GLN A 1779 -26.06 8.69 -19.67
CA GLN A 1779 -26.53 7.73 -20.66
C GLN A 1779 -26.61 8.34 -22.06
N ILE A 1780 -26.73 7.46 -23.05
CA ILE A 1780 -26.80 7.85 -24.45
C ILE A 1780 -27.48 6.72 -25.23
N ARG A 1781 -28.14 7.08 -26.34
CA ARG A 1781 -28.83 6.10 -27.17
C ARG A 1781 -28.94 6.61 -28.60
N PRO A 1782 -28.27 5.97 -29.56
CA PRO A 1782 -28.22 6.51 -30.93
C PRO A 1782 -29.39 6.03 -31.77
N PRO A 1783 -30.26 6.95 -32.23
CA PRO A 1783 -31.34 6.59 -33.15
C PRO A 1783 -30.96 6.72 -34.63
N ILE A 1784 -29.81 6.17 -35.01
CA ILE A 1784 -29.31 6.25 -36.38
C ILE A 1784 -29.62 4.92 -37.06
N TYR A 1785 -30.80 4.82 -37.67
CA TYR A 1785 -31.27 3.56 -38.24
C TYR A 1785 -32.05 3.86 -39.52
N SER A 1786 -31.51 3.41 -40.66
CA SER A 1786 -32.16 3.55 -41.95
C SER A 1786 -32.20 2.21 -42.67
N LEU A 1787 -32.84 2.21 -43.84
CA LEU A 1787 -33.16 0.97 -44.53
C LEU A 1787 -31.91 0.19 -44.91
N LYS A 1788 -30.90 0.86 -45.47
CA LYS A 1788 -29.75 0.16 -46.00
C LYS A 1788 -29.01 -0.60 -44.90
N GLN A 1789 -28.64 0.10 -43.83
CA GLN A 1789 -27.86 -0.56 -42.79
C GLN A 1789 -28.72 -1.48 -41.94
N THR A 1790 -30.04 -1.24 -41.86
CA THR A 1790 -30.89 -2.23 -41.20
C THR A 1790 -30.92 -3.54 -41.98
N ARG A 1791 -31.02 -3.47 -43.31
CA ARG A 1791 -30.94 -4.68 -44.12
C ARG A 1791 -29.60 -5.38 -43.97
N LEU A 1792 -28.51 -4.63 -44.00
CA LEU A 1792 -27.20 -5.24 -43.79
C LEU A 1792 -27.08 -5.88 -42.40
N ARG A 1793 -27.60 -5.19 -41.38
CA ARG A 1793 -27.58 -5.71 -40.01
C ARG A 1793 -28.32 -7.05 -39.92
N LYS A 1794 -29.54 -7.11 -40.45
CA LYS A 1794 -30.30 -8.35 -40.40
C LYS A 1794 -29.60 -9.45 -41.19
N ARG A 1795 -29.05 -9.09 -42.36
CA ARG A 1795 -28.35 -10.07 -43.17
C ARG A 1795 -27.21 -10.71 -42.38
N MET A 1796 -26.34 -9.90 -41.80
CA MET A 1796 -25.18 -10.44 -41.08
C MET A 1796 -25.58 -11.18 -39.82
N VAL A 1797 -26.54 -10.65 -39.05
CA VAL A 1797 -26.99 -11.30 -37.83
C VAL A 1797 -27.61 -12.66 -38.11
N LYS A 1798 -28.49 -12.78 -39.10
CA LYS A 1798 -29.03 -14.06 -39.50
C LYS A 1798 -27.98 -14.99 -40.09
N LYS A 1799 -26.95 -14.45 -40.76
CA LYS A 1799 -25.94 -15.32 -41.36
C LYS A 1799 -25.00 -15.95 -40.34
N TYR A 1800 -24.70 -15.27 -39.23
CA TYR A 1800 -23.82 -15.84 -38.23
C TYR A 1800 -24.51 -16.71 -37.18
N CYS A 1801 -25.82 -16.56 -36.98
CA CYS A 1801 -26.55 -17.42 -36.06
C CYS A 1801 -26.48 -18.88 -36.44
N SER A 1802 -26.48 -19.20 -37.73
CA SER A 1802 -26.37 -20.58 -38.17
C SER A 1802 -25.05 -21.21 -37.77
N LEU A 1803 -23.94 -20.50 -37.91
CA LEU A 1803 -22.65 -21.01 -37.45
C LEU A 1803 -22.59 -21.13 -35.94
N TYR A 1804 -23.17 -20.15 -35.22
CA TYR A 1804 -23.19 -20.25 -33.76
C TYR A 1804 -24.00 -21.43 -33.26
N PHE A 1805 -25.08 -21.80 -33.94
CA PHE A 1805 -25.85 -22.98 -33.55
C PHE A 1805 -25.39 -24.24 -34.24
N LEU A 1806 -24.31 -24.20 -35.02
CA LEU A 1806 -23.69 -25.38 -35.59
C LEU A 1806 -22.48 -25.82 -34.77
N VAL A 1807 -21.68 -24.87 -34.29
CA VAL A 1807 -20.56 -25.23 -33.43
C VAL A 1807 -21.05 -25.84 -32.12
N LEU A 1808 -22.16 -25.32 -31.59
CA LEU A 1808 -22.76 -25.90 -30.40
C LEU A 1808 -23.20 -27.33 -30.64
N ALA A 1809 -23.80 -27.60 -31.81
CA ALA A 1809 -24.19 -28.96 -32.15
C ALA A 1809 -22.99 -29.88 -32.27
N ILE A 1810 -21.88 -29.41 -32.83
CA ILE A 1810 -20.68 -30.23 -32.89
C ILE A 1810 -20.18 -30.56 -31.49
N PHE A 1811 -20.09 -29.56 -30.61
CA PHE A 1811 -19.65 -29.85 -29.24
C PHE A 1811 -20.57 -30.83 -28.54
N ALA A 1812 -21.89 -30.66 -28.69
CA ALA A 1812 -22.82 -31.57 -28.04
C ALA A 1812 -22.74 -32.98 -28.60
N GLY A 1813 -22.52 -33.13 -29.91
CA GLY A 1813 -22.36 -34.44 -30.49
C GLY A 1813 -21.05 -35.11 -30.19
N CYS A 1814 -20.03 -34.33 -29.82
CA CYS A 1814 -18.79 -34.90 -29.32
C CYS A 1814 -18.95 -35.48 -27.92
N ILE A 1815 -19.92 -35.02 -27.14
CA ILE A 1815 -20.14 -35.54 -25.81
C ILE A 1815 -21.19 -36.64 -25.77
N ILE A 1816 -22.31 -36.48 -26.47
CA ILE A 1816 -23.37 -37.47 -26.39
C ILE A 1816 -23.02 -38.77 -27.10
N GLY A 1817 -22.03 -38.74 -28.00
CA GLY A 1817 -21.66 -39.91 -28.76
C GLY A 1817 -21.22 -41.08 -27.90
N PRO A 1818 -20.09 -40.94 -27.22
CA PRO A 1818 -19.59 -42.03 -26.38
C PRO A 1818 -20.53 -42.40 -25.24
N ALA A 1819 -21.42 -41.48 -24.89
CA ALA A 1819 -22.39 -41.75 -23.83
C ALA A 1819 -23.51 -42.68 -24.28
N VAL A 1820 -23.78 -42.76 -25.59
CA VAL A 1820 -24.74 -43.73 -26.10
C VAL A 1820 -24.06 -44.90 -26.79
N ALA A 1821 -22.77 -44.79 -27.10
CA ALA A 1821 -22.00 -45.90 -27.63
C ALA A 1821 -21.40 -46.76 -26.53
N SER A 1822 -21.72 -46.46 -25.28
CA SER A 1822 -21.21 -47.20 -24.12
C SER A 1822 -22.12 -48.36 -23.72
N ALA A 1823 -23.17 -48.62 -24.51
CA ALA A 1823 -24.12 -49.68 -24.20
C ALA A 1823 -24.01 -50.86 -25.14
N LYS A 1824 -23.80 -50.62 -26.43
CA LYS A 1824 -23.74 -51.70 -27.42
C LYS A 1824 -22.56 -52.63 -27.16
N ILE A 1825 -21.38 -52.07 -26.88
CA ILE A 1825 -20.20 -52.89 -26.65
C ILE A 1825 -20.34 -53.61 -25.32
N HIS A 1826 -20.10 -54.93 -25.34
CA HIS A 1826 -20.24 -55.75 -24.15
C HIS A 1826 -19.05 -56.69 -23.94
N LYS A 1827 -17.86 -56.31 -24.40
CA LYS A 1827 -16.68 -57.15 -24.24
C LYS A 1827 -15.45 -56.26 -24.14
N HIS A 1828 -14.31 -56.88 -23.89
CA HIS A 1828 -13.03 -56.18 -23.89
C HIS A 1828 -12.66 -55.80 -25.31
N ILE A 1829 -11.84 -54.76 -25.43
CA ILE A 1829 -11.47 -54.24 -26.75
C ILE A 1829 -9.99 -54.47 -26.99
N GLY A 1830 -9.66 -55.52 -27.73
CA GLY A 1830 -8.29 -55.78 -28.13
C GLY A 1830 -7.50 -56.57 -27.11
N ASP A 1831 -6.75 -57.57 -27.58
CA ASP A 1831 -5.93 -58.41 -26.70
C ASP A 1831 -4.52 -58.47 -27.29
N SER A 1832 -3.55 -57.94 -26.55
CA SER A 1832 -2.15 -57.95 -26.95
C SER A 1832 -1.32 -58.56 -25.82
N LEU A 1833 0.01 -58.47 -25.90
CA LEU A 1833 0.85 -59.10 -24.88
C LEU A 1833 2.22 -58.45 -24.85
N ASP A 1834 2.94 -58.70 -23.76
CA ASP A 1834 4.35 -58.34 -23.58
C ASP A 1834 4.61 -56.83 -23.67
N GLY A 1835 4.11 -56.07 -22.72
CA GLY A 1835 4.42 -54.66 -22.59
C GLY A 1835 3.31 -53.74 -23.04
N VAL A 1836 2.33 -54.27 -23.76
CA VAL A 1836 1.12 -53.52 -24.11
C VAL A 1836 -0.08 -54.38 -23.75
N VAL A 1837 0.14 -55.38 -22.89
CA VAL A 1837 -0.93 -56.30 -22.52
C VAL A 1837 -1.90 -55.57 -21.60
N HIS A 1838 -3.19 -55.87 -21.74
CA HIS A 1838 -4.26 -55.16 -21.04
C HIS A 1838 -4.13 -53.66 -21.23
N ASN A 1839 -3.81 -53.25 -22.46
CA ASN A 1839 -3.51 -51.85 -22.71
C ASN A 1839 -4.70 -50.94 -22.46
N LEU A 1840 -5.89 -51.32 -22.91
CA LEU A 1840 -6.97 -50.34 -22.83
C LEU A 1840 -7.49 -50.25 -21.41
N PHE A 1841 -8.19 -51.28 -20.93
CA PHE A 1841 -8.48 -51.40 -19.50
C PHE A 1841 -9.03 -52.80 -19.26
N GLN A 1842 -8.31 -53.59 -18.47
CA GLN A 1842 -8.63 -55.00 -18.33
C GLN A 1842 -10.05 -55.26 -17.81
N PRO A 1843 -10.46 -54.71 -16.68
CA PRO A 1843 -11.74 -55.12 -16.10
C PRO A 1843 -12.91 -54.62 -16.93
N ILE A 1844 -13.89 -55.48 -17.14
CA ILE A 1844 -15.14 -55.07 -17.77
C ILE A 1844 -16.30 -55.40 -16.84
N ASN A 1845 -16.18 -56.48 -16.07
CA ASN A 1845 -17.25 -56.86 -15.15
C ASN A 1845 -16.72 -57.42 -13.84
N THR A 1846 -15.56 -56.96 -13.39
CA THR A 1846 -14.99 -57.43 -12.14
C THR A 1846 -15.52 -56.60 -10.98
N THR A 1847 -15.55 -57.21 -9.80
CA THR A 1847 -16.02 -56.55 -8.59
C THR A 1847 -14.85 -56.25 -7.66
N ASN A 1848 -15.05 -55.29 -6.76
CA ASN A 1848 -14.00 -54.91 -5.81
C ASN A 1848 -14.50 -54.96 -4.37
N ASN A 1849 -15.52 -55.76 -4.12
CA ASN A 1849 -16.09 -55.90 -2.79
C ASN A 1849 -15.73 -57.25 -2.19
N ASP A 1850 -14.47 -57.41 -1.79
CA ASP A 1850 -14.01 -58.66 -1.21
C ASP A 1850 -14.06 -58.64 0.31
N THR A 1851 -15.26 -58.42 0.85
CA THR A 1851 -15.45 -58.39 2.29
C THR A 1851 -16.45 -59.46 2.72
N GLY A 1852 -16.55 -59.68 4.03
CA GLY A 1852 -17.46 -60.67 4.56
C GLY A 1852 -16.77 -61.71 5.41
N SER A 1853 -17.33 -62.93 5.45
CA SER A 1853 -16.82 -63.97 6.33
C SER A 1853 -15.47 -64.53 5.89
N GLN A 1854 -14.99 -64.17 4.71
CA GLN A 1854 -13.68 -64.64 4.25
C GLN A 1854 -12.60 -64.27 5.27
N MET A 1855 -11.86 -65.28 5.71
CA MET A 1855 -10.96 -65.16 6.86
C MET A 1855 -9.53 -64.81 6.46
N SER A 1856 -9.01 -65.45 5.41
CA SER A 1856 -7.62 -65.24 5.00
C SER A 1856 -7.49 -65.51 3.51
N THR A 1857 -7.28 -64.45 2.74
CA THR A 1857 -6.96 -64.52 1.32
C THR A 1857 -5.93 -63.44 1.00
N TYR A 1858 -5.17 -63.65 -0.06
CA TYR A 1858 -4.01 -62.82 -0.36
C TYR A 1858 -4.20 -61.92 -1.57
N GLN A 1859 -4.63 -62.47 -2.70
CA GLN A 1859 -5.02 -61.73 -3.90
C GLN A 1859 -3.95 -60.72 -4.32
N SER A 1860 -2.70 -61.19 -4.31
CA SER A 1860 -1.57 -60.36 -4.71
C SER A 1860 -1.65 -59.96 -6.17
C1 NAG B . -20.14 -55.09 0.25
C2 NAG B . -21.54 -54.68 -0.21
C3 NAG B . -22.61 -55.34 0.67
C4 NAG B . -22.36 -56.83 0.80
C5 NAG B . -20.92 -57.11 1.20
C6 NAG B . -20.65 -58.62 1.26
C7 NAG B . -21.23 -52.48 -1.15
C8 NAG B . -20.37 -51.31 -0.74
N2 NAG B . -21.68 -53.24 -0.16
O3 NAG B . -23.89 -55.11 0.10
O4 NAG B . -23.25 -57.39 1.78
O5 NAG B . -20.03 -56.52 0.25
O6 NAG B . -21.01 -59.11 2.55
O7 NAG B . -21.51 -52.70 -2.33
C1 NAG B . -23.17 -56.61 2.99
C2 NAG B . -24.58 -56.30 3.48
C3 NAG B . -24.54 -55.49 4.78
C4 NAG B . -23.61 -56.14 5.79
C5 NAG B . -22.26 -56.46 5.15
C6 NAG B . -21.34 -57.16 6.15
C7 NAG B . -26.47 -54.96 2.73
C8 NAG B . -26.85 -53.84 1.80
N2 NAG B . -25.31 -55.56 2.46
O3 NAG B . -25.87 -55.42 5.33
O4 NAG B . -23.42 -55.24 6.90
O5 NAG B . -22.46 -57.29 4.02
O6 NAG B . -22.13 -57.97 7.02
O7 NAG B . -27.17 -55.28 3.68
C2 BGC C . -11.09 -15.72 -1.76
C3 BGC C . -11.20 -16.07 -3.25
C4 BGC C . -11.79 -17.45 -3.44
C5 BGC C . -13.09 -17.59 -2.67
C6 BGC C . -13.67 -18.98 -2.73
C1 BGC C . -12.40 -15.97 -1.06
O1 BGC C . -12.25 -15.74 0.31
O2 BGC C . -10.71 -14.36 -1.62
O3 BGC C . -9.87 -16.07 -3.80
O4 BGC C . -12.03 -17.69 -4.82
O5 BGC C . -12.85 -17.31 -1.29
O6 BGC C . -14.05 -19.32 -4.07
C2 BGC C . -8.68 -14.04 -4.06
C3 BGC C . -8.23 -12.99 -5.07
C4 BGC C . -7.65 -13.64 -6.30
C5 BGC C . -8.65 -14.63 -6.88
C6 BGC C . -8.10 -15.39 -8.07
C1 BGC C . -9.59 -15.05 -4.72
O2 BGC C . -9.35 -13.41 -2.98
O3 BGC C . -7.19 -12.20 -4.47
O4 BGC C . -7.35 -12.66 -7.29
O5 BGC C . -8.97 -15.61 -5.88
O6 BGC C . -6.95 -14.74 -8.61
C2 BGC C . -6.99 -9.84 -4.23
C3 BGC C . -6.51 -8.56 -4.90
C4 BGC C . -5.14 -8.75 -5.51
C5 BGC C . -5.13 -9.96 -6.43
C6 BGC C . -3.76 -10.26 -7.00
C1 BGC C . -6.86 -11.02 -5.17
O2 BGC C . -8.35 -9.69 -3.82
O3 BGC C . -6.43 -7.54 -3.88
O4 BGC C . -4.78 -7.59 -6.27
O5 BGC C . -5.53 -11.12 -5.67
O6 BGC C . -2.92 -10.91 -6.03
C2 BGC C . -6.38 -5.27 -3.20
C3 BGC C . -5.98 -3.87 -3.62
C4 BGC C . -4.55 -3.86 -4.14
C5 BGC C . -4.37 -4.89 -5.24
C6 BGC C . -2.94 -5.01 -5.72
C1 BGC C . -6.12 -6.25 -4.34
O2 BGC C . -7.76 -5.33 -2.83
O3 BGC C . -6.11 -2.98 -2.52
O4 BGC C . -4.24 -2.57 -4.66
O5 BGC C . -4.75 -6.19 -4.73
O6 BGC C . -2.73 -6.23 -6.42
C1 DD9 D . -2.94 -28.36 26.66
C2 DD9 D . -3.34 -26.91 26.63
C3 DD9 D . -2.21 -25.99 26.26
C4 DD9 D . -2.56 -24.52 26.35
C5 DD9 D . -1.39 -23.60 26.13
C6 DD9 D . -1.71 -22.14 26.34
C7 DD9 D . -0.54 -21.22 26.16
C8 DD9 D . -0.86 -19.78 26.43
C9 DD9 D . 0.31 -18.83 26.26
C1 DD9 E . 2.42 -29.30 24.08
C2 DD9 E . 2.75 -27.85 23.85
C3 DD9 E . 3.22 -27.15 25.10
C4 DD9 E . 3.61 -25.71 24.93
C5 DD9 E . 4.64 -25.49 23.85
C6 DD9 E . 5.42 -24.19 23.99
C7 DD9 E . 4.59 -22.94 23.93
C8 DD9 E . 5.42 -21.70 24.03
C9 DD9 E . 4.64 -20.41 23.99
C1 DD9 F . 18.99 -23.00 2.15
C2 DD9 F . 20.18 -22.08 2.27
C3 DD9 F . 20.21 -20.99 1.23
C4 DD9 F . 21.43 -20.11 1.27
C5 DD9 F . 21.51 -19.11 0.15
C6 DD9 F . 22.79 -18.34 0.10
C7 DD9 F . 22.92 -17.43 -1.10
C8 DD9 F . 24.25 -16.75 -1.24
C9 DD9 F . 24.36 -15.92 -2.50
C1 DD9 G . 11.48 -21.38 1.52
C2 DD9 G . 11.57 -20.27 0.50
C3 DD9 G . 11.81 -20.77 -0.90
C4 DD9 G . 10.75 -21.70 -1.42
C5 DD9 G . 11.06 -22.31 -2.76
C6 DD9 G . 11.23 -21.31 -3.87
C7 DD9 G . 9.96 -20.55 -4.23
C8 DD9 G . 10.12 -19.63 -5.41
C9 DD9 G . 8.84 -18.95 -5.82
C1 DD9 H . -18.91 -23.95 16.12
C2 DD9 H . -17.87 -22.87 16.18
C3 DD9 H . -16.65 -23.15 15.35
C4 DD9 H . -15.62 -22.04 15.33
C5 DD9 H . -14.45 -22.30 14.42
C6 DD9 H . -13.50 -21.13 14.30
C7 DD9 H . -12.39 -21.35 13.31
C8 DD9 H . -11.47 -20.18 13.14
C9 DD9 H . -10.37 -20.42 12.14
C1 DD9 I . 21.70 -40.09 38.18
C2 DD9 I . 22.35 -38.74 38.04
C3 DD9 I . 21.97 -38.02 36.77
C4 DD9 I . 22.59 -36.66 36.58
C5 DD9 I . 22.21 -35.99 35.28
C6 DD9 I . 22.84 -34.64 35.07
C7 DD9 I . 22.50 -34.01 33.74
C8 DD9 I . 23.10 -32.65 33.50
C9 DD9 I . 22.75 -32.07 32.16
C1 DD9 J . 10.14 -38.73 36.64
C2 DD9 J . 9.66 -37.30 36.45
C3 DD9 J . 10.76 -36.28 36.51
C4 DD9 J . 10.30 -34.85 36.33
C5 DD9 J . 11.42 -33.84 36.39
C6 DD9 J . 10.96 -32.41 36.20
C7 DD9 J . 12.08 -31.39 36.23
C8 DD9 J . 11.63 -29.97 36.02
C9 DD9 J . 12.77 -28.98 36.05
C1 D10 K . 7.79 -15.00 -3.27
C2 D10 K . 7.90 -15.85 -2.02
C3 D10 K . 6.83 -15.45 -1.01
C4 D10 K . 6.79 -16.42 0.16
C5 D10 K . 8.10 -16.39 0.94
C6 D10 K . 8.06 -17.43 2.06
C7 D10 K . 9.30 -17.37 2.94
C8 D10 K . 9.29 -18.53 3.92
C9 D10 K . 7.94 -18.63 4.62
C10 D10 K . 7.61 -20.05 5.01
C1 D10 L . -13.14 -26.08 25.62
C2 D10 L . -12.97 -24.77 26.34
C3 D10 L . -13.05 -23.59 25.38
C4 D10 L . -12.01 -23.72 24.27
C5 D10 L . -11.93 -22.43 23.45
C6 D10 L . -11.37 -21.31 24.30
C7 D10 L . -11.33 -20.01 23.53
C8 D10 L . -10.66 -18.92 24.34
C9 D10 L . -10.82 -17.56 23.67
C10 D10 L . -10.24 -16.46 24.54
C1 D10 M . -7.64 -26.27 30.83
C2 D10 M . -7.17 -24.90 30.40
C3 D10 M . -8.12 -24.28 29.37
C4 D10 M . -7.68 -22.88 29.00
C5 D10 M . -7.56 -22.00 30.24
C6 D10 M . -7.45 -20.52 29.86
C7 D10 M . -6.25 -20.28 28.95
C8 D10 M . -6.03 -18.79 28.76
C9 D10 M . -7.32 -18.11 28.32
C10 D10 M . -7.14 -16.61 28.25
C1 D10 N . -24.28 -35.78 -9.18
C2 D10 N . -24.48 -34.52 -8.39
C3 D10 N . -24.39 -33.30 -9.30
C4 D10 N . -24.64 -32.01 -8.51
C5 D10 N . -24.65 -30.80 -9.43
C6 D10 N . -23.37 -30.71 -10.23
C7 D10 N . -23.39 -29.52 -11.17
C8 D10 N . -23.73 -28.24 -10.42
C9 D10 N . -23.69 -27.04 -11.38
C10 D10 N . -24.03 -25.76 -10.65
C1 D10 O . -28.53 -25.86 -6.37
C2 D10 O . -28.25 -27.18 -7.06
C3 D10 O . -28.50 -28.37 -6.14
C4 D10 O . -28.13 -29.68 -6.82
C5 D10 O . -28.33 -30.86 -5.88
C6 D10 O . -27.84 -32.16 -6.50
C7 D10 O . -28.12 -33.33 -5.58
C8 D10 O . -27.53 -34.63 -6.12
C9 D10 O . -27.81 -35.79 -5.17
C10 D10 O . -27.22 -37.08 -5.69
C1 D10 P . 26.07 -42.30 34.27
C2 D10 P . 25.62 -40.92 33.84
C3 D10 P . 25.97 -40.67 32.38
C4 D10 P . 25.55 -39.27 31.95
C5 D10 P . 26.00 -38.99 30.52
C6 D10 P . 25.71 -37.56 30.10
C7 D10 P . 26.14 -37.32 28.67
C8 D10 P . 25.81 -35.90 28.22
C9 D10 P . 26.16 -35.71 26.75
C10 D10 P . 26.07 -34.24 26.38
C01 C14 Q . 6.08 -28.01 4.71
C02 C14 Q . 5.17 -27.15 3.86
C03 C14 Q . 5.56 -27.13 2.40
C04 C14 Q . 4.60 -26.36 1.54
C05 C14 Q . 4.93 -26.42 0.06
C06 C14 Q . 3.90 -25.77 -0.82
C07 C14 Q . 4.17 -25.98 -2.29
C08 C14 Q . 3.03 -25.57 -3.19
C09 C14 Q . 3.22 -25.99 -4.62
C10 C14 Q . 2.02 -25.75 -5.51
C11 C14 Q . 1.60 -24.32 -5.60
C12 C14 Q . 0.58 -24.04 -6.67
C13 C14 Q . 1.06 -24.39 -8.05
C14 C14 Q . 0.07 -24.08 -9.14
C20 HP6 R . 7.01 -39.58 -10.67
C21 HP6 R . 7.29 -40.68 -9.67
C22 HP6 R . 7.96 -41.87 -10.33
C23 HP6 R . 8.33 -42.92 -9.30
C24 HP6 R . 9.10 -44.07 -9.95
C25 HP6 R . 9.45 -45.14 -8.92
C26 HP6 R . 10.22 -46.28 -9.56
C20 HP6 S . 7.59 -35.77 13.73
C21 HP6 S . 9.10 -35.91 13.74
C22 HP6 S . 9.52 -37.33 14.12
C23 HP6 S . 10.99 -37.35 14.50
C24 HP6 S . 11.44 -38.73 14.95
C25 HP6 S . 11.55 -39.67 13.76
C26 HP6 S . 12.25 -40.95 14.16
C20 HP6 T . 5.53 -20.27 1.74
C21 HP6 T . 6.31 -20.84 0.58
C22 HP6 T . 5.73 -20.37 -0.74
C23 HP6 T . 6.48 -20.98 -1.92
C24 HP6 T . 5.75 -20.79 -3.24
C25 HP6 T . 5.72 -19.31 -3.64
C26 HP6 T . 5.10 -19.15 -5.01
C20 HP6 U . 5.33 -40.78 8.28
C21 HP6 U . 6.40 -39.94 7.61
C22 HP6 U . 6.04 -38.46 7.66
C23 HP6 U . 4.74 -38.17 6.90
C24 HP6 U . 4.32 -36.72 7.08
C25 HP6 U . 5.36 -35.77 6.52
C26 HP6 U . 4.85 -34.34 6.50
C20 HP6 V . -18.86 -24.55 22.71
C21 HP6 V . -18.44 -23.14 23.07
C22 HP6 V . -17.92 -22.40 21.85
C23 HP6 V . -17.44 -21.01 22.24
C24 HP6 V . -16.87 -20.26 21.04
C25 HP6 V . -16.41 -18.87 21.45
C26 HP6 V . -15.84 -18.12 20.27
C20 HP6 W . 20.13 -42.59 14.83
C21 HP6 W . 20.05 -41.11 15.14
C22 HP6 W . 18.84 -40.49 14.47
C23 HP6 W . 18.76 -38.99 14.75
C24 HP6 W . 17.57 -38.35 14.04
C25 HP6 W . 17.50 -36.86 14.32
C26 HP6 W . 18.79 -36.18 13.89
C20 HP6 X . 7.33 -40.17 -17.23
C21 HP6 X . 7.92 -41.21 -16.32
C22 HP6 X . 8.58 -42.34 -17.12
C23 HP6 X . 9.19 -43.37 -16.19
C24 HP6 X . 9.82 -44.52 -16.96
C25 HP6 X . 10.36 -45.57 -15.99
C26 HP6 X . 11.03 -46.70 -16.75
C1 D12 Y . 9.48 -45.78 -0.97
C2 D12 Y . 8.56 -45.39 -2.10
C3 D12 Y . 8.57 -43.92 -2.42
C4 D12 Y . 7.75 -43.58 -3.64
C5 D12 Y . 7.92 -42.18 -4.15
C6 D12 Y . 7.23 -41.12 -3.33
C7 D12 Y . 7.27 -39.75 -3.96
C8 D12 Y . 6.34 -38.74 -3.33
C9 D12 Y . 6.19 -37.47 -4.13
C10 D12 Y . 5.02 -36.62 -3.70
C11 D12 Y . 4.72 -35.47 -4.63
C12 D12 Y . 3.43 -34.74 -4.26
C1 D12 Z . 3.78 -31.37 -0.67
C2 D12 Z . 4.47 -32.28 0.29
C3 D12 Z . 4.20 -33.75 0.06
C4 D12 Z . 4.91 -34.68 1.01
C5 D12 Z . 4.65 -36.14 0.77
C6 D12 Z . 5.42 -37.06 1.68
C7 D12 Z . 5.23 -38.52 1.41
C8 D12 Z . 6.08 -39.41 2.27
C9 D12 Z . 5.92 -40.88 2.00
C10 D12 Z . 6.76 -41.77 2.89
C11 D12 Z . 6.59 -43.24 2.66
C12 D12 Z . 7.44 -44.08 3.59
C1 D12 AA . 6.65 -5.91 31.85
C2 D12 AA . 7.14 -6.72 30.67
C3 D12 AA . 6.14 -6.80 29.55
C4 D12 AA . 6.61 -7.57 28.35
C5 D12 AA . 5.63 -7.60 27.20
C6 D12 AA . 6.05 -8.45 26.02
C7 D12 AA . 4.98 -8.60 24.97
C8 D12 AA . 5.29 -9.65 23.94
C9 D12 AA . 4.15 -9.96 23.00
C10 D12 AA . 4.44 -11.07 22.03
C11 D12 AA . 4.75 -12.39 22.67
C12 D12 AA . 5.07 -13.49 21.68
C11 XKP BA . -2.39 -25.36 -23.06
C14 XKP BA . -4.56 -27.20 -23.82
C15 XKP BA . -5.64 -27.94 -24.58
C20 XKP BA . -12.79 -26.82 -20.87
C21 XKP BA . -13.50 -27.92 -21.62
C5 XKP BA . -6.15 -24.26 -20.46
N XKP BA . -0.26 -17.74 -20.35
C3 XKP BA . -8.37 -24.85 -19.44
C4 XKP BA . -6.89 -25.06 -19.43
C2 XKP BA . -9.09 -25.71 -20.47
C1 XKP BA . -10.59 -25.72 -20.30
C XKP BA . -11.30 -26.75 -21.13
C6 XKP BA . -4.00 -23.61 -21.16
C7 XKP BA . -2.57 -24.08 -21.00
C19 XKP BA . -9.45 -28.48 -24.04
C18 XKP BA . -8.08 -28.67 -24.60
C17 XKP BA . -10.43 -29.52 -24.48
C9 XKP BA . 0.40 -19.19 -18.45
C8 XKP BA . -1.53 -23.03 -21.34
C16 XKP BA . -7.02 -27.77 -24.00
O1 XKP BA . -4.85 -24.50 -20.42
C10 XKP BA . -0.16 -17.86 -18.90
C12 XKP BA . -2.10 -26.74 -23.58
O XKP BA . -6.65 -23.48 -21.23
C13 XKP BA . -3.19 -27.28 -24.46
C22 XKP BA . -10.36 -30.79 -24.19
O2 XKP BA . -1.47 -22.08 -20.25
O3 XKP BA . 0.95 -21.42 -20.58
O4 XKP BA . -1.01 -19.82 -21.25
O5 XKP BA . -0.47 -20.28 -18.83
O6 XKP BA . -2.34 -25.34 -21.71
O7 XKP BA . -2.64 -24.42 -23.76
P XKP BA . -0.44 -20.86 -20.32
#